data_6SUP
#
_entry.id   6SUP
#
_cell.length_a   96.350
_cell.length_b   156.550
_cell.length_c   179.460
_cell.angle_alpha   90.00
_cell.angle_beta   90.00
_cell.angle_gamma   90.00
#
_symmetry.space_group_name_H-M   'P 21 21 21'
#
loop_
_entity.id
_entity.type
_entity.pdbx_description
1 polymer 'TcdB2,TccC3,Cell division control protein 42 homolog'
2 non-polymer 'MAGNESIUM ION'
3 water water
#
_entity_poly.entity_id   1
_entity_poly.type   'polypeptide(L)'
_entity_poly.pdbx_seq_one_letter_code
;GPDGMAALSLPLPISAGRGYAPAFTLNYNSGAGNSPFGLGWDCNVMTIRRRTHFGVPHYDETDTFLGPEGEVLVVADQPR
DESTLQGINLGATFTVTGYRSRLESHFSRLEYWQPKTTGKTDFWLIYSPDGQVHLLGKSPQARISNPSQTTQTAQWLLEA
SVSSRGEQIYYQYRAEDDTGCEADEITHHLQATAQRYLHIVYYGNRTASETLPGLDGSAPSQADWLFYLVFDYGERSNNL
KTPPAFSTTGSWLCRQDRFSRYEYGFEIRTRRLCRQVLMYHHLQALDSKITEHNGPTLVSRLILNYDESAIASTLVFVRR
VGHEQDGNVVTLPPLELAYQDFSPRHHAHWQPMDVLANFNAIQRWQLVDLKGEGLPGLLYQDKGAWWYRSAQRLGEIGSD
AVTWEKMQPLSVIPSLQSNASLVDINGDGQLDWVITGPGLRGYHSQRPDGSWTRFTPLNALPVEYTHPRAQLADLMGAGL
SDLVLIGPKSVRLYANTRDGFAKGKDVVQSGDITLPVPGADPRKLVAFSDVLGSGQAHLVEVSATKVTCWPNLGRGRFGQ
PITLPGFSQPATEFNPAQVYLADLDGSGPTDLIYVHTNRLDIFLNKSGNGFAEPVTLRFPEGLRFDHTCQLQMADVQGLG
VASLILSVPHMSPHHWRCDLTNMKPWLLNEMNNNMGVHHTLRYRSSSQFWLDEKAAALTTGQTPVCYLPFPIHTLWQTET
EDEISGNKLVTTLRYARGAWDGREREFRGFGYVEQTDSHQLAQGNAPERTPPALTKNWYATGLPVIDNALSTEYWRDDQA
FAGFSPRFTTWQDNKDVPLTPEDDNSRYWFNRALKGQLLRSELYGLDDSTNKHVPYTVTEFRSQVRRLQHTDSRYPVLWS
SVVESRNYHYERIASDPQCSQNITLSSDRFGQPLKQLSVQYPRRQQPAINLYPDTLPDKLLANSYDDQQRQLRLTYQQSS
WHHLTNNTVRVLGLPDSTRSDIFTYVAENVPAGGLNLELLSDKNSLIADDKPREYLGQQKTAYTDGQNTTPLQTPTRQAL
IAFTETTVFNQSTLSAFNGSIPSDKLSTTLEQAGYQQTNYLFPRTGEDKVWVAHHGYTDYGTAAQFWRPQKQSNTQLTGK
ITLIWDANYCVVVQTRDAAGLTTSAKYDWRFLTPVQLTDINDNQHLITLDALGRPITLRFWGTENGKMTGYSSPEKASFS
PPSDVNAAIELKKPLPVAQCQVYAPESWMPVLSQKTFNRLAEQDWQKLYNARIITEDGRICTLAYRRWVQSQKAIPQLIS
LLNNGPRLPPHSLTLTTDRYDHDPEQQIRQQVVFSDGFGRLLQAAARHEAGMARQRNEDGSLIINVQHTENRWAVTGRTE
YDNKGQPIRTYQPYFLNDWRYVSNDSARQEKEAYADTHVYDPIGREIKVITAKGWFRRTLFTPWFTVNEDENDTAAEVKK
IDPKLYQKTPTVSVYDNRGLIIRNIDFHRTTANGDPDTRITRHQYDIHGHLNQSIDPRLYEAKQTNNTIKPNFLWQYDLT
GNPLCTESIDAGRTVTLNDIEGRPLLTVTATGVIQTRQYETSSLPGRLLSVAEQTPEEKTSRITERLIWAGNTEAEKDHN
LAGQCVRHYDTAGVTRLESLSLTGTVLSQSSQLLIDTQEANWTGDNETVWQNMLADDIYTTLSTFDATGALLTQTDAKGN
IQRLAYDVAGQLNGSWLTLKGQTEQVIIKSLTYSAAGQKLREEHGNDVITEYSYEPETQRLIGIKTRRPSDTKVLQDLRY
EYDPVGNVISIRNDAEATRFWHNQKVMPENTYTYDSLYQLISATGREMANIGQQSHQFPSPALPSDNNTYTNYTRTYTYD
RGGNLTKIQHSSPATQNNYTTNITVSNRSNRAVLSTLTEDPAQVDALFDAGGHQNTLISGQNLNWNTRGELQQVTLVKRD
KGANDDREWYRYSGDGRRMLKINEQQASNNAQTQRVTYLPNLELRLTQNSTATTEDLQVITVGEAGRAQVRVLHWESGKP
EDIDNNQLRYSYDNLIGSSQLELDSEGQIISEEEYYPYGGTALWAARNQTEASYKTIRYSGKERDATGLYYYGYRYYQPW
IGRWLSSDPAGTIDGLNLYRMVRNNPVTLLDPDGLNVFDEAILAALEP
;
_entity_poly.pdbx_strand_id   A
#
loop_
_chem_comp.id
_chem_comp.type
_chem_comp.name
_chem_comp.formula
MG non-polymer 'MAGNESIUM ION' 'Mg 2'
#
# COMPACT_ATOMS: atom_id res chain seq x y z
N GLY A 1 -15.49 13.79 -0.52
CA GLY A 1 -16.81 13.36 -0.06
C GLY A 1 -17.89 14.38 -0.36
N PRO A 2 -19.07 14.21 0.27
CA PRO A 2 -20.19 15.11 0.02
C PRO A 2 -19.98 16.53 0.53
N ASP A 3 -18.82 16.82 1.13
CA ASP A 3 -18.49 18.18 1.53
C ASP A 3 -18.10 19.05 0.34
N GLY A 4 -17.43 18.46 -0.66
CA GLY A 4 -17.07 19.18 -1.87
C GLY A 4 -15.82 20.04 -1.80
N MET A 5 -15.16 20.11 -0.66
CA MET A 5 -14.06 21.05 -0.49
C MET A 5 -12.71 20.35 -0.62
N ALA A 6 -11.70 21.10 -1.03
CA ALA A 6 -10.35 20.57 -1.13
C ALA A 6 -9.74 20.46 0.27
N ALA A 7 -9.09 19.33 0.52
CA ALA A 7 -8.52 19.04 1.83
C ALA A 7 -7.27 18.19 1.67
N LEU A 8 -6.25 18.50 2.45
CA LEU A 8 -5.04 17.69 2.48
C LEU A 8 -4.36 17.87 3.83
N SER A 9 -3.43 16.96 4.12
CA SER A 9 -2.75 16.92 5.41
C SER A 9 -1.26 16.78 5.20
N LEU A 10 -0.50 17.52 6.01
CA LEU A 10 0.96 17.42 5.99
C LEU A 10 1.45 16.79 7.28
N PRO A 11 2.36 15.84 7.21
CA PRO A 11 2.86 15.22 8.44
C PRO A 11 3.81 16.15 9.18
N LEU A 12 3.77 16.07 10.51
CA LEU A 12 4.72 16.82 11.32
C LEU A 12 5.78 15.87 11.87
N PRO A 13 7.01 16.35 12.09
CA PRO A 13 8.11 15.47 12.53
C PRO A 13 8.05 15.18 14.02
N ILE A 14 7.09 14.35 14.41
CA ILE A 14 6.84 14.04 15.80
C ILE A 14 7.42 12.67 16.10
N SER A 15 8.35 12.60 17.05
CA SER A 15 8.93 11.31 17.37
C SER A 15 7.90 10.45 18.07
N ALA A 16 7.82 9.17 17.69
CA ALA A 16 6.97 8.26 18.45
C ALA A 16 7.48 8.11 19.87
N GLY A 17 8.80 8.24 20.06
CA GLY A 17 9.39 8.11 21.38
C GLY A 17 9.08 6.76 21.97
N ARG A 18 8.56 6.77 23.21
CA ARG A 18 8.21 5.51 23.88
C ARG A 18 6.97 4.87 23.26
N GLY A 19 6.17 5.62 22.52
CA GLY A 19 4.93 5.10 21.97
C GLY A 19 3.76 6.04 22.13
N TYR A 20 3.62 6.67 23.29
CA TYR A 20 2.53 7.59 23.58
C TYR A 20 2.99 9.00 23.24
N ALA A 21 2.49 9.55 22.14
CA ALA A 21 3.03 10.80 21.64
C ALA A 21 1.89 11.65 21.09
N PRO A 22 2.05 12.97 21.10
CA PRO A 22 1.03 13.83 20.48
C PRO A 22 0.84 13.47 19.02
N ALA A 23 -0.35 13.74 18.51
CA ALA A 23 -0.66 13.48 17.11
C ALA A 23 -1.20 14.77 16.52
N PHE A 24 -0.38 15.42 15.70
CA PHE A 24 -0.79 16.63 15.00
C PHE A 24 -0.50 16.45 13.53
N THR A 25 -1.35 17.02 12.69
CA THR A 25 -1.04 17.21 11.29
C THR A 25 -1.36 18.66 10.92
N LEU A 26 -0.65 19.14 9.90
CA LEU A 26 -0.98 20.40 9.23
C LEU A 26 -2.07 20.12 8.20
N ASN A 27 -3.23 20.75 8.38
CA ASN A 27 -4.41 20.41 7.60
C ASN A 27 -4.91 21.63 6.84
N TYR A 28 -5.17 21.45 5.55
CA TYR A 28 -5.72 22.49 4.70
C TYR A 28 -7.16 22.17 4.36
N ASN A 29 -8.01 23.19 4.38
CA ASN A 29 -9.36 23.07 3.89
C ASN A 29 -9.69 24.34 3.10
N SER A 30 -10.18 24.15 1.86
CA SER A 30 -10.46 25.28 0.99
C SER A 30 -11.48 26.24 1.60
N GLY A 31 -12.31 25.76 2.51
CA GLY A 31 -13.28 26.63 3.13
C GLY A 31 -12.82 27.29 4.41
N ALA A 32 -11.58 27.04 4.83
CA ALA A 32 -11.11 27.49 6.14
C ALA A 32 -10.56 28.91 6.06
N GLY A 33 -10.81 29.69 7.11
CA GLY A 33 -10.35 31.07 7.19
C GLY A 33 -8.89 31.19 7.60
N ASN A 34 -8.55 32.33 8.17
CA ASN A 34 -7.17 32.60 8.58
C ASN A 34 -6.85 31.87 9.88
N SER A 35 -5.55 31.72 10.14
CA SER A 35 -5.07 30.92 11.27
C SER A 35 -3.65 31.32 11.66
N PRO A 36 -3.06 30.70 12.69
CA PRO A 36 -1.61 30.88 12.90
C PRO A 36 -0.75 30.21 11.84
N PHE A 37 -1.37 29.50 10.89
CA PHE A 37 -0.65 28.86 9.80
C PHE A 37 -1.06 29.44 8.46
N GLY A 38 -1.70 30.61 8.46
CA GLY A 38 -2.13 31.25 7.23
C GLY A 38 -3.51 30.80 6.81
N LEU A 39 -3.93 31.31 5.65
CA LEU A 39 -5.26 31.04 5.13
C LEU A 39 -5.43 29.57 4.77
N GLY A 40 -6.58 29.00 5.15
CA GLY A 40 -6.91 27.63 4.82
C GLY A 40 -6.23 26.56 5.65
N TRP A 41 -5.06 26.82 6.24
CA TRP A 41 -4.32 25.81 6.97
C TRP A 41 -4.59 25.91 8.46
N ASP A 42 -4.50 24.78 9.15
CA ASP A 42 -4.55 24.81 10.61
C ASP A 42 -3.93 23.54 11.17
N CYS A 43 -3.56 23.62 12.44
CA CYS A 43 -3.00 22.49 13.16
C CYS A 43 -3.76 22.47 14.49
N ASN A 44 -4.86 21.72 14.52
CA ASN A 44 -5.83 21.87 15.58
C ASN A 44 -5.54 20.91 16.73
N VAL A 45 -5.80 21.38 17.93
CA VAL A 45 -5.66 20.59 19.14
C VAL A 45 -7.05 20.31 19.69
N MET A 46 -7.18 19.19 20.39
CA MET A 46 -8.40 18.88 21.11
C MET A 46 -8.82 20.05 21.99
N THR A 47 -10.09 20.46 21.88
CA THR A 47 -10.62 21.51 22.74
C THR A 47 -12.09 21.25 23.02
N ILE A 48 -12.58 21.87 24.09
CA ILE A 48 -14.01 21.98 24.37
C ILE A 48 -14.35 23.46 24.36
N ARG A 49 -15.42 23.82 23.67
CA ARG A 49 -15.72 25.24 23.51
C ARG A 49 -17.21 25.49 23.74
N ARG A 50 -17.53 26.73 24.10
CA ARG A 50 -18.92 27.12 24.13
C ARG A 50 -19.43 27.32 22.71
N ARG A 51 -20.69 26.98 22.50
CA ARG A 51 -21.27 27.08 21.17
C ARG A 51 -21.50 28.54 20.81
N THR A 52 -21.15 28.89 19.56
CA THR A 52 -21.29 30.25 19.07
C THR A 52 -22.15 30.35 17.83
N HIS A 53 -22.71 29.23 17.36
CA HIS A 53 -23.31 29.18 16.02
C HIS A 53 -24.57 30.03 15.93
N PHE A 54 -25.30 30.19 17.04
CA PHE A 54 -26.53 30.98 17.06
C PHE A 54 -26.37 32.31 17.80
N GLY A 55 -25.15 32.78 17.96
CA GLY A 55 -24.87 34.00 18.70
C GLY A 55 -23.84 33.76 19.79
N VAL A 56 -23.39 34.87 20.36
CA VAL A 56 -22.32 34.82 21.37
C VAL A 56 -22.83 34.09 22.60
N PRO A 57 -21.97 33.36 23.31
CA PRO A 57 -22.40 32.74 24.56
C PRO A 57 -22.79 33.79 25.59
N HIS A 58 -23.62 33.37 26.53
CA HIS A 58 -24.07 34.22 27.63
C HIS A 58 -23.26 34.01 28.90
N TYR A 59 -22.39 32.99 28.89
CA TYR A 59 -21.52 32.66 30.01
C TYR A 59 -22.33 32.42 31.29
N ASP A 60 -23.35 31.57 31.13
CA ASP A 60 -24.18 31.12 32.23
C ASP A 60 -24.70 29.72 31.90
N GLU A 61 -25.62 29.24 32.73
CA GLU A 61 -26.11 27.87 32.60
C GLU A 61 -26.84 27.62 31.30
N THR A 62 -27.38 28.67 30.67
CA THR A 62 -28.10 28.47 29.41
C THR A 62 -27.20 28.13 28.23
N ASP A 63 -25.88 28.26 28.38
CA ASP A 63 -24.99 28.01 27.24
C ASP A 63 -24.96 26.54 26.87
N THR A 64 -24.52 26.28 25.64
CA THR A 64 -24.28 24.93 25.12
C THR A 64 -22.80 24.75 24.84
N PHE A 65 -22.30 23.52 25.01
CA PHE A 65 -20.90 23.20 24.82
C PHE A 65 -20.71 22.25 23.64
N LEU A 66 -19.53 22.32 23.04
CA LEU A 66 -19.18 21.51 21.88
C LEU A 66 -17.96 20.66 22.20
N GLY A 67 -18.03 19.38 21.84
CA GLY A 67 -16.91 18.49 22.06
C GLY A 67 -15.80 18.75 21.06
N PRO A 68 -14.74 17.95 21.18
CA PRO A 68 -13.56 18.14 20.31
C PRO A 68 -13.86 17.99 18.84
N GLU A 69 -14.84 17.17 18.47
CA GLU A 69 -15.22 17.04 17.07
C GLU A 69 -16.29 18.05 16.66
N GLY A 70 -16.64 18.99 17.53
CA GLY A 70 -17.63 19.97 17.18
C GLY A 70 -19.06 19.56 17.44
N GLU A 71 -19.29 18.36 17.95
CA GLU A 71 -20.66 17.96 18.23
C GLU A 71 -21.16 18.62 19.52
N VAL A 72 -22.46 18.89 19.55
CA VAL A 72 -23.08 19.43 20.76
C VAL A 72 -23.02 18.39 21.86
N LEU A 73 -22.70 18.85 23.08
CA LEU A 73 -22.67 17.97 24.26
C LEU A 73 -23.99 18.00 25.01
N VAL A 74 -24.42 16.83 25.47
CA VAL A 74 -25.68 16.67 26.20
C VAL A 74 -25.35 16.13 27.59
N VAL A 75 -26.00 16.70 28.61
CA VAL A 75 -25.86 16.17 29.96
C VAL A 75 -26.23 14.70 29.96
N ALA A 76 -25.38 13.86 30.56
CA ALA A 76 -25.58 12.43 30.53
C ALA A 76 -25.72 11.78 31.89
N ASP A 77 -25.38 12.46 32.98
CA ASP A 77 -25.45 11.87 34.31
C ASP A 77 -26.03 12.88 35.30
N GLN A 78 -26.34 12.39 36.50
CA GLN A 78 -26.65 13.29 37.60
C GLN A 78 -25.37 13.91 38.15
N PRO A 79 -25.35 15.22 38.40
CA PRO A 79 -24.16 15.83 39.00
C PRO A 79 -23.78 15.14 40.31
N ARG A 80 -22.47 15.09 40.57
CA ARG A 80 -21.96 14.54 41.83
C ARG A 80 -20.88 15.45 42.37
N ASP A 81 -20.57 15.27 43.66
CA ASP A 81 -19.59 16.08 44.34
C ASP A 81 -18.25 15.36 44.41
N GLU A 82 -17.19 16.10 44.14
CA GLU A 82 -15.86 15.53 44.18
C GLU A 82 -14.90 16.61 44.66
N SER A 83 -13.98 16.24 45.56
CA SER A 83 -12.99 17.18 46.04
C SER A 83 -11.57 16.74 45.72
N THR A 84 -11.39 15.54 45.17
CA THR A 84 -10.10 15.06 44.74
C THR A 84 -10.25 14.42 43.37
N LEU A 85 -9.11 14.14 42.75
CA LEU A 85 -9.05 13.50 41.44
C LEU A 85 -7.65 12.93 41.27
N GLN A 86 -7.57 11.64 40.93
CA GLN A 86 -6.31 10.94 40.71
C GLN A 86 -5.34 11.12 41.88
N GLY A 87 -5.87 10.97 43.10
CA GLY A 87 -5.05 11.10 44.29
C GLY A 87 -4.53 12.48 44.57
N ILE A 88 -5.15 13.51 44.00
CA ILE A 88 -4.72 14.89 44.18
C ILE A 88 -5.86 15.68 44.79
N ASN A 89 -5.59 16.36 45.89
CA ASN A 89 -6.56 17.28 46.46
C ASN A 89 -6.65 18.52 45.59
N LEU A 90 -7.87 18.93 45.27
CA LEU A 90 -8.07 20.02 44.33
C LEU A 90 -8.29 21.37 45.02
N GLY A 91 -8.21 21.42 46.34
CA GLY A 91 -8.36 22.67 47.06
C GLY A 91 -9.76 23.23 47.09
N ALA A 92 -10.77 22.46 46.69
CA ALA A 92 -12.16 22.89 46.73
C ALA A 92 -13.04 21.69 46.40
N THR A 93 -14.31 21.80 46.74
CA THR A 93 -15.30 20.78 46.37
C THR A 93 -15.93 21.19 45.05
N PHE A 94 -15.83 20.30 44.07
CA PHE A 94 -16.36 20.55 42.74
C PHE A 94 -17.64 19.77 42.54
N THR A 95 -18.54 20.33 41.75
CA THR A 95 -19.66 19.57 41.21
C THR A 95 -19.25 19.04 39.84
N VAL A 96 -19.47 17.75 39.61
CA VAL A 96 -19.01 17.07 38.40
C VAL A 96 -20.24 16.61 37.63
N THR A 97 -20.36 17.04 36.38
CA THR A 97 -21.48 16.71 35.52
C THR A 97 -20.96 15.99 34.29
N GLY A 98 -21.51 14.81 34.00
CA GLY A 98 -21.11 14.07 32.81
C GLY A 98 -21.84 14.58 31.58
N TYR A 99 -21.13 14.58 30.46
CA TYR A 99 -21.72 14.93 29.17
C TYR A 99 -21.41 13.82 28.18
N ARG A 100 -22.11 13.85 27.05
CA ARG A 100 -21.85 12.94 25.95
C ARG A 100 -22.22 13.64 24.65
N SER A 101 -21.60 13.20 23.55
CA SER A 101 -21.90 13.79 22.26
C SER A 101 -23.36 13.54 21.86
N ARG A 102 -23.97 14.56 21.27
CA ARG A 102 -25.33 14.43 20.74
C ARG A 102 -25.41 13.35 19.67
N LEU A 103 -24.35 13.14 18.92
CA LEU A 103 -24.26 12.02 17.99
C LEU A 103 -23.00 11.24 18.31
N GLU A 104 -23.19 10.04 18.84
CA GLU A 104 -22.07 9.23 19.28
C GLU A 104 -21.33 8.65 18.08
N SER A 105 -20.00 8.64 18.19
CA SER A 105 -19.14 7.95 17.23
C SER A 105 -18.25 6.93 17.93
N HIS A 106 -17.45 7.36 18.90
CA HIS A 106 -16.57 6.44 19.59
C HIS A 106 -16.80 6.42 21.09
N PHE A 107 -17.82 7.14 21.58
CA PHE A 107 -18.34 6.92 22.92
C PHE A 107 -17.32 7.32 23.99
N SER A 108 -16.68 8.46 23.79
CA SER A 108 -15.95 9.02 24.92
C SER A 108 -16.94 9.58 25.95
N ARG A 109 -16.43 9.78 27.17
CA ARG A 109 -17.20 10.35 28.27
C ARG A 109 -16.52 11.64 28.70
N LEU A 110 -17.31 12.70 28.84
CA LEU A 110 -16.79 14.00 29.19
C LEU A 110 -17.36 14.42 30.55
N GLU A 111 -16.53 15.10 31.34
CA GLU A 111 -16.94 15.58 32.66
C GLU A 111 -16.59 17.05 32.76
N TYR A 112 -17.55 17.84 33.22
CA TYR A 112 -17.34 19.25 33.49
C TYR A 112 -17.22 19.42 35.01
N TRP A 113 -16.06 19.89 35.48
CA TRP A 113 -15.80 20.07 36.90
C TRP A 113 -15.90 21.55 37.23
N GLN A 114 -16.90 21.93 38.04
CA GLN A 114 -17.16 23.30 38.41
C GLN A 114 -17.00 23.48 39.91
N PRO A 115 -16.18 24.42 40.37
CA PRO A 115 -16.03 24.61 41.82
C PRO A 115 -17.29 25.18 42.42
N LYS A 116 -17.69 24.62 43.57
CA LYS A 116 -18.85 25.14 44.28
C LYS A 116 -18.54 26.44 45.00
N THR A 117 -17.32 26.60 45.47
CA THR A 117 -16.88 27.84 46.09
C THR A 117 -16.00 28.63 45.13
N THR A 118 -15.99 29.95 45.30
CA THR A 118 -15.14 30.80 44.49
C THR A 118 -13.67 30.57 44.85
N GLY A 119 -12.79 30.93 43.93
CA GLY A 119 -11.36 30.82 44.14
C GLY A 119 -10.66 29.77 43.31
N LYS A 120 -11.40 28.92 42.59
CA LYS A 120 -10.79 27.89 41.75
C LYS A 120 -11.37 27.98 40.34
N THR A 121 -10.63 27.44 39.38
CA THR A 121 -11.09 27.37 38.00
C THR A 121 -11.86 26.08 37.76
N ASP A 122 -12.88 26.18 36.90
CA ASP A 122 -13.51 24.97 36.38
C ASP A 122 -12.59 24.31 35.36
N PHE A 123 -12.88 23.06 34.99
CA PHE A 123 -12.10 22.39 33.96
C PHE A 123 -12.91 21.21 33.41
N TRP A 124 -12.41 20.62 32.34
CA TRP A 124 -13.05 19.49 31.69
C TRP A 124 -12.14 18.27 31.75
N LEU A 125 -12.75 17.10 31.82
CA LEU A 125 -12.07 15.82 31.67
C LEU A 125 -12.70 15.07 30.51
N ILE A 126 -11.87 14.36 29.75
CA ILE A 126 -12.37 13.42 28.75
C ILE A 126 -11.80 12.05 29.06
N TYR A 127 -12.68 11.06 29.19
CA TYR A 127 -12.27 9.67 29.25
C TYR A 127 -12.46 9.05 27.87
N SER A 128 -11.36 8.80 27.19
CA SER A 128 -11.38 8.15 25.89
C SER A 128 -11.78 6.69 26.01
N PRO A 129 -12.34 6.10 24.96
CA PRO A 129 -12.70 4.69 25.02
C PRO A 129 -11.50 3.74 24.99
N ASP A 130 -10.28 4.25 24.82
CA ASP A 130 -9.08 3.42 24.85
C ASP A 130 -8.26 3.65 26.12
N GLY A 131 -8.91 4.08 27.21
CA GLY A 131 -8.26 4.18 28.50
C GLY A 131 -7.46 5.45 28.75
N GLN A 132 -7.42 6.38 27.80
CA GLN A 132 -6.77 7.66 28.03
C GLN A 132 -7.68 8.57 28.83
N VAL A 133 -7.09 9.38 29.70
CA VAL A 133 -7.79 10.48 30.34
C VAL A 133 -7.16 11.78 29.86
N HIS A 134 -8.01 12.76 29.54
CA HIS A 134 -7.57 14.06 29.05
C HIS A 134 -8.04 15.17 29.98
N LEU A 135 -7.15 16.12 30.24
CA LEU A 135 -7.46 17.30 31.02
C LEU A 135 -7.44 18.50 30.09
N LEU A 136 -8.52 19.29 30.11
CA LEU A 136 -8.65 20.43 29.23
C LEU A 136 -8.94 21.69 30.04
N GLY A 137 -8.15 22.74 29.81
CA GLY A 137 -8.43 24.07 30.32
C GLY A 137 -8.47 24.23 31.83
N LYS A 138 -7.56 23.59 32.55
CA LYS A 138 -7.53 23.80 33.99
C LYS A 138 -6.68 25.01 34.36
N SER A 139 -5.51 25.08 33.86
CA SER A 139 -4.60 26.19 34.04
C SER A 139 -4.92 27.32 33.07
N PRO A 140 -4.75 28.58 33.50
CA PRO A 140 -5.01 29.71 32.61
C PRO A 140 -4.17 29.73 31.34
N GLN A 141 -3.03 29.05 31.33
CA GLN A 141 -2.27 28.98 30.09
C GLN A 141 -3.00 28.20 29.01
N ALA A 142 -3.90 27.29 29.37
CA ALA A 142 -4.65 26.50 28.41
C ALA A 142 -6.13 26.89 28.37
N ARG A 143 -6.44 28.16 28.63
CA ARG A 143 -7.80 28.66 28.60
C ARG A 143 -7.88 29.90 27.72
N ILE A 144 -8.86 29.93 26.84
CA ILE A 144 -9.20 31.13 26.09
C ILE A 144 -10.36 31.78 26.83
N SER A 145 -10.07 32.90 27.51
CA SER A 145 -11.06 33.59 28.31
C SER A 145 -11.05 35.08 27.95
N ASN A 146 -12.10 35.76 28.38
CA ASN A 146 -12.23 37.20 28.17
C ASN A 146 -11.29 37.97 29.09
N PRO A 147 -10.27 38.65 28.57
CA PRO A 147 -9.37 39.41 29.45
C PRO A 147 -10.08 40.46 30.29
N SER A 148 -11.20 41.00 29.79
CA SER A 148 -12.02 41.96 30.54
C SER A 148 -12.91 41.30 31.58
N GLN A 149 -13.09 39.99 31.50
CA GLN A 149 -13.97 39.23 32.38
C GLN A 149 -13.50 37.79 32.39
N THR A 150 -12.42 37.51 33.13
CA THR A 150 -11.70 36.24 32.97
C THR A 150 -12.54 35.04 33.37
N THR A 151 -13.64 35.26 34.11
CA THR A 151 -14.54 34.15 34.40
C THR A 151 -15.29 33.67 33.17
N GLN A 152 -15.24 34.40 32.06
CA GLN A 152 -15.91 34.01 30.82
C GLN A 152 -14.91 33.18 30.01
N THR A 153 -15.02 31.85 30.09
CA THR A 153 -14.13 30.96 29.39
C THR A 153 -14.78 30.51 28.09
N ALA A 154 -14.15 30.87 26.97
CA ALA A 154 -14.68 30.49 25.66
C ALA A 154 -14.27 29.07 25.28
N GLN A 155 -12.99 28.73 25.48
CA GLN A 155 -12.43 27.45 25.09
C GLN A 155 -11.56 26.86 26.20
N TRP A 156 -11.71 25.57 26.43
CA TRP A 156 -10.80 24.81 27.28
C TRP A 156 -9.89 23.99 26.36
N LEU A 157 -8.62 24.34 26.31
CA LEU A 157 -7.68 23.69 25.42
C LEU A 157 -7.10 22.45 26.11
N LEU A 158 -6.77 21.44 25.29
CA LEU A 158 -6.15 20.23 25.83
C LEU A 158 -4.87 20.61 26.55
N GLU A 159 -4.76 20.21 27.80
CA GLU A 159 -3.63 20.55 28.63
C GLU A 159 -2.75 19.36 29.00
N ALA A 160 -3.34 18.18 29.15
CA ALA A 160 -2.59 17.03 29.62
C ALA A 160 -3.35 15.76 29.29
N SER A 161 -2.60 14.68 29.10
CA SER A 161 -3.16 13.37 28.81
C SER A 161 -2.31 12.30 29.49
N VAL A 162 -2.97 11.22 29.92
CA VAL A 162 -2.28 10.09 30.52
C VAL A 162 -2.87 8.80 29.95
N SER A 163 -1.98 7.87 29.56
CA SER A 163 -2.42 6.63 28.95
C SER A 163 -2.72 5.59 30.03
N SER A 164 -3.28 4.46 29.59
CA SER A 164 -3.59 3.37 30.49
C SER A 164 -2.35 2.62 30.96
N ARG A 165 -1.17 2.88 30.39
CA ARG A 165 0.03 2.18 30.80
C ARG A 165 1.14 3.14 31.25
N GLY A 166 0.76 4.29 31.81
CA GLY A 166 1.68 5.11 32.59
C GLY A 166 2.44 6.18 31.84
N GLU A 167 2.02 6.51 30.61
CA GLU A 167 2.69 7.51 29.80
C GLU A 167 1.89 8.81 29.79
N GLN A 168 2.62 9.92 29.72
CA GLN A 168 2.05 11.24 29.97
C GLN A 168 2.41 12.19 28.84
N ILE A 169 1.54 13.18 28.66
CA ILE A 169 1.75 14.26 27.70
C ILE A 169 1.25 15.54 28.34
N TYR A 170 2.03 16.60 28.24
CA TYR A 170 1.62 17.91 28.75
C TYR A 170 1.71 18.94 27.63
N TYR A 171 0.66 19.75 27.49
CA TYR A 171 0.58 20.73 26.41
C TYR A 171 0.71 22.14 27.01
N GLN A 172 1.77 22.83 26.64
CA GLN A 172 2.03 24.20 27.11
C GLN A 172 1.82 25.17 25.97
N TYR A 173 1.02 26.21 26.20
CA TYR A 173 0.70 27.21 25.20
C TYR A 173 1.36 28.54 25.55
N ARG A 174 1.41 29.43 24.56
CA ARG A 174 1.83 30.82 24.74
C ARG A 174 0.62 31.72 24.60
N ALA A 175 0.55 32.75 25.43
CA ALA A 175 -0.49 33.76 25.35
C ALA A 175 -0.06 34.89 24.41
N GLU A 176 -1.01 35.41 23.64
CA GLU A 176 -0.72 36.58 22.82
C GLU A 176 -0.23 37.73 23.69
N ASP A 177 0.68 38.55 23.14
CA ASP A 177 1.16 39.74 23.83
C ASP A 177 1.46 40.82 22.78
N ASP A 178 2.15 41.89 23.20
CA ASP A 178 2.40 43.05 22.35
C ASP A 178 3.75 43.02 21.64
N THR A 179 4.57 41.99 21.89
CA THR A 179 5.94 41.97 21.40
C THR A 179 5.99 41.99 19.88
N GLY A 180 6.87 42.85 19.34
CA GLY A 180 7.13 42.86 17.91
C GLY A 180 6.17 43.66 17.09
N CYS A 181 5.13 44.22 17.69
CA CYS A 181 4.09 44.92 16.95
C CYS A 181 4.34 46.42 16.97
N GLU A 182 3.67 47.12 16.05
CA GLU A 182 3.82 48.56 15.97
C GLU A 182 2.88 49.25 16.96
N ALA A 183 3.08 50.55 17.11
CA ALA A 183 2.39 51.30 18.15
C ALA A 183 0.89 51.37 17.91
N ASP A 184 0.47 51.49 16.64
CA ASP A 184 -0.95 51.57 16.33
C ASP A 184 -1.65 50.24 16.57
N GLU A 185 -0.98 49.12 16.25
CA GLU A 185 -1.53 47.82 16.56
C GLU A 185 -1.82 47.69 18.05
N ILE A 186 -0.88 48.11 18.89
CA ILE A 186 -1.08 48.02 20.33
C ILE A 186 -2.18 48.97 20.78
N THR A 187 -2.17 50.20 20.26
CA THR A 187 -3.13 51.21 20.69
C THR A 187 -4.57 50.84 20.35
N HIS A 188 -4.78 50.30 19.15
CA HIS A 188 -6.13 49.98 18.70
C HIS A 188 -6.63 48.62 19.21
N HIS A 189 -5.77 47.84 19.86
CA HIS A 189 -6.13 46.52 20.37
C HIS A 189 -5.45 46.38 21.72
N LEU A 190 -6.07 46.94 22.74
CA LEU A 190 -5.47 47.06 24.05
C LEU A 190 -5.57 45.74 24.81
N GLN A 191 -4.44 45.28 25.35
CA GLN A 191 -4.39 44.09 26.19
C GLN A 191 -5.07 42.90 25.49
N ALA A 192 -4.68 42.68 24.23
CA ALA A 192 -5.23 41.59 23.43
C ALA A 192 -4.49 40.30 23.75
N THR A 193 -4.76 39.78 24.95
CA THR A 193 -4.05 38.62 25.48
C THR A 193 -4.89 37.35 25.50
N ALA A 194 -6.05 37.34 24.83
CA ALA A 194 -6.93 36.18 24.92
C ALA A 194 -6.38 35.00 24.13
N GLN A 195 -5.75 35.24 22.99
CA GLN A 195 -5.41 34.14 22.09
C GLN A 195 -4.38 33.22 22.74
N ARG A 196 -4.35 31.98 22.26
CA ARG A 196 -3.44 30.96 22.77
C ARG A 196 -2.81 30.21 21.61
N TYR A 197 -1.51 29.93 21.74
CA TYR A 197 -0.74 29.27 20.69
C TYR A 197 -0.01 28.08 21.28
N LEU A 198 -0.19 26.91 20.66
CA LEU A 198 0.61 25.75 21.00
C LEU A 198 2.08 26.12 20.99
N HIS A 199 2.77 25.81 22.10
CA HIS A 199 4.16 26.22 22.26
C HIS A 199 5.08 25.01 22.41
N ILE A 200 4.95 24.23 23.49
CA ILE A 200 5.79 23.08 23.72
C ILE A 200 4.92 21.93 24.22
N VAL A 201 5.05 20.79 23.57
CA VAL A 201 4.39 19.56 24.00
C VAL A 201 5.48 18.67 24.60
N TYR A 202 5.35 18.40 25.89
CA TYR A 202 6.27 17.55 26.64
C TYR A 202 5.75 16.12 26.66
N TYR A 203 6.61 15.16 26.32
CA TYR A 203 6.20 13.78 26.48
C TYR A 203 7.42 12.89 26.71
N GLY A 204 7.18 11.59 26.74
CA GLY A 204 8.14 10.67 27.30
C GLY A 204 8.47 10.98 28.74
N ASN A 205 7.46 10.94 29.62
CA ASN A 205 7.73 11.15 31.03
C ASN A 205 8.77 10.14 31.53
N ARG A 206 9.72 10.63 32.33
CA ARG A 206 10.80 9.76 32.80
C ARG A 206 10.33 8.82 33.90
N THR A 207 9.31 9.20 34.65
CA THR A 207 8.75 8.37 35.71
C THR A 207 7.34 8.02 35.29
N ALA A 208 7.03 6.72 35.25
CA ALA A 208 5.69 6.29 34.92
C ALA A 208 4.71 6.75 35.98
N SER A 209 3.49 7.10 35.55
CA SER A 209 2.46 7.59 36.44
C SER A 209 1.12 7.54 35.74
N GLU A 210 0.06 7.29 36.52
CA GLU A 210 -1.30 7.36 36.00
C GLU A 210 -1.98 8.67 36.33
N THR A 211 -1.24 9.64 36.85
CA THR A 211 -1.79 10.95 37.17
C THR A 211 -1.54 11.91 36.01
N LEU A 212 -2.54 12.71 35.70
CA LEU A 212 -2.39 13.72 34.66
C LEU A 212 -1.27 14.67 35.05
N PRO A 213 -0.33 14.97 34.14
CA PRO A 213 0.75 15.89 34.48
C PRO A 213 0.20 17.30 34.65
N GLY A 214 0.63 17.99 35.70
CA GLY A 214 0.19 19.34 35.98
C GLY A 214 -1.17 19.47 36.62
N LEU A 215 -1.82 18.35 36.95
CA LEU A 215 -3.14 18.44 37.58
C LEU A 215 -3.07 19.13 38.94
N ASP A 216 -1.92 19.06 39.61
CA ASP A 216 -1.72 19.74 40.88
C ASP A 216 -1.39 21.23 40.71
N GLY A 217 -1.49 21.76 39.50
CA GLY A 217 -1.22 23.16 39.25
C GLY A 217 0.20 23.49 38.85
N SER A 218 1.14 22.56 39.01
CA SER A 218 2.54 22.86 38.76
C SER A 218 2.81 22.96 37.25
N ALA A 219 3.60 23.97 36.87
CA ALA A 219 4.08 24.14 35.51
C ALA A 219 5.05 23.03 35.13
N PRO A 220 5.23 22.77 33.82
CA PRO A 220 6.11 21.67 33.42
C PRO A 220 7.57 21.99 33.71
N SER A 221 8.34 20.93 33.96
CA SER A 221 9.78 21.02 34.17
C SER A 221 10.47 20.15 33.14
N GLN A 222 11.24 20.79 32.25
CA GLN A 222 11.79 20.09 31.09
C GLN A 222 12.65 18.89 31.49
N ALA A 223 13.29 18.93 32.66
CA ALA A 223 14.13 17.81 33.09
C ALA A 223 13.34 16.52 33.29
N ASP A 224 12.02 16.60 33.44
CA ASP A 224 11.23 15.41 33.72
C ASP A 224 10.87 14.62 32.46
N TRP A 225 11.28 15.06 31.27
CA TRP A 225 10.75 14.50 30.04
C TRP A 225 11.89 14.13 29.08
N LEU A 226 11.55 13.27 28.13
CA LEU A 226 12.51 12.80 27.15
C LEU A 226 12.35 13.45 25.79
N PHE A 227 11.14 13.89 25.44
CA PHE A 227 10.83 14.41 24.12
C PHE A 227 10.06 15.72 24.22
N TYR A 228 10.30 16.61 23.26
CA TYR A 228 9.68 17.93 23.23
C TYR A 228 9.35 18.30 21.80
N LEU A 229 8.08 18.55 21.52
CA LEU A 229 7.65 19.14 20.25
C LEU A 229 7.44 20.64 20.45
N VAL A 230 8.16 21.45 19.66
CA VAL A 230 8.21 22.89 19.86
C VAL A 230 7.66 23.60 18.63
N PHE A 231 6.78 24.58 18.84
CA PHE A 231 6.27 25.43 17.79
C PHE A 231 6.92 26.80 17.90
N ASP A 232 7.58 27.23 16.83
CA ASP A 232 8.30 28.50 16.81
C ASP A 232 7.53 29.52 15.99
N TYR A 233 7.44 30.74 16.50
CA TYR A 233 6.69 31.81 15.84
C TYR A 233 7.59 32.98 15.46
N GLY A 234 8.87 32.71 15.25
CA GLY A 234 9.85 33.72 14.86
C GLY A 234 10.94 33.98 15.87
N GLU A 235 10.85 33.41 17.06
CA GLU A 235 11.84 33.67 18.11
C GLU A 235 13.23 33.20 17.72
N ARG A 236 13.33 31.97 17.23
CA ARG A 236 14.63 31.34 17.04
C ARG A 236 15.23 31.75 15.71
N SER A 237 16.54 31.51 15.59
CA SER A 237 17.18 31.63 14.29
C SER A 237 16.51 30.68 13.31
N ASN A 238 16.45 31.10 12.05
CA ASN A 238 15.75 30.31 11.04
C ASN A 238 16.60 30.33 9.77
N ASN A 239 17.68 29.55 9.77
CA ASN A 239 18.58 29.47 8.62
C ASN A 239 19.13 28.05 8.49
N LEU A 240 19.98 27.84 7.49
CA LEU A 240 20.56 26.53 7.26
C LEU A 240 21.97 26.40 7.85
N LYS A 241 22.43 27.39 8.61
CA LYS A 241 23.76 27.33 9.19
C LYS A 241 23.76 26.80 10.63
N THR A 242 22.69 27.04 11.38
CA THR A 242 22.62 26.72 12.79
C THR A 242 21.34 25.94 13.07
N PRO A 243 21.39 24.97 13.97
CA PRO A 243 20.16 24.35 14.45
C PRO A 243 19.48 25.26 15.47
N PRO A 244 18.20 25.54 15.30
CA PRO A 244 17.49 26.36 16.29
C PRO A 244 17.64 25.80 17.69
N ALA A 245 17.94 26.67 18.65
CA ALA A 245 18.08 26.28 20.05
C ALA A 245 16.73 26.06 20.70
N PHE A 246 16.68 25.08 21.61
CA PHE A 246 15.47 24.81 22.37
C PHE A 246 15.08 26.00 23.24
N SER A 247 16.05 26.55 23.97
CA SER A 247 15.82 27.73 24.80
C SER A 247 16.19 28.95 23.99
N THR A 248 15.33 29.95 24.03
CA THR A 248 15.55 31.14 23.21
C THR A 248 15.01 32.36 23.93
N THR A 249 15.69 33.48 23.75
CA THR A 249 15.20 34.77 24.22
C THR A 249 14.71 35.64 23.06
N GLY A 250 14.65 35.08 21.85
CA GLY A 250 14.14 35.83 20.73
C GLY A 250 12.67 36.19 20.90
N SER A 251 12.26 37.21 20.15
CA SER A 251 10.89 37.69 20.15
C SER A 251 10.14 37.12 18.95
N TRP A 252 8.95 36.59 19.18
CA TRP A 252 8.16 36.13 18.05
C TRP A 252 7.71 37.33 17.21
N LEU A 253 7.47 37.04 15.93
CA LEU A 253 7.20 38.07 14.94
C LEU A 253 5.71 38.44 14.92
N CYS A 254 5.44 39.72 14.71
CA CYS A 254 4.10 40.25 14.57
C CYS A 254 3.75 40.25 13.08
N ARG A 255 2.80 39.40 12.69
CA ARG A 255 2.49 39.25 11.27
C ARG A 255 1.89 40.53 10.69
N GLN A 256 1.84 40.60 9.36
CA GLN A 256 1.30 41.77 8.69
C GLN A 256 -0.22 41.77 8.72
N ASP A 257 -0.84 40.61 8.52
CA ASP A 257 -2.30 40.46 8.48
C ASP A 257 -2.83 40.05 9.85
N ARG A 258 -2.70 40.99 10.80
CA ARG A 258 -3.31 40.81 12.12
C ARG A 258 -4.83 40.85 12.01
N PHE A 259 -5.50 39.85 12.59
CA PHE A 259 -6.96 39.77 12.50
C PHE A 259 -7.57 39.47 13.86
N SER A 260 -8.86 39.80 13.97
CA SER A 260 -9.64 39.61 15.19
C SER A 260 -10.86 38.76 14.90
N ARG A 261 -11.36 38.09 15.94
CA ARG A 261 -12.59 37.31 15.91
C ARG A 261 -13.40 37.64 17.16
N TYR A 262 -14.72 37.62 17.02
CA TYR A 262 -15.61 38.17 18.04
C TYR A 262 -16.77 37.25 18.38
N GLU A 263 -16.81 36.04 17.81
CA GLU A 263 -17.96 35.17 17.98
C GLU A 263 -18.17 34.73 19.42
N TYR A 264 -17.17 34.89 20.30
CA TYR A 264 -17.32 34.50 21.71
C TYR A 264 -17.74 35.65 22.60
N GLY A 265 -18.08 36.81 22.05
CA GLY A 265 -18.51 37.92 22.87
C GLY A 265 -17.40 38.82 23.36
N PHE A 266 -16.18 38.66 22.85
CA PHE A 266 -15.06 39.54 23.16
C PHE A 266 -14.03 39.33 22.07
N GLU A 267 -13.08 40.26 21.97
CA GLU A 267 -12.09 40.24 20.90
C GLU A 267 -11.01 39.23 21.18
N ILE A 268 -10.76 38.35 20.21
CA ILE A 268 -9.60 37.47 20.21
C ILE A 268 -8.72 37.89 19.04
N ARG A 269 -7.49 38.33 19.34
CA ARG A 269 -6.56 38.87 18.36
C ARG A 269 -5.48 37.85 18.04
N THR A 270 -5.18 37.68 16.74
CA THR A 270 -4.13 36.78 16.27
C THR A 270 -3.03 37.60 15.60
N ARG A 271 -1.85 37.64 16.21
CA ARG A 271 -0.74 38.40 15.66
C ARG A 271 0.38 37.52 15.11
N ARG A 272 0.31 36.21 15.29
CA ARG A 272 1.47 35.35 15.08
C ARG A 272 1.23 34.34 13.96
N LEU A 273 2.35 33.87 13.41
CA LEU A 273 2.41 32.81 12.43
C LEU A 273 3.49 31.82 12.86
N CYS A 274 3.18 30.54 12.75
CA CYS A 274 4.14 29.51 13.14
C CYS A 274 5.17 29.37 12.02
N ARG A 275 6.44 29.61 12.34
CA ARG A 275 7.48 29.56 11.32
C ARG A 275 8.22 28.22 11.27
N GLN A 276 8.26 27.48 12.37
CA GLN A 276 9.03 26.25 12.44
C GLN A 276 8.34 25.28 13.39
N VAL A 277 8.36 24.01 13.04
CA VAL A 277 7.99 22.93 13.96
C VAL A 277 9.25 22.14 14.24
N LEU A 278 9.60 22.01 15.52
CA LEU A 278 10.90 21.52 15.93
C LEU A 278 10.76 20.37 16.92
N MET A 279 11.53 19.31 16.69
CA MET A 279 11.50 18.10 17.50
C MET A 279 12.82 17.97 18.26
N TYR A 280 12.74 17.94 19.59
CA TYR A 280 13.91 17.90 20.45
C TYR A 280 13.88 16.64 21.31
N HIS A 281 15.07 16.10 21.58
CA HIS A 281 15.24 14.95 22.45
C HIS A 281 16.15 15.31 23.60
N HIS A 282 15.78 14.86 24.81
CA HIS A 282 16.61 14.96 26.00
C HIS A 282 17.68 13.86 25.94
N LEU A 283 18.66 14.05 25.03
CA LEU A 283 19.66 13.01 24.76
C LEU A 283 20.42 12.60 26.02
N GLN A 284 20.69 13.57 26.91
CA GLN A 284 21.46 13.25 28.10
C GLN A 284 20.70 12.31 29.03
N ALA A 285 19.36 12.37 29.01
CA ALA A 285 18.57 11.44 29.80
C ALA A 285 18.33 10.14 29.05
N LEU A 286 18.35 10.18 27.72
CA LEU A 286 18.21 8.97 26.93
C LEU A 286 19.50 8.16 26.91
N ASP A 287 20.64 8.82 27.10
CA ASP A 287 21.94 8.15 27.07
C ASP A 287 22.89 8.96 27.96
N SER A 288 23.28 8.38 29.09
CA SER A 288 24.18 9.07 30.00
C SER A 288 25.56 9.29 29.40
N LYS A 289 25.88 8.55 28.33
CA LYS A 289 27.12 8.77 27.59
C LYS A 289 27.16 10.14 26.93
N ILE A 290 26.00 10.75 26.66
CA ILE A 290 25.90 12.01 25.95
C ILE A 290 25.72 13.14 26.96
N THR A 291 26.45 14.23 26.78
CA THR A 291 26.31 15.44 27.56
C THR A 291 25.73 16.55 26.69
N GLU A 292 24.71 17.23 27.20
CA GLU A 292 24.07 18.33 26.50
C GLU A 292 24.39 19.63 27.22
N HIS A 293 25.11 20.53 26.55
CA HIS A 293 25.48 21.80 27.15
C HIS A 293 24.48 22.90 26.88
N ASN A 294 23.74 22.83 25.78
CA ASN A 294 22.79 23.85 25.36
C ASN A 294 21.35 23.33 25.40
N GLY A 295 21.04 22.49 26.38
CA GLY A 295 19.69 21.98 26.54
C GLY A 295 19.37 20.82 25.64
N PRO A 296 18.09 20.56 25.41
CA PRO A 296 17.68 19.43 24.58
C PRO A 296 18.23 19.56 23.17
N THR A 297 18.48 18.41 22.54
CA THR A 297 19.11 18.37 21.22
C THR A 297 18.07 18.28 20.12
N LEU A 298 18.18 19.15 19.13
CA LEU A 298 17.27 19.15 17.99
C LEU A 298 17.52 17.91 17.14
N VAL A 299 16.45 17.18 16.83
CA VAL A 299 16.58 15.99 16.00
C VAL A 299 15.78 16.08 14.70
N SER A 300 14.83 17.00 14.57
CA SER A 300 14.04 17.13 13.36
C SER A 300 13.50 18.55 13.27
N ARG A 301 13.37 19.04 12.04
CA ARG A 301 12.99 20.44 11.81
C ARG A 301 12.14 20.57 10.56
N LEU A 302 11.00 21.26 10.68
CA LEU A 302 10.14 21.55 9.54
C LEU A 302 10.05 23.06 9.41
N ILE A 303 10.53 23.59 8.28
CA ILE A 303 10.48 25.03 8.01
C ILE A 303 9.16 25.34 7.32
N LEU A 304 8.45 26.35 7.82
CA LEU A 304 7.21 26.83 7.22
C LEU A 304 7.44 28.28 6.79
N ASN A 305 7.46 28.52 5.48
CA ASN A 305 7.63 29.86 4.93
C ASN A 305 6.33 30.35 4.31
N TYR A 306 6.09 31.65 4.43
CA TYR A 306 4.83 32.28 4.03
C TYR A 306 5.07 33.38 3.00
N ASP A 307 4.14 33.51 2.06
CA ASP A 307 4.06 34.73 1.28
C ASP A 307 3.24 35.70 2.10
N GLU A 308 3.90 36.64 2.77
CA GLU A 308 3.23 37.45 3.78
C GLU A 308 2.57 38.66 3.15
N SER A 309 1.40 39.02 3.67
CA SER A 309 0.60 40.08 3.08
C SER A 309 -0.19 40.80 4.16
N ALA A 310 -0.36 42.11 3.99
CA ALA A 310 -1.26 42.88 4.82
C ALA A 310 -2.73 42.50 4.62
N ILE A 311 -3.04 41.75 3.57
CA ILE A 311 -4.41 41.27 3.36
C ILE A 311 -4.58 39.86 3.92
N ALA A 312 -3.69 38.94 3.55
CA ALA A 312 -3.74 37.57 4.03
C ALA A 312 -2.44 36.85 3.73
N SER A 313 -1.85 36.21 4.73
CA SER A 313 -0.63 35.43 4.53
C SER A 313 -1.00 34.00 4.16
N THR A 314 -0.18 33.38 3.29
CA THR A 314 -0.44 32.03 2.80
C THR A 314 0.82 31.19 2.92
N LEU A 315 0.65 29.93 3.30
CA LEU A 315 1.76 28.99 3.45
C LEU A 315 2.17 28.47 2.08
N VAL A 316 3.41 28.76 1.68
CA VAL A 316 3.86 28.49 0.31
C VAL A 316 5.07 27.55 0.25
N PHE A 317 5.64 27.15 1.38
CA PHE A 317 6.95 26.48 1.35
C PHE A 317 7.09 25.70 2.66
N VAL A 318 7.17 24.38 2.56
CA VAL A 318 7.34 23.52 3.73
C VAL A 318 8.52 22.60 3.45
N ARG A 319 9.50 22.58 4.34
CA ARG A 319 10.74 21.86 4.07
C ARG A 319 11.27 21.18 5.33
N ARG A 320 11.60 19.91 5.21
CA ARG A 320 12.21 19.16 6.29
C ARG A 320 13.73 19.27 6.19
N VAL A 321 14.38 19.45 7.32
CA VAL A 321 15.80 19.74 7.36
C VAL A 321 16.40 19.07 8.59
N GLY A 322 17.62 18.56 8.46
CA GLY A 322 18.33 17.98 9.59
C GLY A 322 19.73 18.51 9.69
N HIS A 323 20.22 18.60 10.93
CA HIS A 323 21.50 19.24 11.21
C HIS A 323 22.52 18.20 11.70
N GLU A 324 23.65 18.13 11.03
CA GLU A 324 24.73 17.27 11.44
C GLU A 324 25.51 17.92 12.58
N GLN A 325 26.24 17.11 13.35
CA GLN A 325 27.03 17.69 14.43
C GLN A 325 28.23 18.44 13.89
N ASP A 326 28.75 18.07 12.72
CA ASP A 326 29.86 18.85 12.19
C ASP A 326 29.43 20.22 11.71
N GLY A 327 28.13 20.50 11.66
CA GLY A 327 27.62 21.79 11.23
C GLY A 327 26.99 21.77 9.85
N ASN A 328 27.27 20.74 9.05
CA ASN A 328 26.62 20.60 7.76
C ASN A 328 25.13 20.33 7.95
N VAL A 329 24.35 20.79 6.98
CA VAL A 329 22.90 20.58 6.99
C VAL A 329 22.57 19.54 5.93
N VAL A 330 21.55 18.73 6.24
CA VAL A 330 21.01 17.75 5.32
C VAL A 330 19.56 18.13 5.08
N THR A 331 19.17 18.20 3.80
CA THR A 331 17.87 18.74 3.45
C THR A 331 17.12 17.75 2.58
N LEU A 332 15.81 17.88 2.61
CA LEU A 332 14.90 17.30 1.63
C LEU A 332 14.32 18.39 0.75
N PRO A 333 13.82 18.03 -0.43
CA PRO A 333 13.20 19.04 -1.31
C PRO A 333 11.97 19.64 -0.66
N PRO A 334 11.75 20.93 -0.81
CA PRO A 334 10.58 21.56 -0.20
C PRO A 334 9.30 21.25 -0.96
N LEU A 335 8.21 21.19 -0.21
CA LEU A 335 6.88 21.14 -0.78
C LEU A 335 6.40 22.58 -0.99
N GLU A 336 6.08 22.93 -2.24
CA GLU A 336 5.64 24.28 -2.56
C GLU A 336 4.12 24.30 -2.72
N LEU A 337 3.51 25.42 -2.32
CA LEU A 337 2.08 25.62 -2.45
C LEU A 337 1.82 26.99 -3.06
N ALA A 338 0.84 27.06 -3.95
CA ALA A 338 0.49 28.31 -4.61
C ALA A 338 -1.02 28.52 -4.51
N TYR A 339 -1.45 29.78 -4.62
CA TYR A 339 -2.82 30.16 -4.33
C TYR A 339 -3.34 31.09 -5.41
N GLN A 340 -4.66 31.20 -5.48
CA GLN A 340 -5.29 32.03 -6.50
C GLN A 340 -5.03 33.50 -6.21
N ASP A 341 -4.51 34.22 -7.20
CA ASP A 341 -4.18 35.62 -7.03
C ASP A 341 -5.42 36.48 -7.26
N PHE A 342 -5.31 37.73 -6.81
CA PHE A 342 -6.31 38.75 -7.11
C PHE A 342 -5.60 39.89 -7.82
N SER A 343 -5.92 40.07 -9.10
CA SER A 343 -5.26 41.04 -9.97
C SER A 343 -6.31 41.92 -10.62
N PRO A 344 -6.95 42.82 -9.84
CA PRO A 344 -8.07 43.61 -10.39
C PRO A 344 -7.67 44.57 -11.49
N ARG A 345 -6.61 45.34 -11.23
CA ARG A 345 -6.10 46.30 -12.22
C ARG A 345 -5.87 45.64 -13.58
N HIS A 346 -5.38 44.40 -13.59
CA HIS A 346 -5.06 43.72 -14.83
C HIS A 346 -6.27 42.98 -15.42
N HIS A 347 -7.17 42.49 -14.56
CA HIS A 347 -8.29 41.67 -15.02
C HIS A 347 -9.52 42.48 -15.38
N ALA A 348 -9.75 43.62 -14.72
CA ALA A 348 -11.01 44.34 -14.86
C ALA A 348 -11.26 44.80 -16.28
N HIS A 349 -12.46 44.54 -16.78
CA HIS A 349 -12.85 44.91 -18.14
C HIS A 349 -14.37 45.02 -18.20
N TRP A 350 -14.88 46.21 -18.52
CA TRP A 350 -16.32 46.41 -18.59
C TRP A 350 -16.89 45.72 -19.81
N GLN A 351 -17.91 44.88 -19.60
CA GLN A 351 -18.59 44.21 -20.69
C GLN A 351 -20.07 44.51 -20.64
N PRO A 352 -20.69 44.75 -21.79
CA PRO A 352 -22.14 45.01 -21.81
C PRO A 352 -22.92 43.77 -21.41
N MET A 353 -24.01 43.99 -20.68
CA MET A 353 -24.90 42.91 -20.25
C MET A 353 -26.05 42.86 -21.25
N ASP A 354 -25.80 42.21 -22.38
CA ASP A 354 -26.83 42.10 -23.41
C ASP A 354 -28.01 41.27 -22.94
N VAL A 355 -27.79 40.44 -21.92
CA VAL A 355 -28.88 39.68 -21.31
C VAL A 355 -29.98 40.60 -20.81
N LEU A 356 -29.64 41.83 -20.41
CA LEU A 356 -30.60 42.77 -19.87
C LEU A 356 -30.92 43.91 -20.83
N ALA A 357 -30.73 43.70 -22.13
CA ALA A 357 -31.17 44.70 -23.11
C ALA A 357 -32.68 44.93 -23.02
N ASN A 358 -33.42 43.89 -22.60
CA ASN A 358 -34.85 43.98 -22.37
C ASN A 358 -35.20 44.42 -20.96
N PHE A 359 -34.20 44.71 -20.12
CA PHE A 359 -34.43 45.12 -18.74
C PHE A 359 -34.38 46.65 -18.67
N ASN A 360 -35.53 47.26 -18.39
CA ASN A 360 -35.67 48.71 -18.42
C ASN A 360 -35.50 49.37 -17.05
N ALA A 361 -35.47 48.60 -15.98
CA ALA A 361 -35.17 49.18 -14.68
C ALA A 361 -33.73 49.68 -14.65
N ILE A 362 -33.53 50.87 -14.09
CA ILE A 362 -32.22 51.48 -13.99
C ILE A 362 -31.80 51.66 -12.54
N GLN A 363 -32.70 52.20 -11.71
CA GLN A 363 -32.38 52.52 -10.33
C GLN A 363 -33.30 51.84 -9.31
N ARG A 364 -34.51 51.43 -9.68
CA ARG A 364 -35.43 50.89 -8.69
C ARG A 364 -35.55 49.38 -8.82
N TRP A 365 -34.39 48.71 -8.80
CA TRP A 365 -34.31 47.27 -8.88
C TRP A 365 -33.15 46.79 -8.02
N GLN A 366 -33.19 45.52 -7.62
CA GLN A 366 -32.22 44.95 -6.70
C GLN A 366 -31.73 43.61 -7.23
N LEU A 367 -30.43 43.40 -7.10
CA LEU A 367 -29.77 42.15 -7.50
C LEU A 367 -29.47 41.40 -6.21
N VAL A 368 -30.35 40.47 -5.85
CA VAL A 368 -30.30 39.80 -4.56
C VAL A 368 -30.78 38.35 -4.71
N ASP A 369 -30.33 37.49 -3.79
CA ASP A 369 -30.71 36.08 -3.80
C ASP A 369 -31.96 35.91 -2.95
N LEU A 370 -33.12 36.13 -3.56
CA LEU A 370 -34.37 36.05 -2.82
C LEU A 370 -34.75 34.61 -2.48
N LYS A 371 -34.76 33.73 -3.48
CA LYS A 371 -35.21 32.35 -3.28
C LYS A 371 -34.12 31.44 -2.75
N GLY A 372 -32.96 31.99 -2.37
CA GLY A 372 -31.89 31.18 -1.81
C GLY A 372 -31.38 30.12 -2.77
N GLU A 373 -30.86 30.54 -3.92
CA GLU A 373 -30.30 29.62 -4.89
C GLU A 373 -28.79 29.74 -5.02
N GLY A 374 -28.15 30.60 -4.22
CA GLY A 374 -26.72 30.81 -4.28
C GLY A 374 -26.27 31.86 -5.28
N LEU A 375 -27.19 32.47 -6.02
CA LEU A 375 -26.91 33.52 -6.98
C LEU A 375 -27.98 34.60 -6.87
N PRO A 376 -27.62 35.87 -7.09
CA PRO A 376 -28.63 36.94 -6.99
C PRO A 376 -29.56 36.93 -8.19
N GLY A 377 -30.83 37.26 -7.93
CA GLY A 377 -31.83 37.40 -8.96
C GLY A 377 -32.27 38.85 -9.14
N LEU A 378 -33.15 39.05 -10.14
CA LEU A 378 -33.63 40.38 -10.47
C LEU A 378 -34.93 40.63 -9.73
N LEU A 379 -34.89 41.53 -8.76
CA LEU A 379 -36.07 41.97 -8.01
C LEU A 379 -36.41 43.39 -8.42
N TYR A 380 -37.68 43.60 -8.80
CA TYR A 380 -38.06 44.90 -9.35
C TYR A 380 -39.58 45.05 -9.34
N GLN A 381 -40.01 46.29 -9.55
CA GLN A 381 -41.42 46.68 -9.61
C GLN A 381 -41.79 46.94 -11.05
N ASP A 382 -42.82 46.27 -11.55
CA ASP A 382 -43.34 46.60 -12.88
C ASP A 382 -44.84 46.82 -12.81
N LYS A 383 -45.25 48.03 -13.12
CA LYS A 383 -46.61 48.53 -13.04
C LYS A 383 -47.42 47.92 -11.90
N GLY A 384 -47.11 48.41 -10.69
CA GLY A 384 -47.87 48.05 -9.52
C GLY A 384 -47.51 46.72 -8.91
N ALA A 385 -46.95 45.79 -9.68
CA ALA A 385 -46.67 44.45 -9.20
C ALA A 385 -45.17 44.26 -8.97
N TRP A 386 -44.86 43.30 -8.12
CA TRP A 386 -43.48 42.95 -7.84
C TRP A 386 -43.11 41.68 -8.60
N TRP A 387 -41.91 41.65 -9.17
CA TRP A 387 -41.46 40.54 -9.99
C TRP A 387 -40.06 40.11 -9.57
N TYR A 388 -39.77 38.83 -9.79
CA TYR A 388 -38.45 38.28 -9.48
C TYR A 388 -38.03 37.30 -10.55
N ARG A 389 -36.82 37.49 -11.09
CA ARG A 389 -36.27 36.64 -12.13
C ARG A 389 -35.06 35.90 -11.56
N SER A 390 -35.23 34.61 -11.30
CA SER A 390 -34.14 33.80 -10.77
C SER A 390 -33.03 33.66 -11.79
N ALA A 391 -31.81 33.45 -11.29
CA ALA A 391 -30.70 33.22 -12.18
C ALA A 391 -30.88 31.91 -12.94
N GLN A 392 -30.21 31.82 -14.08
CA GLN A 392 -30.43 30.69 -14.98
C GLN A 392 -29.16 30.43 -15.78
N ARG A 393 -29.00 29.19 -16.23
CA ARG A 393 -27.90 28.87 -17.12
C ARG A 393 -28.13 29.50 -18.49
N LEU A 394 -27.14 30.27 -18.95
CA LEU A 394 -27.16 30.84 -20.28
C LEU A 394 -26.31 29.99 -21.19
N GLY A 395 -26.93 29.42 -22.22
CA GLY A 395 -26.21 28.56 -23.15
C GLY A 395 -26.20 27.09 -22.76
N GLU A 396 -25.14 26.39 -23.10
CA GLU A 396 -25.07 24.95 -22.89
C GLU A 396 -24.70 24.62 -21.44
N ILE A 397 -25.14 23.45 -21.00
CA ILE A 397 -24.83 23.00 -19.65
C ILE A 397 -23.32 22.83 -19.50
N GLY A 398 -22.80 23.21 -18.34
CA GLY A 398 -21.39 23.16 -18.04
C GLY A 398 -20.69 24.50 -18.16
N SER A 399 -21.17 25.38 -19.04
CA SER A 399 -20.65 26.73 -19.10
C SER A 399 -20.88 27.44 -17.77
N ASP A 400 -20.27 28.61 -17.63
CA ASP A 400 -20.49 29.46 -16.48
C ASP A 400 -21.35 30.69 -16.82
N ALA A 401 -21.86 30.78 -18.05
CA ALA A 401 -22.64 31.95 -18.45
C ALA A 401 -23.97 31.99 -17.72
N VAL A 402 -24.37 33.18 -17.29
CA VAL A 402 -25.51 33.35 -16.39
C VAL A 402 -26.53 34.28 -17.04
N THR A 403 -27.79 33.85 -17.01
CA THR A 403 -28.89 34.72 -17.41
C THR A 403 -29.95 34.69 -16.33
N TRP A 404 -31.13 35.27 -16.59
CA TRP A 404 -32.20 35.29 -15.62
C TRP A 404 -33.50 34.86 -16.30
N GLU A 405 -34.22 33.93 -15.67
CA GLU A 405 -35.39 33.34 -16.29
C GLU A 405 -36.54 34.34 -16.32
N LYS A 406 -37.66 33.90 -16.88
CA LYS A 406 -38.82 34.77 -17.02
C LYS A 406 -39.39 35.12 -15.65
N MET A 407 -39.97 36.31 -15.56
CA MET A 407 -40.37 36.87 -14.28
C MET A 407 -41.41 35.98 -13.58
N GLN A 408 -41.42 36.07 -12.25
CA GLN A 408 -42.38 35.37 -11.42
C GLN A 408 -42.81 36.33 -10.32
N PRO A 409 -44.08 36.35 -9.97
CA PRO A 409 -44.54 37.25 -8.90
C PRO A 409 -44.11 36.75 -7.54
N LEU A 410 -43.87 37.71 -6.64
CA LEU A 410 -43.49 37.41 -5.27
C LEU A 410 -44.74 37.28 -4.41
N SER A 411 -44.79 36.20 -3.60
CA SER A 411 -46.02 35.84 -2.91
C SER A 411 -46.56 36.99 -2.06
N VAL A 412 -45.68 37.72 -1.42
CA VAL A 412 -46.15 38.74 -0.49
C VAL A 412 -46.65 39.95 -1.23
N ILE A 413 -47.46 40.72 -0.52
CA ILE A 413 -47.69 42.13 -0.86
C ILE A 413 -46.68 42.96 -0.09
N PRO A 414 -45.76 43.66 -0.75
CA PRO A 414 -44.70 44.38 0.00
C PRO A 414 -45.21 45.50 0.86
N SER A 415 -46.09 46.36 0.35
CA SER A 415 -46.90 47.12 1.27
C SER A 415 -47.97 46.21 1.86
N LEU A 416 -48.79 46.76 2.77
CA LEU A 416 -49.66 46.02 3.67
C LEU A 416 -48.78 45.49 4.81
N GLN A 417 -47.76 46.27 5.15
CA GLN A 417 -46.75 45.83 6.11
C GLN A 417 -46.08 47.04 6.77
N SER A 418 -45.66 46.82 8.01
CA SER A 418 -44.93 47.80 8.80
C SER A 418 -43.57 48.11 8.18
N ASN A 419 -43.09 49.32 8.44
CA ASN A 419 -41.76 49.71 7.98
C ASN A 419 -40.69 49.01 8.83
N ALA A 420 -39.60 48.65 8.15
CA ALA A 420 -38.46 47.98 8.77
C ALA A 420 -38.90 46.70 9.48
N SER A 421 -39.83 45.97 8.86
CA SER A 421 -40.42 44.77 9.42
C SER A 421 -39.87 43.54 8.71
N LEU A 422 -40.04 42.38 9.34
CA LEU A 422 -39.73 41.13 8.68
C LEU A 422 -40.81 40.82 7.64
N VAL A 423 -40.37 40.41 6.46
CA VAL A 423 -41.27 40.10 5.35
C VAL A 423 -41.14 38.62 5.04
N ASP A 424 -42.27 37.98 4.77
CA ASP A 424 -42.26 36.59 4.34
C ASP A 424 -41.97 36.57 2.85
N ILE A 425 -40.73 36.36 2.48
CA ILE A 425 -40.40 36.34 1.07
C ILE A 425 -40.72 34.95 0.50
N ASN A 426 -41.47 34.94 -0.60
CA ASN A 426 -41.89 33.76 -1.39
C ASN A 426 -42.99 32.93 -0.73
N GLY A 427 -43.72 33.48 0.24
CA GLY A 427 -44.86 32.78 0.82
C GLY A 427 -44.56 31.44 1.44
N ASP A 428 -43.45 31.33 2.17
CA ASP A 428 -42.93 30.04 2.63
C ASP A 428 -42.91 29.87 4.15
N GLY A 429 -43.39 30.85 4.91
CA GLY A 429 -43.24 30.80 6.36
C GLY A 429 -41.89 31.22 6.88
N GLN A 430 -40.96 31.61 6.01
CA GLN A 430 -39.61 31.96 6.42
C GLN A 430 -39.47 33.47 6.59
N LEU A 431 -38.53 33.86 7.44
CA LEU A 431 -38.40 35.24 7.93
C LEU A 431 -36.97 35.73 7.71
N ASP A 432 -36.60 36.01 6.46
CA ASP A 432 -35.21 36.29 6.13
C ASP A 432 -34.98 37.65 5.48
N TRP A 433 -36.00 38.51 5.41
CA TRP A 433 -35.83 39.79 4.72
C TRP A 433 -36.58 40.90 5.43
N VAL A 434 -35.98 42.09 5.47
CA VAL A 434 -36.58 43.27 6.05
C VAL A 434 -36.95 44.24 4.94
N ILE A 435 -38.09 44.90 5.08
CA ILE A 435 -38.64 45.79 4.05
C ILE A 435 -38.71 47.21 4.60
N THR A 436 -38.31 48.19 3.78
CA THR A 436 -38.35 49.60 4.16
C THR A 436 -38.77 50.45 2.96
N GLY A 437 -39.34 51.63 3.25
CA GLY A 437 -39.77 52.55 2.22
C GLY A 437 -40.89 53.49 2.64
N PRO A 438 -41.19 54.48 1.80
CA PRO A 438 -42.03 55.60 2.27
C PRO A 438 -43.50 55.26 2.45
N GLY A 439 -44.08 54.41 1.61
CA GLY A 439 -45.49 54.08 1.77
C GLY A 439 -45.79 53.21 2.97
N LEU A 440 -44.76 52.71 3.62
CA LEU A 440 -44.98 51.79 4.77
C LEU A 440 -45.26 52.55 6.06
N ARG A 441 -46.03 51.91 6.93
CA ARG A 441 -46.49 52.47 8.22
C ARG A 441 -45.32 52.50 9.21
N GLY A 442 -44.91 53.68 9.66
CA GLY A 442 -43.81 53.83 10.62
C GLY A 442 -42.69 54.66 10.07
N TYR A 443 -42.65 54.80 8.76
CA TYR A 443 -41.62 55.57 8.08
C TYR A 443 -41.83 57.06 8.33
N HIS A 444 -40.77 57.75 8.74
CA HIS A 444 -40.75 59.20 8.87
C HIS A 444 -39.38 59.69 8.43
N SER A 445 -39.30 60.40 7.32
CA SER A 445 -38.00 60.91 6.91
C SER A 445 -38.12 62.16 6.06
N GLN A 446 -37.43 63.21 6.52
CA GLN A 446 -37.33 64.54 5.95
C GLN A 446 -36.44 64.59 4.69
N ARG A 447 -35.76 63.50 4.36
CA ARG A 447 -34.70 63.58 3.36
C ARG A 447 -35.24 63.94 1.98
N PRO A 448 -34.61 64.89 1.27
CA PRO A 448 -35.22 65.46 0.07
C PRO A 448 -35.35 64.52 -1.11
N ASP A 449 -34.35 63.69 -1.36
CA ASP A 449 -34.35 62.97 -2.62
C ASP A 449 -35.03 61.61 -2.46
N GLY A 450 -35.60 61.14 -3.56
CA GLY A 450 -36.68 60.17 -3.49
C GLY A 450 -36.21 58.84 -2.94
N SER A 451 -37.09 58.19 -2.19
CA SER A 451 -36.91 56.85 -1.69
C SER A 451 -38.02 55.95 -2.21
N TRP A 452 -37.84 54.65 -2.05
CA TRP A 452 -38.78 53.66 -2.55
C TRP A 452 -38.69 52.42 -1.67
N THR A 453 -39.48 51.41 -2.01
CA THR A 453 -39.53 50.18 -1.23
C THR A 453 -38.28 49.35 -1.54
N ARG A 454 -37.55 48.98 -0.49
CA ARG A 454 -36.32 48.22 -0.61
C ARG A 454 -36.36 47.03 0.34
N PHE A 455 -35.64 45.98 -0.04
CA PHE A 455 -35.52 44.77 0.75
C PHE A 455 -34.08 44.62 1.23
N THR A 456 -33.92 44.25 2.49
CA THR A 456 -32.61 44.11 3.09
C THR A 456 -32.52 42.72 3.71
N PRO A 457 -31.46 41.95 3.42
CA PRO A 457 -31.34 40.61 3.99
C PRO A 457 -31.03 40.68 5.47
N LEU A 458 -31.67 39.78 6.23
CA LEU A 458 -31.51 39.80 7.68
C LEU A 458 -30.07 39.49 8.09
N ASN A 459 -29.33 38.75 7.26
CA ASN A 459 -27.97 38.38 7.59
C ASN A 459 -26.98 39.53 7.39
N ALA A 460 -27.44 40.70 6.95
CA ALA A 460 -26.63 41.90 6.90
C ALA A 460 -26.83 42.78 8.12
N LEU A 461 -27.76 42.42 9.01
CA LEU A 461 -28.03 43.10 10.26
C LEU A 461 -27.54 42.26 11.43
N PRO A 462 -27.24 42.90 12.57
CA PRO A 462 -26.82 42.14 13.75
C PRO A 462 -27.85 41.09 14.14
N VAL A 463 -27.36 40.04 14.82
CA VAL A 463 -28.19 38.92 15.23
C VAL A 463 -29.39 39.39 16.05
N GLU A 464 -29.20 40.43 16.85
CA GLU A 464 -30.22 40.91 17.78
C GLU A 464 -31.12 42.00 17.18
N TYR A 465 -31.18 42.10 15.85
CA TYR A 465 -31.96 43.17 15.23
C TYR A 465 -33.44 43.07 15.63
N THR A 466 -33.97 41.85 15.71
CA THR A 466 -35.37 41.67 16.04
C THR A 466 -35.67 41.86 17.52
N HIS A 467 -34.66 41.84 18.38
CA HIS A 467 -34.83 42.14 19.81
C HIS A 467 -33.60 42.89 20.29
N PRO A 468 -33.49 44.17 19.95
CA PRO A 468 -32.28 44.92 20.28
C PRO A 468 -32.19 45.27 21.75
N ARG A 469 -30.95 45.44 22.21
CA ARG A 469 -30.67 45.84 23.58
C ARG A 469 -29.32 46.54 23.62
N ALA A 470 -29.13 47.36 24.65
CA ALA A 470 -27.86 48.03 24.94
C ALA A 470 -27.50 48.93 23.76
N GLN A 471 -26.28 48.84 23.22
CA GLN A 471 -25.85 49.78 22.18
C GLN A 471 -26.72 49.67 20.94
N LEU A 472 -27.10 48.45 20.57
CA LEU A 472 -27.94 48.29 19.38
C LEU A 472 -29.28 48.98 19.57
N ALA A 473 -29.86 48.85 20.77
CA ALA A 473 -31.13 49.53 21.06
C ALA A 473 -30.97 51.03 20.99
N ASP A 474 -29.85 51.55 21.49
CA ASP A 474 -29.63 52.99 21.41
C ASP A 474 -29.36 53.45 19.97
N LEU A 475 -28.85 52.55 19.12
CA LEU A 475 -28.59 52.92 17.74
C LEU A 475 -29.90 53.05 16.95
N MET A 476 -30.86 52.17 17.22
CA MET A 476 -32.18 52.23 16.62
C MET A 476 -33.18 53.01 17.47
N GLY A 477 -32.69 53.82 18.43
CA GLY A 477 -33.58 54.45 19.38
C GLY A 477 -34.69 55.25 18.74
N ALA A 478 -34.35 56.02 17.70
CA ALA A 478 -35.36 56.75 16.97
C ALA A 478 -36.17 55.86 16.04
N GLY A 479 -35.68 54.67 15.73
CA GLY A 479 -36.24 53.85 14.68
C GLY A 479 -35.43 53.96 13.41
N LEU A 480 -35.87 53.23 12.40
CA LEU A 480 -35.17 53.19 11.11
C LEU A 480 -36.14 53.53 10.00
N SER A 481 -35.74 54.46 9.14
CA SER A 481 -36.56 54.80 7.98
C SER A 481 -36.21 53.93 6.77
N ASP A 482 -35.01 54.11 6.23
CA ASP A 482 -34.55 53.35 5.08
C ASP A 482 -33.36 52.49 5.47
N LEU A 483 -33.36 51.25 5.00
CA LEU A 483 -32.20 50.37 5.06
C LEU A 483 -31.77 50.15 3.62
N VAL A 484 -30.63 50.72 3.25
CA VAL A 484 -30.18 50.76 1.86
C VAL A 484 -28.94 49.90 1.72
N LEU A 485 -29.05 48.82 0.94
CA LEU A 485 -27.89 47.97 0.68
C LEU A 485 -26.86 48.76 -0.12
N ILE A 486 -25.61 48.75 0.37
CA ILE A 486 -24.48 49.32 -0.34
C ILE A 486 -23.47 48.23 -0.71
N GLY A 487 -23.93 46.98 -0.68
CA GLY A 487 -23.13 45.82 -0.96
C GLY A 487 -23.97 44.61 -0.66
N PRO A 488 -23.49 43.41 -0.99
CA PRO A 488 -24.28 42.21 -0.72
C PRO A 488 -24.68 42.07 0.75
N LYS A 489 -23.85 42.56 1.67
CA LYS A 489 -24.06 42.32 3.10
C LYS A 489 -23.77 43.57 3.92
N SER A 490 -23.89 44.74 3.31
CA SER A 490 -23.64 46.01 3.99
C SER A 490 -24.80 46.93 3.71
N VAL A 491 -25.36 47.51 4.77
CA VAL A 491 -26.59 48.31 4.72
C VAL A 491 -26.31 49.67 5.31
N ARG A 492 -26.61 50.71 4.55
CA ARG A 492 -26.63 52.07 5.07
C ARG A 492 -27.89 52.29 5.90
N LEU A 493 -27.74 53.04 7.01
CA LEU A 493 -28.81 53.20 7.99
C LEU A 493 -29.30 54.63 8.02
N TYR A 494 -30.62 54.79 8.08
CA TYR A 494 -31.25 56.08 8.23
C TYR A 494 -32.25 55.98 9.38
N ALA A 495 -32.04 56.78 10.42
CA ALA A 495 -33.00 56.84 11.51
C ALA A 495 -34.23 57.64 11.09
N ASN A 496 -35.35 57.39 11.79
CA ASN A 496 -36.57 58.14 11.53
C ASN A 496 -36.38 59.59 11.93
N THR A 497 -37.05 60.48 11.20
CA THR A 497 -36.78 61.91 11.31
C THR A 497 -37.46 62.51 12.55
N ARG A 498 -36.75 63.47 13.16
CA ARG A 498 -37.18 64.34 14.26
C ARG A 498 -36.84 63.79 15.64
N ASP A 499 -35.86 64.44 16.29
CA ASP A 499 -35.35 64.10 17.61
C ASP A 499 -36.33 64.52 18.70
N GLY A 500 -35.86 64.52 19.94
CA GLY A 500 -36.60 65.07 21.06
C GLY A 500 -36.12 66.47 21.42
N PHE A 501 -37.07 67.34 21.73
CA PHE A 501 -36.88 68.78 21.99
C PHE A 501 -35.87 69.46 21.07
N ALA A 502 -34.57 69.36 21.41
CA ALA A 502 -33.55 70.16 20.74
C ALA A 502 -33.47 69.90 19.23
N LYS A 503 -33.94 68.74 18.76
CA LYS A 503 -34.08 68.40 17.35
C LYS A 503 -32.72 68.29 16.63
N GLY A 504 -31.64 68.69 17.27
CA GLY A 504 -30.39 68.77 16.53
C GLY A 504 -29.23 67.91 16.98
N LYS A 505 -29.48 66.83 17.73
CA LYS A 505 -28.39 66.04 18.29
C LYS A 505 -27.84 65.06 17.26
N ASP A 506 -26.52 65.03 17.13
CA ASP A 506 -25.83 64.22 16.14
C ASP A 506 -25.50 62.83 16.65
N VAL A 507 -25.19 62.71 17.93
CA VAL A 507 -24.70 61.46 18.52
C VAL A 507 -25.63 61.04 19.65
N VAL A 508 -25.42 59.83 20.15
CA VAL A 508 -26.11 59.33 21.33
C VAL A 508 -25.10 58.60 22.19
N GLN A 509 -25.21 58.75 23.51
CA GLN A 509 -24.29 58.12 24.44
C GLN A 509 -24.88 56.82 24.96
N SER A 510 -24.10 55.74 24.87
CA SER A 510 -24.55 54.42 25.27
C SER A 510 -23.43 53.76 26.08
N GLY A 511 -23.53 53.81 27.40
CA GLY A 511 -22.50 53.23 28.25
C GLY A 511 -21.18 53.94 28.03
N ASP A 512 -20.15 53.18 27.67
CA ASP A 512 -18.81 53.70 27.40
C ASP A 512 -18.64 54.18 25.97
N ILE A 513 -19.68 54.12 25.15
CA ILE A 513 -19.57 54.31 23.71
C ILE A 513 -20.39 55.53 23.29
N THR A 514 -19.79 56.36 22.43
CA THR A 514 -20.50 57.45 21.76
C THR A 514 -20.87 56.96 20.36
N LEU A 515 -22.17 56.83 20.10
CA LEU A 515 -22.67 56.32 18.83
C LEU A 515 -23.25 57.44 17.98
N PRO A 516 -23.09 57.38 16.66
CA PRO A 516 -23.76 58.35 15.79
C PRO A 516 -25.19 57.92 15.46
N VAL A 517 -26.11 58.87 15.55
CA VAL A 517 -27.48 58.63 15.10
C VAL A 517 -27.45 58.55 13.58
N PRO A 518 -27.79 57.41 12.99
CA PRO A 518 -27.64 57.26 11.54
C PRO A 518 -28.56 58.21 10.78
N GLY A 519 -27.99 58.89 9.79
CA GLY A 519 -28.73 59.78 8.92
C GLY A 519 -28.70 61.24 9.32
N ALA A 520 -28.45 61.54 10.60
CA ALA A 520 -28.57 62.92 11.07
C ALA A 520 -27.45 63.81 10.58
N ASP A 521 -26.34 63.23 10.11
CA ASP A 521 -25.29 64.01 9.46
C ASP A 521 -25.22 63.62 8.00
N PRO A 522 -25.61 64.50 7.07
CA PRO A 522 -25.68 64.10 5.65
C PRO A 522 -24.31 63.94 5.00
N ARG A 523 -23.23 64.36 5.66
CA ARG A 523 -21.89 64.19 5.12
C ARG A 523 -21.18 62.99 5.72
N LYS A 524 -21.87 62.19 6.52
CA LYS A 524 -21.31 60.96 7.08
C LYS A 524 -22.14 59.77 6.64
N LEU A 525 -21.47 58.67 6.35
CA LEU A 525 -22.11 57.38 6.11
C LEU A 525 -22.13 56.60 7.42
N VAL A 526 -23.28 56.01 7.75
CA VAL A 526 -23.38 55.09 8.86
C VAL A 526 -23.97 53.79 8.31
N ALA A 527 -23.30 52.68 8.58
CA ALA A 527 -23.69 51.42 7.97
C ALA A 527 -23.29 50.24 8.85
N PHE A 528 -23.99 49.13 8.65
CA PHE A 528 -23.55 47.82 9.13
C PHE A 528 -22.72 47.18 8.04
N SER A 529 -21.51 46.74 8.39
CA SER A 529 -20.66 46.09 7.41
C SER A 529 -19.56 45.33 8.12
N ASP A 530 -19.20 44.16 7.58
CA ASP A 530 -18.13 43.35 8.16
C ASP A 530 -16.77 43.77 7.59
N VAL A 531 -16.37 44.99 7.98
CA VAL A 531 -15.07 45.52 7.55
C VAL A 531 -13.90 44.89 8.27
N LEU A 532 -14.14 43.96 9.19
CA LEU A 532 -13.06 43.27 9.89
C LEU A 532 -12.89 41.83 9.45
N GLY A 533 -13.81 41.30 8.64
CA GLY A 533 -13.75 39.94 8.17
C GLY A 533 -14.02 38.88 9.21
N SER A 534 -14.72 39.19 10.30
CA SER A 534 -14.88 38.22 11.37
C SER A 534 -16.23 37.48 11.32
N GLY A 535 -17.18 37.96 10.53
CA GLY A 535 -18.46 37.30 10.44
C GLY A 535 -19.59 37.90 11.27
N GLN A 536 -19.46 39.15 11.73
CA GLN A 536 -20.55 39.86 12.38
C GLN A 536 -20.84 41.15 11.61
N ALA A 537 -22.01 41.72 11.87
CA ALA A 537 -22.41 43.00 11.28
C ALA A 537 -21.87 44.10 12.19
N HIS A 538 -20.69 44.62 11.84
CA HIS A 538 -20.08 45.67 12.63
C HIS A 538 -20.64 47.04 12.23
N LEU A 539 -20.70 47.94 13.20
CA LEU A 539 -21.13 49.30 12.94
C LEU A 539 -19.98 50.09 12.33
N VAL A 540 -20.26 50.78 11.22
CA VAL A 540 -19.25 51.48 10.44
C VAL A 540 -19.70 52.91 10.19
N GLU A 541 -18.77 53.85 10.36
CA GLU A 541 -19.01 55.24 9.98
C GLU A 541 -17.88 55.69 9.05
N VAL A 542 -18.25 56.30 7.93
CA VAL A 542 -17.29 56.76 6.93
C VAL A 542 -17.50 58.25 6.73
N SER A 543 -16.45 59.03 6.98
CA SER A 543 -16.41 60.44 6.67
C SER A 543 -15.44 60.67 5.52
N ALA A 544 -15.21 61.94 5.19
CA ALA A 544 -14.24 62.26 4.16
C ALA A 544 -12.80 62.02 4.64
N THR A 545 -12.59 62.01 5.95
CA THR A 545 -11.24 61.92 6.52
C THR A 545 -10.90 60.55 7.08
N LYS A 546 -11.88 59.77 7.54
CA LYS A 546 -11.53 58.50 8.17
C LYS A 546 -12.72 57.54 8.12
N VAL A 547 -12.38 56.25 8.26
CA VAL A 547 -13.36 55.18 8.46
C VAL A 547 -13.26 54.73 9.91
N THR A 548 -14.39 54.59 10.57
CA THR A 548 -14.44 54.18 11.97
C THR A 548 -15.35 52.97 12.10
N CYS A 549 -14.95 52.02 12.95
CA CYS A 549 -15.69 50.79 13.12
C CYS A 549 -15.89 50.50 14.60
N TRP A 550 -17.11 50.15 14.96
CA TRP A 550 -17.41 49.67 16.30
C TRP A 550 -17.64 48.16 16.22
N PRO A 551 -16.76 47.33 16.77
CA PRO A 551 -16.95 45.88 16.64
C PRO A 551 -18.23 45.42 17.31
N ASN A 552 -18.96 44.57 16.62
CA ASN A 552 -20.14 43.93 17.19
C ASN A 552 -19.70 42.84 18.17
N LEU A 553 -20.10 42.98 19.43
CA LEU A 553 -19.75 42.02 20.48
C LEU A 553 -20.90 41.09 20.80
N GLY A 554 -21.99 41.15 20.04
CA GLY A 554 -23.16 40.33 20.30
C GLY A 554 -23.96 40.85 21.48
N ARG A 555 -25.18 40.31 21.59
CA ARG A 555 -26.13 40.73 22.61
C ARG A 555 -26.40 42.24 22.55
N GLY A 556 -26.33 42.82 21.36
CA GLY A 556 -26.52 44.25 21.20
C GLY A 556 -25.34 45.09 21.64
N ARG A 557 -24.25 44.50 22.10
CA ARG A 557 -23.11 45.29 22.52
C ARG A 557 -22.24 45.64 21.32
N PHE A 558 -21.64 46.83 21.38
CA PHE A 558 -20.63 47.28 20.44
C PHE A 558 -19.45 47.85 21.21
N GLY A 559 -18.24 47.51 20.78
CA GLY A 559 -17.04 47.89 21.49
C GLY A 559 -16.55 49.29 21.12
N GLN A 560 -15.37 49.61 21.64
CA GLN A 560 -14.80 50.93 21.43
C GLN A 560 -14.50 51.16 19.95
N PRO A 561 -14.64 52.39 19.48
CA PRO A 561 -14.37 52.66 18.06
C PRO A 561 -12.91 52.41 17.71
N ILE A 562 -12.69 51.94 16.48
CA ILE A 562 -11.35 51.70 15.96
C ILE A 562 -11.27 52.34 14.58
N THR A 563 -10.21 53.10 14.35
CA THR A 563 -10.00 53.77 13.07
C THR A 563 -9.34 52.82 12.09
N LEU A 564 -9.85 52.82 10.85
CA LEU A 564 -9.27 52.06 9.74
C LEU A 564 -8.69 53.04 8.74
N PRO A 565 -7.46 53.50 8.93
CA PRO A 565 -6.91 54.55 8.06
C PRO A 565 -6.73 54.08 6.63
N GLY A 566 -6.55 55.04 5.73
CA GLY A 566 -6.30 54.78 4.33
C GLY A 566 -7.36 55.33 3.39
N PHE A 567 -8.55 55.67 3.89
CA PHE A 567 -9.58 56.27 3.06
C PHE A 567 -9.53 57.79 3.19
N SER A 568 -9.69 58.47 2.06
CA SER A 568 -9.67 59.92 2.03
C SER A 568 -10.29 60.38 0.73
N GLN A 569 -11.14 61.40 0.82
CA GLN A 569 -11.68 62.09 -0.33
C GLN A 569 -11.71 63.58 -0.03
N PRO A 570 -11.57 64.42 -1.05
CA PRO A 570 -11.68 65.88 -0.82
C PRO A 570 -13.00 66.22 -0.16
N ALA A 571 -12.93 67.03 0.90
CA ALA A 571 -14.13 67.38 1.65
C ALA A 571 -15.19 68.02 0.76
N THR A 572 -14.77 68.74 -0.28
CA THR A 572 -15.74 69.34 -1.19
C THR A 572 -16.32 68.32 -2.16
N GLU A 573 -15.54 67.31 -2.52
CA GLU A 573 -15.96 66.27 -3.47
C GLU A 573 -16.69 65.10 -2.80
N PHE A 574 -16.56 64.94 -1.48
CA PHE A 574 -17.00 63.72 -0.83
C PHE A 574 -18.52 63.65 -0.74
N ASN A 575 -19.07 62.49 -1.09
CA ASN A 575 -20.51 62.26 -1.01
C ASN A 575 -20.76 60.89 -0.40
N PRO A 576 -21.42 60.82 0.76
CA PRO A 576 -21.66 59.52 1.39
C PRO A 576 -22.50 58.58 0.55
N ALA A 577 -23.42 59.09 -0.27
CA ALA A 577 -24.23 58.23 -1.11
C ALA A 577 -23.42 57.49 -2.17
N GLN A 578 -22.16 57.89 -2.36
CA GLN A 578 -21.30 57.31 -3.37
C GLN A 578 -20.36 56.24 -2.81
N VAL A 579 -20.45 55.93 -1.51
CA VAL A 579 -19.59 54.94 -0.89
C VAL A 579 -20.26 53.57 -0.99
N TYR A 580 -19.48 52.56 -1.38
CA TYR A 580 -19.95 51.18 -1.43
C TYR A 580 -18.99 50.30 -0.64
N LEU A 581 -19.55 49.27 -0.01
CA LEU A 581 -18.78 48.31 0.79
C LEU A 581 -19.14 46.91 0.33
N ALA A 582 -18.14 46.16 -0.12
CA ALA A 582 -18.34 44.77 -0.55
C ALA A 582 -16.99 44.05 -0.56
N ASP A 583 -17.04 42.75 -0.32
CA ASP A 583 -15.84 41.94 -0.36
C ASP A 583 -15.49 41.68 -1.83
N LEU A 584 -14.45 42.34 -2.32
CA LEU A 584 -14.04 42.25 -3.72
C LEU A 584 -12.99 41.15 -3.96
N ASP A 585 -12.09 40.94 -3.01
CA ASP A 585 -11.04 39.93 -3.15
C ASP A 585 -11.36 38.65 -2.41
N GLY A 586 -12.50 38.57 -1.74
CA GLY A 586 -12.90 37.37 -1.05
C GLY A 586 -12.08 37.02 0.16
N SER A 587 -11.21 37.91 0.63
CA SER A 587 -10.43 37.58 1.83
C SER A 587 -11.25 37.69 3.10
N GLY A 588 -12.37 38.40 3.09
CA GLY A 588 -13.18 38.49 4.27
C GLY A 588 -13.62 39.90 4.59
N PRO A 589 -12.67 40.78 4.90
CA PRO A 589 -13.03 42.16 5.22
C PRO A 589 -13.57 42.89 3.99
N THR A 590 -14.68 43.60 4.19
CA THR A 590 -15.33 44.29 3.08
C THR A 590 -14.46 45.45 2.59
N ASP A 591 -14.29 45.53 1.27
CA ASP A 591 -13.53 46.60 0.66
C ASP A 591 -14.45 47.78 0.34
N LEU A 592 -13.84 48.95 0.19
CA LEU A 592 -14.55 50.19 -0.06
C LEU A 592 -14.37 50.60 -1.52
N ILE A 593 -15.48 50.90 -2.18
CA ILE A 593 -15.50 51.41 -3.54
C ILE A 593 -16.02 52.84 -3.48
N TYR A 594 -15.29 53.77 -4.09
CA TYR A 594 -15.72 55.15 -4.20
C TYR A 594 -15.86 55.52 -5.68
N VAL A 595 -17.08 55.87 -6.08
CA VAL A 595 -17.39 56.13 -7.48
C VAL A 595 -17.24 57.62 -7.76
N HIS A 596 -16.66 57.93 -8.92
CA HIS A 596 -16.55 59.29 -9.42
C HIS A 596 -17.41 59.43 -10.67
N THR A 597 -17.33 60.61 -11.30
CA THR A 597 -18.04 60.79 -12.56
C THR A 597 -17.49 59.87 -13.64
N ASN A 598 -16.16 59.75 -13.74
CA ASN A 598 -15.52 59.03 -14.82
C ASN A 598 -14.77 57.78 -14.39
N ARG A 599 -14.69 57.51 -13.10
CA ARG A 599 -13.89 56.41 -12.59
C ARG A 599 -14.46 55.96 -11.25
N LEU A 600 -13.90 54.88 -10.71
CA LEU A 600 -14.18 54.47 -9.35
C LEU A 600 -12.88 54.07 -8.66
N ASP A 601 -12.76 54.42 -7.39
CA ASP A 601 -11.60 54.06 -6.59
C ASP A 601 -11.89 52.79 -5.80
N ILE A 602 -10.91 51.89 -5.79
CA ILE A 602 -11.04 50.61 -5.08
C ILE A 602 -10.06 50.65 -3.93
N PHE A 603 -10.58 50.65 -2.70
CA PHE A 603 -9.78 50.61 -1.48
C PHE A 603 -9.86 49.20 -0.90
N LEU A 604 -8.78 48.43 -1.06
CA LEU A 604 -8.77 47.06 -0.56
C LEU A 604 -8.51 47.05 0.94
N ASN A 605 -9.29 46.23 1.65
CA ASN A 605 -9.22 46.17 3.11
C ASN A 605 -8.07 45.27 3.52
N LYS A 606 -7.14 45.82 4.31
CA LYS A 606 -5.96 45.08 4.74
C LYS A 606 -6.29 44.35 6.05
N SER A 607 -7.03 43.26 5.92
CA SER A 607 -7.36 42.37 7.04
C SER A 607 -7.90 43.14 8.25
N GLY A 608 -8.76 44.13 7.98
CA GLY A 608 -9.41 44.91 9.03
C GLY A 608 -8.58 46.02 9.66
N ASN A 609 -7.39 46.29 9.13
CA ASN A 609 -6.46 47.23 9.77
C ASN A 609 -6.29 48.54 9.01
N GLY A 610 -6.87 48.66 7.83
CA GLY A 610 -6.70 49.84 7.02
C GLY A 610 -7.07 49.53 5.59
N PHE A 611 -6.76 50.49 4.72
CA PHE A 611 -7.05 50.34 3.30
C PHE A 611 -5.79 50.65 2.49
N ALA A 612 -5.51 49.79 1.51
CA ALA A 612 -4.38 50.04 0.62
C ALA A 612 -4.64 51.28 -0.23
N GLU A 613 -3.58 51.80 -0.83
CA GLU A 613 -3.74 52.93 -1.73
C GLU A 613 -4.69 52.55 -2.86
N PRO A 614 -5.64 53.42 -3.21
CA PRO A 614 -6.76 52.99 -4.04
C PRO A 614 -6.34 52.62 -5.45
N VAL A 615 -7.04 51.64 -6.01
CA VAL A 615 -6.91 51.24 -7.40
C VAL A 615 -8.01 51.92 -8.19
N THR A 616 -7.64 52.78 -9.14
CA THR A 616 -8.62 53.52 -9.91
C THR A 616 -9.03 52.72 -11.13
N LEU A 617 -10.34 52.62 -11.36
CA LEU A 617 -10.89 51.90 -12.49
C LEU A 617 -11.70 52.87 -13.36
N ARG A 618 -11.39 52.89 -14.65
CA ARG A 618 -12.08 53.79 -15.56
C ARG A 618 -13.40 53.18 -16.02
N PHE A 619 -14.44 54.02 -16.11
CA PHE A 619 -15.70 53.62 -16.70
C PHE A 619 -15.53 53.43 -18.20
N PRO A 620 -16.41 52.64 -18.82
CA PRO A 620 -16.33 52.49 -20.28
C PRO A 620 -16.43 53.85 -20.95
N GLU A 621 -15.55 54.06 -21.93
CA GLU A 621 -15.33 55.41 -22.46
C GLU A 621 -16.64 56.06 -22.87
N GLY A 622 -16.87 57.26 -22.33
CA GLY A 622 -18.07 58.02 -22.62
C GLY A 622 -19.23 57.66 -21.71
N LEU A 623 -18.94 57.42 -20.43
CA LEU A 623 -19.96 57.11 -19.44
C LEU A 623 -19.75 57.95 -18.21
N ARG A 624 -20.69 58.84 -17.91
CA ARG A 624 -20.61 59.78 -16.80
C ARG A 624 -21.57 59.32 -15.72
N PHE A 625 -21.03 58.83 -14.60
CA PHE A 625 -21.87 58.39 -13.49
C PHE A 625 -22.45 59.59 -12.76
N ASP A 626 -23.75 59.55 -12.50
CA ASP A 626 -24.44 60.66 -11.86
C ASP A 626 -25.58 60.10 -11.00
N HIS A 627 -26.39 61.02 -10.46
CA HIS A 627 -27.50 60.65 -9.58
C HIS A 627 -28.56 59.81 -10.28
N THR A 628 -28.60 59.82 -11.62
CA THR A 628 -29.55 59.02 -12.38
C THR A 628 -29.04 57.61 -12.67
N CYS A 629 -27.80 57.30 -12.35
CA CYS A 629 -27.22 55.99 -12.59
C CYS A 629 -27.33 55.12 -11.33
N GLN A 630 -27.04 53.84 -11.49
CA GLN A 630 -27.06 52.91 -10.36
C GLN A 630 -25.80 52.07 -10.42
N LEU A 631 -25.26 51.77 -9.23
CA LEU A 631 -24.19 50.81 -9.10
C LEU A 631 -24.57 49.80 -8.03
N GLN A 632 -24.46 48.52 -8.36
CA GLN A 632 -24.71 47.44 -7.43
C GLN A 632 -23.47 46.55 -7.35
N MET A 633 -23.15 46.12 -6.13
CA MET A 633 -22.11 45.15 -5.88
C MET A 633 -22.78 43.80 -5.69
N ALA A 634 -22.62 42.90 -6.65
CA ALA A 634 -23.35 41.64 -6.61
C ALA A 634 -22.47 40.49 -7.09
N ASP A 635 -22.65 39.35 -6.44
CA ASP A 635 -21.89 38.13 -6.73
C ASP A 635 -22.61 37.34 -7.83
N VAL A 636 -22.64 37.92 -9.03
CA VAL A 636 -23.29 37.26 -10.16
C VAL A 636 -22.51 36.06 -10.67
N GLN A 637 -21.30 35.83 -10.17
CA GLN A 637 -20.55 34.64 -10.54
C GLN A 637 -20.65 33.52 -9.52
N GLY A 638 -21.20 33.79 -8.34
CA GLY A 638 -21.24 32.79 -7.30
C GLY A 638 -19.88 32.43 -6.73
N LEU A 639 -18.94 33.38 -6.73
CA LEU A 639 -17.58 33.11 -6.26
C LEU A 639 -17.32 33.63 -4.85
N GLY A 640 -18.33 34.16 -4.18
CA GLY A 640 -18.12 34.81 -2.89
C GLY A 640 -17.49 36.18 -2.97
N VAL A 641 -17.34 36.73 -4.17
CA VAL A 641 -16.81 38.08 -4.36
C VAL A 641 -17.82 38.87 -5.17
N ALA A 642 -17.81 40.18 -4.97
CA ALA A 642 -18.78 41.04 -5.63
C ALA A 642 -18.22 41.59 -6.93
N SER A 643 -18.99 41.48 -8.00
CA SER A 643 -18.72 42.16 -9.25
C SER A 643 -19.43 43.52 -9.26
N LEU A 644 -19.10 44.32 -10.27
CA LEU A 644 -19.66 45.67 -10.44
C LEU A 644 -20.74 45.63 -11.51
N ILE A 645 -21.96 45.99 -11.14
CA ILE A 645 -23.09 46.01 -12.05
C ILE A 645 -23.54 47.47 -12.18
N LEU A 646 -23.37 48.02 -13.37
CA LEU A 646 -23.59 49.44 -13.63
C LEU A 646 -24.81 49.63 -14.51
N SER A 647 -25.66 50.60 -14.16
CA SER A 647 -26.90 50.84 -14.89
C SER A 647 -26.98 52.31 -15.27
N VAL A 648 -27.20 52.57 -16.55
CA VAL A 648 -27.22 53.94 -17.09
C VAL A 648 -28.57 54.21 -17.75
N PRO A 649 -29.14 55.40 -17.57
CA PRO A 649 -30.48 55.68 -18.05
C PRO A 649 -30.60 56.19 -19.49
N HIS A 650 -29.56 56.79 -20.05
CA HIS A 650 -29.65 57.45 -21.38
C HIS A 650 -28.75 56.74 -22.40
N MET A 651 -28.19 55.57 -22.10
CA MET A 651 -27.20 54.95 -23.04
C MET A 651 -27.51 53.49 -23.38
N SER A 652 -26.92 52.95 -24.46
CA SER A 652 -27.13 51.57 -24.81
C SER A 652 -25.79 50.92 -25.04
N PRO A 653 -25.51 49.77 -24.40
CA PRO A 653 -26.43 49.10 -23.46
C PRO A 653 -26.62 49.84 -22.13
N HIS A 654 -27.80 49.67 -21.52
CA HIS A 654 -28.08 50.34 -20.25
C HIS A 654 -27.39 49.66 -19.06
N HIS A 655 -26.84 48.46 -19.25
CA HIS A 655 -26.30 47.69 -18.15
C HIS A 655 -24.92 47.17 -18.50
N TRP A 656 -23.97 47.36 -17.58
CA TRP A 656 -22.59 46.97 -17.76
C TRP A 656 -22.12 46.19 -16.54
N ARG A 657 -21.31 45.16 -16.78
CA ARG A 657 -20.71 44.37 -15.73
C ARG A 657 -19.19 44.38 -15.88
N CYS A 658 -18.50 44.28 -14.75
CA CYS A 658 -17.06 44.16 -14.74
C CYS A 658 -16.68 43.22 -13.61
N ASP A 659 -16.18 42.04 -13.94
CA ASP A 659 -15.71 41.09 -12.95
C ASP A 659 -14.24 41.36 -12.67
N LEU A 660 -13.93 41.74 -11.43
CA LEU A 660 -12.53 41.97 -11.07
C LEU A 660 -11.74 40.66 -11.05
N THR A 661 -12.39 39.52 -10.85
CA THR A 661 -11.73 38.23 -10.90
C THR A 661 -12.75 37.17 -11.28
N ASN A 662 -12.26 36.11 -11.92
CA ASN A 662 -13.13 35.00 -12.37
C ASN A 662 -12.93 33.77 -11.47
N MET A 663 -12.05 33.86 -10.48
CA MET A 663 -11.84 32.76 -9.52
C MET A 663 -11.79 33.33 -8.12
N LYS A 664 -12.18 32.55 -7.13
CA LYS A 664 -12.08 33.05 -5.75
C LYS A 664 -10.61 33.17 -5.38
N PRO A 665 -10.09 34.34 -5.00
CA PRO A 665 -8.66 34.40 -4.66
C PRO A 665 -8.37 33.68 -3.36
N TRP A 666 -7.09 33.37 -3.17
CA TRP A 666 -6.50 32.80 -1.96
C TRP A 666 -6.80 31.32 -1.75
N LEU A 667 -7.57 30.67 -2.63
CA LEU A 667 -7.71 29.22 -2.56
C LEU A 667 -6.45 28.55 -3.10
N LEU A 668 -6.03 27.47 -2.45
CA LEU A 668 -4.89 26.68 -2.92
C LEU A 668 -5.20 26.07 -4.29
N ASN A 669 -4.36 26.35 -5.29
CA ASN A 669 -4.59 25.80 -6.63
C ASN A 669 -3.39 25.11 -7.25
N GLU A 670 -2.25 25.06 -6.58
CA GLU A 670 -1.08 24.39 -7.13
C GLU A 670 -0.21 23.88 -5.99
N MET A 671 0.39 22.71 -6.21
CA MET A 671 1.37 22.14 -5.30
C MET A 671 2.48 21.50 -6.13
N ASN A 672 3.68 21.48 -5.57
CA ASN A 672 4.82 20.84 -6.23
C ASN A 672 5.78 20.34 -5.17
N ASN A 673 6.09 19.04 -5.18
CA ASN A 673 7.02 18.48 -4.21
C ASN A 673 8.47 18.57 -4.65
N ASN A 674 8.74 19.19 -5.80
CA ASN A 674 10.11 19.39 -6.30
C ASN A 674 10.86 18.07 -6.46
N MET A 675 10.10 16.99 -6.72
CA MET A 675 10.65 15.66 -6.98
C MET A 675 10.05 15.04 -8.23
N GLY A 676 9.33 15.82 -9.03
CA GLY A 676 8.73 15.33 -10.27
C GLY A 676 7.22 15.36 -10.31
N VAL A 677 6.51 15.72 -9.24
CA VAL A 677 5.05 15.73 -9.23
C VAL A 677 4.58 17.16 -8.97
N HIS A 678 3.61 17.61 -9.75
CA HIS A 678 2.88 18.81 -9.39
C HIS A 678 1.40 18.58 -9.61
N HIS A 679 0.61 19.31 -8.81
CA HIS A 679 -0.82 19.09 -8.68
C HIS A 679 -1.51 20.43 -8.91
N THR A 680 -2.53 20.44 -9.75
CA THR A 680 -3.34 21.61 -9.98
C THR A 680 -4.76 21.35 -9.47
N LEU A 681 -5.36 22.38 -8.87
CA LEU A 681 -6.71 22.30 -8.34
C LEU A 681 -7.56 23.35 -9.02
N ARG A 682 -8.69 22.95 -9.56
CA ARG A 682 -9.66 23.88 -10.11
C ARG A 682 -10.96 23.78 -9.33
N TYR A 683 -11.55 24.93 -9.01
CA TYR A 683 -12.78 25.01 -8.23
C TYR A 683 -13.93 25.49 -9.10
N ARG A 684 -15.16 25.17 -8.69
CA ARG A 684 -16.34 25.62 -9.39
C ARG A 684 -17.45 25.86 -8.37
N SER A 685 -18.16 26.97 -8.52
CA SER A 685 -19.19 27.33 -7.56
C SER A 685 -20.30 26.28 -7.52
N SER A 686 -20.72 25.91 -6.31
CA SER A 686 -21.95 25.14 -6.19
C SER A 686 -23.12 25.82 -6.88
N SER A 687 -23.10 27.16 -6.95
CA SER A 687 -24.16 27.88 -7.66
C SER A 687 -24.18 27.50 -9.14
N GLN A 688 -23.01 27.31 -9.73
CA GLN A 688 -22.98 26.95 -11.15
C GLN A 688 -23.49 25.52 -11.35
N PHE A 689 -23.18 24.63 -10.40
CA PHE A 689 -23.73 23.28 -10.45
C PHE A 689 -25.24 23.29 -10.26
N TRP A 690 -25.76 24.20 -9.42
CA TRP A 690 -27.20 24.34 -9.31
C TRP A 690 -27.82 24.81 -10.62
N LEU A 691 -27.18 25.78 -11.28
CA LEU A 691 -27.67 26.21 -12.59
C LEU A 691 -27.67 25.06 -13.59
N ASP A 692 -26.60 24.27 -13.61
CA ASP A 692 -26.54 23.11 -14.48
C ASP A 692 -27.66 22.12 -14.16
N GLU A 693 -27.90 21.88 -12.87
CA GLU A 693 -28.91 20.91 -12.45
C GLU A 693 -30.31 21.38 -12.83
N LYS A 694 -30.59 22.66 -12.61
CA LYS A 694 -31.88 23.22 -13.00
C LYS A 694 -32.07 23.14 -14.50
N ALA A 695 -31.03 23.46 -15.27
CA ALA A 695 -31.14 23.41 -16.73
C ALA A 695 -31.36 21.98 -17.20
N ALA A 696 -30.71 21.01 -16.57
CA ALA A 696 -30.90 19.61 -16.95
C ALA A 696 -32.30 19.14 -16.62
N ALA A 697 -32.83 19.56 -15.47
CA ALA A 697 -34.18 19.13 -15.10
C ALA A 697 -35.27 19.84 -15.88
N LEU A 698 -34.89 20.90 -16.59
CA LEU A 698 -35.82 21.69 -17.43
C LEU A 698 -36.18 20.87 -18.66
N THR A 699 -35.19 20.18 -19.24
CA THR A 699 -35.39 19.38 -20.48
C THR A 699 -36.40 18.27 -20.22
N THR A 700 -36.33 17.69 -19.03
CA THR A 700 -37.16 16.61 -18.50
C THR A 700 -38.49 17.12 -17.94
N GLY A 701 -39.19 16.26 -17.19
CA GLY A 701 -40.50 16.65 -16.64
C GLY A 701 -40.35 17.63 -15.49
N GLN A 702 -39.61 17.22 -14.47
CA GLN A 702 -39.48 17.96 -13.18
C GLN A 702 -38.84 19.35 -13.30
N THR A 703 -39.15 20.17 -12.30
CA THR A 703 -38.64 21.53 -12.03
C THR A 703 -38.24 21.47 -10.56
N PRO A 704 -36.97 21.13 -10.24
CA PRO A 704 -36.57 20.85 -8.86
C PRO A 704 -36.42 22.11 -8.03
N VAL A 705 -36.21 21.88 -6.73
CA VAL A 705 -36.03 22.94 -5.76
C VAL A 705 -34.58 22.92 -5.28
N CYS A 706 -34.01 24.11 -5.11
CA CYS A 706 -32.65 24.26 -4.60
C CYS A 706 -32.70 24.29 -3.08
N TYR A 707 -31.81 23.53 -2.44
CA TYR A 707 -31.72 23.50 -0.98
C TYR A 707 -30.38 24.01 -0.47
N LEU A 708 -29.68 24.81 -1.27
CA LEU A 708 -28.40 25.38 -0.86
C LEU A 708 -28.41 26.87 -1.17
N PRO A 709 -28.55 27.74 -0.19
CA PRO A 709 -28.79 29.17 -0.45
C PRO A 709 -27.54 30.04 -0.54
N PHE A 710 -26.34 29.48 -0.62
CA PHE A 710 -25.14 30.29 -0.73
C PHE A 710 -24.10 29.51 -1.52
N PRO A 711 -23.12 30.19 -2.11
CA PRO A 711 -22.13 29.49 -2.94
C PRO A 711 -21.06 28.82 -2.11
N ILE A 712 -20.85 27.53 -2.38
CA ILE A 712 -19.69 26.79 -1.88
C ILE A 712 -18.73 26.60 -3.05
N HIS A 713 -17.45 26.86 -2.81
CA HIS A 713 -16.42 26.74 -3.85
C HIS A 713 -15.91 25.31 -3.86
N THR A 714 -16.65 24.46 -4.56
CA THR A 714 -16.33 23.05 -4.53
C THR A 714 -15.11 22.75 -5.37
N LEU A 715 -14.42 21.67 -5.02
CA LEU A 715 -13.31 21.19 -5.84
C LEU A 715 -13.87 20.51 -7.07
N TRP A 716 -13.63 21.08 -8.23
CA TRP A 716 -14.22 20.56 -9.45
C TRP A 716 -13.30 19.61 -10.20
N GLN A 717 -12.01 19.94 -10.27
CA GLN A 717 -11.08 19.17 -11.08
C GLN A 717 -9.70 19.26 -10.46
N THR A 718 -9.05 18.11 -10.32
CA THR A 718 -7.67 18.00 -9.90
C THR A 718 -6.86 17.34 -11.00
N GLU A 719 -5.64 17.82 -11.19
CA GLU A 719 -4.76 17.31 -12.22
C GLU A 719 -3.44 16.97 -11.57
N THR A 720 -3.02 15.72 -11.67
CA THR A 720 -1.70 15.28 -11.22
C THR A 720 -0.82 15.10 -12.44
N GLU A 721 0.28 15.86 -12.50
CA GLU A 721 1.20 15.81 -13.63
C GLU A 721 2.55 15.29 -13.15
N ASP A 722 3.01 14.21 -13.77
CA ASP A 722 4.35 13.69 -13.54
C ASP A 722 5.29 14.39 -14.51
N GLU A 723 6.20 15.21 -13.98
CA GLU A 723 7.15 15.93 -14.81
C GLU A 723 8.21 15.02 -15.43
N ILE A 724 8.44 13.83 -14.87
CA ILE A 724 9.47 12.94 -15.42
C ILE A 724 8.91 12.10 -16.56
N SER A 725 7.72 11.53 -16.36
CA SER A 725 7.09 10.70 -17.38
C SER A 725 6.26 11.51 -18.36
N GLY A 726 5.76 12.67 -17.93
CA GLY A 726 4.81 13.42 -18.73
C GLY A 726 3.37 12.98 -18.58
N ASN A 727 3.11 11.86 -17.90
CA ASN A 727 1.74 11.37 -17.79
C ASN A 727 0.94 12.26 -16.84
N LYS A 728 -0.35 12.40 -17.13
CA LYS A 728 -1.23 13.25 -16.35
C LYS A 728 -2.49 12.48 -15.99
N LEU A 729 -2.94 12.66 -14.75
CA LEU A 729 -4.20 12.11 -14.28
C LEU A 729 -5.12 13.27 -13.92
N VAL A 730 -6.29 13.32 -14.56
CA VAL A 730 -7.26 14.38 -14.33
C VAL A 730 -8.49 13.74 -13.66
N THR A 731 -8.86 14.27 -12.51
CA THR A 731 -10.04 13.82 -11.78
C THR A 731 -11.04 14.96 -11.81
N THR A 732 -12.23 14.70 -12.34
CA THR A 732 -13.28 15.69 -12.47
C THR A 732 -14.46 15.31 -11.59
N LEU A 733 -15.00 16.29 -10.87
CA LEU A 733 -16.07 16.06 -9.91
C LEU A 733 -17.30 16.86 -10.30
N ARG A 734 -18.47 16.26 -10.07
CA ARG A 734 -19.75 16.88 -10.35
C ARG A 734 -20.65 16.66 -9.13
N TYR A 735 -21.26 17.74 -8.65
CA TYR A 735 -22.08 17.69 -7.45
C TYR A 735 -23.52 18.04 -7.81
N ALA A 736 -24.47 17.43 -7.10
CA ALA A 736 -25.87 17.80 -7.20
C ALA A 736 -26.55 17.54 -5.86
N ARG A 737 -27.76 18.06 -5.74
CA ARG A 737 -28.59 17.93 -4.53
C ARG A 737 -27.83 18.44 -3.31
N GLY A 738 -27.37 19.68 -3.41
CA GLY A 738 -26.78 20.34 -2.26
C GLY A 738 -27.82 20.58 -1.19
N ALA A 739 -27.49 20.20 0.04
CA ALA A 739 -28.46 20.16 1.13
C ALA A 739 -27.99 21.07 2.26
N TRP A 740 -28.77 22.10 2.55
CA TRP A 740 -28.52 22.99 3.66
C TRP A 740 -29.73 22.94 4.59
N ASP A 741 -29.47 22.80 5.88
CA ASP A 741 -30.52 22.66 6.88
C ASP A 741 -30.71 23.99 7.57
N GLY A 742 -31.89 24.60 7.41
CA GLY A 742 -32.15 25.90 7.99
C GLY A 742 -32.45 25.90 9.48
N ARG A 743 -32.81 24.75 10.05
CA ARG A 743 -33.05 24.69 11.49
C ARG A 743 -31.74 24.77 12.26
N GLU A 744 -30.85 23.81 12.03
CA GLU A 744 -29.54 23.86 12.65
C GLU A 744 -28.58 24.82 11.93
N ARG A 745 -28.96 25.36 10.78
CA ARG A 745 -28.12 26.27 10.00
C ARG A 745 -26.79 25.61 9.64
N GLU A 746 -26.87 24.42 9.07
CA GLU A 746 -25.69 23.63 8.75
C GLU A 746 -25.80 23.07 7.34
N PHE A 747 -24.65 22.90 6.70
CA PHE A 747 -24.57 22.31 5.37
C PHE A 747 -24.52 20.80 5.51
N ARG A 748 -25.55 20.12 5.03
CA ARG A 748 -25.66 18.67 5.15
C ARG A 748 -24.80 17.92 4.15
N GLY A 749 -24.34 18.57 3.09
CA GLY A 749 -23.55 17.89 2.08
C GLY A 749 -24.32 17.75 0.77
N PHE A 750 -23.62 17.19 -0.21
CA PHE A 750 -24.18 16.97 -1.53
C PHE A 750 -24.75 15.55 -1.61
N GLY A 751 -26.03 15.45 -1.97
CA GLY A 751 -26.65 14.14 -2.11
C GLY A 751 -26.06 13.30 -3.24
N TYR A 752 -25.51 13.93 -4.28
CA TYR A 752 -24.94 13.23 -5.41
C TYR A 752 -23.57 13.81 -5.71
N VAL A 753 -22.55 12.94 -5.74
CA VAL A 753 -21.20 13.32 -6.13
C VAL A 753 -20.74 12.35 -7.20
N GLU A 754 -20.24 12.89 -8.32
CA GLU A 754 -19.84 12.09 -9.46
C GLU A 754 -18.37 12.36 -9.75
N GLN A 755 -17.57 11.30 -9.84
CA GLN A 755 -16.13 11.41 -10.05
C GLN A 755 -15.74 10.70 -11.34
N THR A 756 -14.99 11.39 -12.20
CA THR A 756 -14.42 10.81 -13.41
C THR A 756 -12.91 10.94 -13.34
N ASP A 757 -12.21 9.81 -13.49
CA ASP A 757 -10.75 9.78 -13.55
C ASP A 757 -10.34 9.49 -14.99
N SER A 758 -9.49 10.36 -15.54
CA SER A 758 -9.01 10.22 -16.92
C SER A 758 -7.49 10.25 -16.93
N HIS A 759 -6.91 9.39 -17.77
CA HIS A 759 -5.47 9.32 -17.96
C HIS A 759 -5.12 9.97 -19.28
N GLN A 760 -4.20 10.94 -19.24
CA GLN A 760 -3.64 11.53 -20.45
C GLN A 760 -2.17 11.14 -20.47
N LEU A 761 -1.85 10.05 -21.18
CA LEU A 761 -0.49 9.56 -21.22
C LEU A 761 0.34 10.37 -22.21
N ALA A 762 1.64 10.46 -21.92
CA ALA A 762 2.54 11.22 -22.76
C ALA A 762 2.57 10.65 -24.18
N GLN A 763 3.03 11.48 -25.12
CA GLN A 763 3.14 11.05 -26.51
C GLN A 763 4.05 9.83 -26.62
N GLY A 764 3.69 8.93 -27.52
CA GLY A 764 4.47 7.73 -27.74
C GLY A 764 4.10 6.54 -26.87
N ASN A 765 3.06 6.66 -26.06
CA ASN A 765 2.54 5.53 -25.32
C ASN A 765 1.58 4.75 -26.22
N ALA A 766 1.60 3.43 -26.07
CA ALA A 766 0.87 2.55 -26.98
C ALA A 766 -0.57 3.02 -27.15
N PRO A 767 -1.16 2.90 -28.35
CA PRO A 767 -2.55 3.33 -28.56
C PRO A 767 -3.52 2.62 -27.62
N GLU A 768 -2.98 1.69 -26.84
CA GLU A 768 -3.71 1.01 -25.77
C GLU A 768 -3.76 1.93 -24.56
N ARG A 769 -4.64 2.93 -24.65
CA ARG A 769 -4.90 3.78 -23.51
C ARG A 769 -5.94 3.12 -22.60
N THR A 770 -5.91 3.51 -21.33
CA THR A 770 -6.80 2.99 -20.26
C THR A 770 -7.92 4.01 -20.15
N PRO A 771 -9.19 3.67 -20.42
CA PRO A 771 -10.25 4.64 -20.54
C PRO A 771 -10.72 5.29 -19.24
N PRO A 772 -11.49 6.40 -19.32
CA PRO A 772 -11.93 7.14 -18.17
C PRO A 772 -12.90 6.30 -17.31
N ALA A 773 -12.70 6.35 -16.01
CA ALA A 773 -13.52 5.63 -15.05
C ALA A 773 -14.46 6.60 -14.34
N LEU A 774 -15.75 6.28 -14.35
CA LEU A 774 -16.80 7.10 -13.77
C LEU A 774 -17.41 6.41 -12.56
N THR A 775 -17.41 7.11 -11.42
CA THR A 775 -18.05 6.63 -10.21
C THR A 775 -19.22 7.55 -9.87
N LYS A 776 -20.42 6.97 -9.79
CA LYS A 776 -21.61 7.68 -9.32
C LYS A 776 -21.80 7.35 -7.85
N ASN A 777 -21.94 8.39 -7.01
CA ASN A 777 -22.08 8.22 -5.56
C ASN A 777 -23.27 9.01 -5.05
N TRP A 778 -24.08 8.39 -4.21
CA TRP A 778 -25.18 9.07 -3.56
C TRP A 778 -24.96 9.02 -2.06
N TYR A 779 -25.20 10.15 -1.41
CA TYR A 779 -24.96 10.32 0.02
C TYR A 779 -26.24 10.81 0.70
N ALA A 780 -26.46 10.33 1.92
CA ALA A 780 -27.62 10.78 2.68
C ALA A 780 -27.40 12.20 3.14
N THR A 781 -28.42 13.04 2.96
CA THR A 781 -28.38 14.41 3.46
C THR A 781 -29.06 14.57 4.80
N GLY A 782 -29.85 13.59 5.23
CA GLY A 782 -30.69 13.79 6.39
C GLY A 782 -31.93 14.60 6.13
N LEU A 783 -32.10 15.12 4.92
CA LEU A 783 -33.33 15.79 4.53
C LEU A 783 -34.18 14.81 3.74
N PRO A 784 -35.27 14.31 4.31
CA PRO A 784 -36.03 13.25 3.61
C PRO A 784 -36.51 13.65 2.23
N VAL A 785 -36.90 14.91 2.03
CA VAL A 785 -37.39 15.30 0.70
C VAL A 785 -36.30 15.08 -0.35
N ILE A 786 -35.03 15.23 0.03
CA ILE A 786 -33.94 14.93 -0.88
C ILE A 786 -33.65 13.43 -0.89
N ASP A 787 -33.46 12.85 0.29
CA ASP A 787 -33.01 11.46 0.38
C ASP A 787 -34.03 10.50 -0.22
N ASN A 788 -35.33 10.82 -0.11
CA ASN A 788 -36.35 9.90 -0.61
C ASN A 788 -36.39 9.84 -2.12
N ALA A 789 -35.74 10.79 -2.80
CA ALA A 789 -35.76 10.82 -4.26
C ALA A 789 -34.47 10.30 -4.89
N LEU A 790 -33.42 10.06 -4.09
CA LEU A 790 -32.12 9.70 -4.68
C LEU A 790 -32.20 8.38 -5.45
N SER A 791 -33.00 7.42 -4.96
CA SER A 791 -33.02 6.08 -5.54
C SER A 791 -33.52 6.07 -6.98
N THR A 792 -34.25 7.12 -7.40
CA THR A 792 -34.76 7.15 -8.77
C THR A 792 -33.63 7.21 -9.79
N GLU A 793 -32.46 7.69 -9.40
CA GLU A 793 -31.32 7.81 -10.31
C GLU A 793 -30.41 6.58 -10.29
N TYR A 794 -30.66 5.62 -9.40
CA TYR A 794 -29.82 4.42 -9.35
C TYR A 794 -29.95 3.63 -10.65
N TRP A 795 -28.84 2.98 -11.05
CA TRP A 795 -28.91 2.07 -12.19
C TRP A 795 -29.86 0.93 -11.88
N ARG A 796 -30.72 0.58 -12.84
CA ARG A 796 -31.85 -0.29 -12.57
C ARG A 796 -31.57 -1.71 -13.07
N ASP A 797 -31.67 -2.66 -12.15
CA ASP A 797 -31.62 -4.09 -12.44
C ASP A 797 -32.91 -4.69 -11.91
N ASP A 798 -33.77 -5.17 -12.82
CA ASP A 798 -35.06 -5.73 -12.44
C ASP A 798 -34.93 -6.85 -11.42
N GLN A 799 -33.84 -7.61 -11.45
CA GLN A 799 -33.68 -8.75 -10.56
C GLN A 799 -32.76 -8.46 -9.39
N ALA A 800 -32.31 -7.23 -9.23
CA ALA A 800 -31.58 -6.86 -8.02
C ALA A 800 -32.53 -6.95 -6.82
N PHE A 801 -31.95 -7.13 -5.63
CA PHE A 801 -32.73 -7.21 -4.40
C PHE A 801 -33.27 -5.83 -4.01
N ALA A 802 -34.32 -5.85 -3.19
CA ALA A 802 -34.94 -4.59 -2.78
C ALA A 802 -33.92 -3.68 -2.12
N GLY A 803 -34.00 -2.39 -2.42
CA GLY A 803 -33.06 -1.44 -1.87
C GLY A 803 -33.24 -1.27 -0.37
N PHE A 804 -32.29 -0.58 0.24
CA PHE A 804 -32.32 -0.37 1.69
C PHE A 804 -33.08 0.90 2.05
N SER A 805 -33.60 0.91 3.29
CA SER A 805 -34.24 2.08 3.89
C SER A 805 -33.75 2.22 5.32
N PRO A 806 -33.53 3.45 5.79
CA PRO A 806 -32.95 3.63 7.13
C PRO A 806 -33.79 2.98 8.21
N ARG A 807 -33.10 2.47 9.23
CA ARG A 807 -33.72 1.80 10.38
C ARG A 807 -33.57 2.70 11.60
N PHE A 808 -34.69 3.03 12.25
CA PHE A 808 -34.71 3.84 13.45
C PHE A 808 -35.08 2.97 14.64
N THR A 809 -34.33 3.11 15.74
CA THR A 809 -34.61 2.33 16.95
C THR A 809 -34.41 3.22 18.17
N THR A 810 -35.01 2.80 19.29
CA THR A 810 -34.68 3.33 20.59
C THR A 810 -34.01 2.23 21.41
N TRP A 811 -33.03 2.61 22.23
CA TRP A 811 -32.31 1.68 23.09
C TRP A 811 -33.08 1.52 24.39
N GLN A 812 -33.67 0.34 24.61
CA GLN A 812 -34.46 0.08 25.80
C GLN A 812 -34.07 -1.28 26.36
N ASP A 813 -33.81 -1.34 27.66
CA ASP A 813 -33.46 -2.60 28.34
C ASP A 813 -32.42 -3.39 27.54
N ASN A 814 -31.36 -2.68 27.14
CA ASN A 814 -30.20 -3.25 26.46
C ASN A 814 -30.53 -3.89 25.11
N LYS A 815 -31.49 -3.35 24.37
CA LYS A 815 -31.78 -3.90 23.05
C LYS A 815 -32.40 -2.81 22.18
N ASP A 816 -32.31 -3.03 20.86
CA ASP A 816 -32.89 -2.12 19.87
C ASP A 816 -34.37 -2.40 19.75
N VAL A 817 -35.19 -1.37 19.95
CA VAL A 817 -36.63 -1.46 19.72
C VAL A 817 -36.94 -0.61 18.50
N PRO A 818 -37.40 -1.19 17.39
CA PRO A 818 -37.72 -0.37 16.22
C PRO A 818 -38.85 0.59 16.53
N LEU A 819 -38.83 1.75 15.86
CA LEU A 819 -39.86 2.75 16.09
C LEU A 819 -40.05 3.60 14.86
N THR A 820 -41.24 4.17 14.76
CA THR A 820 -41.49 5.30 13.86
C THR A 820 -41.45 6.57 14.69
N PRO A 821 -40.61 7.55 14.32
CA PRO A 821 -40.51 8.77 15.13
C PRO A 821 -41.88 9.37 15.44
N GLU A 822 -42.04 9.78 16.71
CA GLU A 822 -43.35 10.11 17.23
C GLU A 822 -43.90 11.38 16.60
N ASP A 823 -43.09 12.42 16.49
CA ASP A 823 -43.54 13.68 15.93
C ASP A 823 -42.54 14.21 14.91
N ASP A 824 -42.76 15.46 14.46
CA ASP A 824 -41.88 16.04 13.45
C ASP A 824 -40.50 16.33 13.99
N ASN A 825 -40.39 16.65 15.28
CA ASN A 825 -39.08 16.94 15.87
C ASN A 825 -38.22 15.68 15.95
N SER A 826 -38.80 14.58 16.43
CA SER A 826 -38.09 13.31 16.45
C SER A 826 -37.71 12.88 15.04
N ARG A 827 -38.62 13.04 14.09
CA ARG A 827 -38.31 12.77 12.69
C ARG A 827 -37.10 13.58 12.24
N TYR A 828 -37.07 14.86 12.61
CA TYR A 828 -35.97 15.73 12.22
C TYR A 828 -34.64 15.22 12.77
N TRP A 829 -34.59 14.90 14.06
CA TRP A 829 -33.32 14.50 14.65
C TRP A 829 -32.86 13.13 14.14
N PHE A 830 -33.80 12.20 14.00
CA PHE A 830 -33.47 10.87 13.50
C PHE A 830 -32.95 10.94 12.06
N ASN A 831 -33.60 11.72 11.20
CA ASN A 831 -33.12 11.83 9.82
C ASN A 831 -31.81 12.60 9.76
N ARG A 832 -31.65 13.63 10.60
CA ARG A 832 -30.39 14.36 10.61
C ARG A 832 -29.22 13.45 10.92
N ALA A 833 -29.41 12.49 11.83
CA ALA A 833 -28.30 11.58 12.12
C ALA A 833 -27.88 10.72 10.92
N LEU A 834 -28.62 10.74 9.81
CA LEU A 834 -28.24 9.96 8.64
C LEU A 834 -27.21 10.66 7.77
N LYS A 835 -27.01 11.97 7.93
CA LYS A 835 -26.22 12.76 7.00
C LYS A 835 -24.79 12.23 6.84
N GLY A 836 -24.29 12.31 5.62
CA GLY A 836 -22.91 12.01 5.32
C GLY A 836 -22.67 10.60 4.83
N GLN A 837 -23.56 9.66 5.15
CA GLN A 837 -23.29 8.26 4.85
C GLN A 837 -23.48 7.99 3.36
N LEU A 838 -22.53 7.27 2.77
CA LEU A 838 -22.68 6.82 1.39
C LEU A 838 -23.81 5.81 1.31
N LEU A 839 -24.75 6.03 0.39
CA LEU A 839 -25.89 5.15 0.23
C LEU A 839 -25.74 4.20 -0.93
N ARG A 840 -24.95 4.56 -1.93
CA ARG A 840 -24.95 3.84 -3.20
C ARG A 840 -23.76 4.30 -4.04
N SER A 841 -23.00 3.34 -4.59
CA SER A 841 -21.84 3.63 -5.43
C SER A 841 -21.83 2.70 -6.63
N GLU A 842 -21.70 3.27 -7.83
CA GLU A 842 -21.69 2.52 -9.07
C GLU A 842 -20.49 2.97 -9.91
N LEU A 843 -19.73 1.99 -10.40
CA LEU A 843 -18.49 2.25 -11.14
C LEU A 843 -18.66 1.82 -12.58
N TYR A 844 -18.33 2.73 -13.50
CA TYR A 844 -18.48 2.54 -14.94
C TYR A 844 -17.17 2.77 -15.66
N GLY A 845 -17.05 2.13 -16.83
CA GLY A 845 -15.96 2.39 -17.74
C GLY A 845 -16.46 3.05 -19.00
N LEU A 846 -15.94 4.23 -19.32
CA LEU A 846 -16.46 5.04 -20.43
C LEU A 846 -15.73 4.69 -21.72
N ASP A 847 -16.00 3.48 -22.20
CA ASP A 847 -15.40 2.96 -23.43
C ASP A 847 -16.49 2.72 -24.47
N ASP A 848 -16.06 2.25 -25.64
CA ASP A 848 -17.00 1.97 -26.73
C ASP A 848 -17.74 0.66 -26.54
N SER A 849 -17.57 0.02 -25.39
CA SER A 849 -18.18 -1.26 -25.08
C SER A 849 -19.68 -1.29 -25.38
N THR A 850 -20.17 -2.49 -25.72
CA THR A 850 -21.62 -2.68 -25.83
C THR A 850 -22.30 -2.58 -24.46
N ASN A 851 -21.61 -2.99 -23.40
CA ASN A 851 -22.13 -2.84 -22.04
C ASN A 851 -21.53 -1.63 -21.33
N LYS A 852 -21.21 -0.58 -22.08
CA LYS A 852 -20.64 0.63 -21.49
C LYS A 852 -21.57 1.28 -20.47
N HIS A 853 -22.86 0.99 -20.52
CA HIS A 853 -23.82 1.57 -19.57
C HIS A 853 -24.14 0.66 -18.40
N VAL A 854 -23.55 -0.52 -18.33
CA VAL A 854 -23.71 -1.44 -17.20
C VAL A 854 -22.51 -1.24 -16.27
N PRO A 855 -22.72 -1.09 -14.97
CA PRO A 855 -21.58 -0.85 -14.07
C PRO A 855 -20.72 -2.09 -13.90
N TYR A 856 -19.47 -1.85 -13.49
CA TYR A 856 -18.60 -2.94 -13.07
C TYR A 856 -19.06 -3.48 -11.73
N THR A 857 -19.33 -2.58 -10.78
CA THR A 857 -19.70 -2.95 -9.43
C THR A 857 -20.78 -2.00 -8.94
N VAL A 858 -21.59 -2.50 -8.01
CA VAL A 858 -22.64 -1.71 -7.36
C VAL A 858 -22.60 -2.04 -5.88
N THR A 859 -22.46 -1.02 -5.02
CA THR A 859 -22.56 -1.20 -3.59
C THR A 859 -23.66 -0.29 -3.03
N GLU A 860 -24.31 -0.76 -1.96
CA GLU A 860 -25.34 0.02 -1.30
C GLU A 860 -25.31 -0.28 0.18
N PHE A 861 -25.78 0.69 0.98
CA PHE A 861 -25.60 0.66 2.42
C PHE A 861 -26.88 1.08 3.11
N ARG A 862 -27.12 0.49 4.28
CA ARG A 862 -28.28 0.77 5.10
C ARG A 862 -27.83 1.37 6.42
N SER A 863 -28.27 2.59 6.71
CA SER A 863 -27.97 3.22 7.99
C SER A 863 -29.01 2.83 9.03
N GLN A 864 -28.56 2.79 10.29
CA GLN A 864 -29.45 2.63 11.44
C GLN A 864 -29.16 3.75 12.42
N VAL A 865 -30.21 4.33 12.99
CA VAL A 865 -30.06 5.38 13.98
C VAL A 865 -30.73 4.90 15.25
N ARG A 866 -29.95 4.82 16.33
CA ARG A 866 -30.44 4.36 17.61
C ARG A 866 -30.49 5.52 18.60
N ARG A 867 -31.64 5.69 19.25
CA ARG A 867 -31.78 6.70 20.30
C ARG A 867 -31.30 6.14 21.63
N LEU A 868 -30.33 6.81 22.25
CA LEU A 868 -29.72 6.38 23.50
C LEU A 868 -30.26 7.13 24.71
N GLN A 869 -30.64 8.40 24.54
CA GLN A 869 -31.24 9.19 25.60
C GLN A 869 -32.17 10.20 24.96
N HIS A 870 -33.21 10.58 25.69
CA HIS A 870 -33.99 11.75 25.33
C HIS A 870 -34.47 12.45 26.60
N THR A 871 -33.56 12.59 27.57
CA THR A 871 -33.88 13.34 28.77
C THR A 871 -33.93 14.83 28.50
N ASP A 872 -33.17 15.31 27.51
CA ASP A 872 -33.20 16.72 27.14
C ASP A 872 -34.37 16.97 26.20
N SER A 873 -35.17 18.00 26.52
CA SER A 873 -36.31 18.33 25.68
C SER A 873 -35.90 18.90 24.33
N ARG A 874 -34.68 19.42 24.21
CA ARG A 874 -34.26 20.05 22.97
C ARG A 874 -33.90 19.02 21.89
N TYR A 875 -33.20 17.95 22.27
CA TYR A 875 -32.70 17.00 21.28
C TYR A 875 -32.32 15.71 21.97
N PRO A 876 -32.45 14.58 21.29
CA PRO A 876 -32.01 13.30 21.86
C PRO A 876 -30.56 13.00 21.52
N VAL A 877 -30.04 11.96 22.16
CA VAL A 877 -28.70 11.43 21.89
C VAL A 877 -28.87 10.21 20.98
N LEU A 878 -28.20 10.23 19.84
CA LEU A 878 -28.36 9.24 18.80
C LEU A 878 -27.00 8.62 18.44
N TRP A 879 -27.06 7.40 17.93
CA TRP A 879 -25.89 6.70 17.41
C TRP A 879 -26.26 6.16 16.04
N SER A 880 -25.56 6.63 15.02
CA SER A 880 -25.83 6.22 13.65
C SER A 880 -24.73 5.27 13.21
N SER A 881 -25.10 4.21 12.49
CA SER A 881 -24.14 3.23 12.02
C SER A 881 -24.69 2.56 10.78
N VAL A 882 -23.80 1.90 10.03
CA VAL A 882 -24.19 1.08 8.89
C VAL A 882 -24.53 -0.32 9.39
N VAL A 883 -25.80 -0.73 9.26
CA VAL A 883 -26.20 -2.06 9.71
C VAL A 883 -26.18 -3.10 8.61
N GLU A 884 -26.30 -2.69 7.36
CA GLU A 884 -26.25 -3.62 6.24
C GLU A 884 -25.48 -2.99 5.09
N SER A 885 -24.77 -3.83 4.35
CA SER A 885 -24.10 -3.42 3.14
C SER A 885 -24.24 -4.54 2.11
N ARG A 886 -24.35 -4.16 0.83
CA ARG A 886 -24.48 -5.12 -0.25
C ARG A 886 -23.50 -4.76 -1.36
N ASN A 887 -22.98 -5.79 -2.02
CA ASN A 887 -21.88 -5.63 -2.98
C ASN A 887 -22.17 -6.50 -4.20
N TYR A 888 -22.47 -5.88 -5.33
CA TYR A 888 -22.71 -6.57 -6.60
C TYR A 888 -21.47 -6.46 -7.49
N HIS A 889 -21.04 -7.59 -8.04
CA HIS A 889 -20.00 -7.63 -9.06
C HIS A 889 -20.67 -8.03 -10.37
N TYR A 890 -21.00 -7.03 -11.18
CA TYR A 890 -21.60 -7.30 -12.48
C TYR A 890 -20.56 -7.56 -13.56
N GLU A 891 -19.39 -6.91 -13.46
CA GLU A 891 -18.41 -6.90 -14.55
C GLU A 891 -19.07 -6.53 -15.86
N ARG A 892 -20.06 -5.65 -15.77
CA ARG A 892 -20.84 -5.15 -16.90
C ARG A 892 -21.63 -6.24 -17.60
N ILE A 893 -21.91 -7.35 -16.92
CA ILE A 893 -22.89 -8.33 -17.40
C ILE A 893 -24.13 -8.17 -16.52
N ALA A 894 -25.11 -7.43 -17.02
CA ALA A 894 -26.25 -7.04 -16.19
C ALA A 894 -27.01 -8.25 -15.66
N SER A 895 -27.00 -9.36 -16.37
CA SER A 895 -27.86 -10.49 -16.08
C SER A 895 -27.23 -11.55 -15.18
N ASP A 896 -25.92 -11.43 -14.83
CA ASP A 896 -25.25 -12.53 -14.13
C ASP A 896 -24.29 -12.07 -13.04
N PRO A 897 -24.69 -11.19 -12.13
CA PRO A 897 -23.76 -10.68 -11.13
C PRO A 897 -23.52 -11.69 -10.01
N GLN A 898 -22.43 -11.46 -9.28
CA GLN A 898 -22.27 -11.98 -7.94
C GLN A 898 -22.84 -10.96 -6.95
N CYS A 899 -23.20 -11.45 -5.77
CA CYS A 899 -23.74 -10.56 -4.75
C CYS A 899 -23.39 -11.09 -3.38
N SER A 900 -22.79 -10.24 -2.56
CA SER A 900 -22.56 -10.54 -1.16
C SER A 900 -23.24 -9.48 -0.31
N GLN A 901 -23.39 -9.75 0.99
CA GLN A 901 -24.11 -8.81 1.85
C GLN A 901 -23.60 -8.97 3.27
N ASN A 902 -23.31 -7.87 3.96
CA ASN A 902 -22.90 -7.90 5.35
C ASN A 902 -23.99 -7.30 6.24
N ILE A 903 -24.28 -7.97 7.37
CA ILE A 903 -25.38 -7.55 8.22
C ILE A 903 -24.94 -7.60 9.67
N THR A 904 -25.06 -6.48 10.37
CA THR A 904 -24.86 -6.45 11.83
C THR A 904 -26.22 -6.77 12.46
N LEU A 905 -26.38 -8.02 12.91
CA LEU A 905 -27.66 -8.46 13.47
C LEU A 905 -27.94 -7.81 14.82
N SER A 906 -26.91 -7.57 15.62
CA SER A 906 -27.10 -6.85 16.88
C SER A 906 -25.76 -6.32 17.32
N SER A 907 -25.82 -5.27 18.14
CA SER A 907 -24.65 -4.64 18.72
C SER A 907 -25.00 -4.21 20.13
N ASP A 908 -23.97 -3.95 20.94
CA ASP A 908 -24.21 -3.54 22.32
C ASP A 908 -24.28 -2.02 22.43
N ARG A 909 -24.39 -1.53 23.67
CA ARG A 909 -24.64 -0.11 23.89
C ARG A 909 -23.49 0.77 23.41
N PHE A 910 -22.30 0.22 23.23
CA PHE A 910 -21.16 0.97 22.72
C PHE A 910 -20.91 0.69 21.24
N GLY A 911 -21.86 0.07 20.55
CA GLY A 911 -21.73 -0.17 19.14
C GLY A 911 -20.88 -1.36 18.76
N GLN A 912 -20.42 -2.17 19.73
CA GLN A 912 -19.62 -3.36 19.41
C GLN A 912 -20.53 -4.47 18.90
N PRO A 913 -20.19 -5.11 17.79
CA PRO A 913 -21.09 -6.14 17.25
C PRO A 913 -21.15 -7.35 18.17
N LEU A 914 -22.36 -7.87 18.34
CA LEU A 914 -22.61 -9.10 19.10
C LEU A 914 -22.97 -10.26 18.20
N LYS A 915 -23.70 -9.99 17.11
CA LYS A 915 -24.08 -10.97 16.10
C LYS A 915 -23.97 -10.32 14.74
N GLN A 916 -23.25 -10.98 13.83
CA GLN A 916 -23.06 -10.51 12.46
C GLN A 916 -23.30 -11.65 11.48
N LEU A 917 -23.75 -11.30 10.28
CA LEU A 917 -23.95 -12.30 9.23
C LEU A 917 -23.31 -11.83 7.93
N SER A 918 -22.54 -12.70 7.30
CA SER A 918 -22.01 -12.45 5.97
C SER A 918 -22.70 -13.40 5.00
N VAL A 919 -23.25 -12.85 3.93
CA VAL A 919 -24.11 -13.59 3.01
C VAL A 919 -23.43 -13.61 1.65
N GLN A 920 -23.29 -14.81 1.08
CA GLN A 920 -22.84 -14.98 -0.30
C GLN A 920 -24.00 -15.59 -1.09
N TYR A 921 -24.55 -14.83 -2.02
CA TYR A 921 -25.73 -15.27 -2.73
C TYR A 921 -25.37 -16.22 -3.86
N PRO A 922 -26.31 -17.04 -4.30
CA PRO A 922 -26.05 -17.97 -5.39
C PRO A 922 -26.12 -17.31 -6.75
N ARG A 923 -25.51 -17.97 -7.74
CA ARG A 923 -25.61 -17.54 -9.12
C ARG A 923 -27.06 -17.64 -9.58
N ARG A 924 -27.49 -16.69 -10.39
CA ARG A 924 -28.83 -16.79 -10.97
C ARG A 924 -28.91 -18.01 -11.89
N GLN A 925 -30.11 -18.58 -11.98
CA GLN A 925 -30.36 -19.72 -12.86
C GLN A 925 -29.82 -19.46 -14.27
N GLN A 926 -29.16 -20.47 -14.84
CA GLN A 926 -28.69 -20.37 -16.20
C GLN A 926 -29.86 -20.09 -17.13
N PRO A 927 -29.87 -18.99 -17.88
CA PRO A 927 -30.91 -18.79 -18.88
C PRO A 927 -30.60 -19.57 -20.15
N ALA A 928 -31.64 -19.77 -20.96
CA ALA A 928 -31.44 -20.43 -22.24
C ALA A 928 -30.70 -19.54 -23.22
N ILE A 929 -30.85 -18.23 -23.08
CA ILE A 929 -30.20 -17.25 -23.96
C ILE A 929 -28.78 -16.97 -23.45
N ASN A 930 -27.84 -16.90 -24.39
CA ASN A 930 -26.47 -16.49 -24.08
C ASN A 930 -26.36 -14.98 -24.24
N LEU A 931 -25.95 -14.30 -23.18
CA LEU A 931 -25.77 -12.85 -23.23
C LEU A 931 -24.31 -12.44 -23.07
N TYR A 932 -23.41 -13.38 -23.13
CA TYR A 932 -21.98 -13.12 -23.05
C TYR A 932 -21.42 -12.89 -24.45
N PRO A 933 -20.22 -12.33 -24.58
CA PRO A 933 -19.65 -12.12 -25.92
C PRO A 933 -19.50 -13.43 -26.68
N ASP A 934 -19.83 -13.39 -27.98
CA ASP A 934 -19.74 -14.59 -28.80
C ASP A 934 -18.32 -14.91 -29.24
N THR A 935 -17.34 -14.13 -28.78
CA THR A 935 -15.94 -14.45 -29.00
C THR A 935 -15.45 -15.57 -28.08
N LEU A 936 -16.25 -15.98 -27.10
CA LEU A 936 -15.84 -17.04 -26.20
C LEU A 936 -15.89 -18.39 -26.92
N PRO A 937 -15.09 -19.35 -26.49
CA PRO A 937 -15.21 -20.70 -27.05
C PRO A 937 -16.63 -21.22 -26.88
N ASP A 938 -17.08 -21.98 -27.87
CA ASP A 938 -18.39 -22.62 -27.79
C ASP A 938 -18.47 -23.49 -26.56
N LYS A 939 -19.60 -23.40 -25.87
CA LYS A 939 -19.95 -24.15 -24.66
C LYS A 939 -19.17 -23.71 -23.43
N LEU A 940 -18.31 -22.69 -23.52
CA LEU A 940 -17.62 -22.20 -22.33
C LEU A 940 -18.62 -21.70 -21.29
N LEU A 941 -19.56 -20.84 -21.69
CA LEU A 941 -20.53 -20.32 -20.74
C LEU A 941 -21.28 -21.46 -20.04
N ALA A 942 -21.78 -22.42 -20.82
CA ALA A 942 -22.47 -23.57 -20.23
C ALA A 942 -21.57 -24.30 -19.24
N ASN A 943 -20.30 -24.49 -19.58
CA ASN A 943 -19.39 -25.21 -18.69
C ASN A 943 -18.89 -24.33 -17.55
N SER A 944 -19.30 -23.07 -17.50
CA SER A 944 -19.01 -22.21 -16.36
C SER A 944 -19.97 -22.44 -15.20
N TYR A 945 -21.02 -23.23 -15.39
CA TYR A 945 -22.02 -23.44 -14.36
C TYR A 945 -21.63 -24.64 -13.49
N ASP A 946 -21.75 -24.47 -12.17
CA ASP A 946 -21.25 -25.48 -11.22
C ASP A 946 -22.12 -25.41 -9.98
N ASP A 947 -22.43 -26.57 -9.42
CA ASP A 947 -23.31 -26.65 -8.25
C ASP A 947 -22.81 -25.77 -7.11
N GLN A 948 -21.49 -25.63 -6.97
CA GLN A 948 -20.94 -24.80 -5.89
C GLN A 948 -21.34 -23.33 -6.03
N GLN A 949 -21.81 -22.92 -7.21
CA GLN A 949 -22.28 -21.55 -7.37
C GLN A 949 -23.72 -21.35 -6.89
N ARG A 950 -24.44 -22.43 -6.55
CA ARG A 950 -25.88 -22.37 -6.33
C ARG A 950 -26.25 -22.60 -4.87
N GLN A 951 -25.34 -22.32 -3.95
CA GLN A 951 -25.59 -22.44 -2.52
C GLN A 951 -25.66 -21.05 -1.90
N LEU A 952 -26.68 -20.82 -1.09
CA LEU A 952 -26.74 -19.62 -0.26
C LEU A 952 -25.90 -19.87 0.97
N ARG A 953 -24.94 -18.99 1.24
CA ARG A 953 -23.96 -19.22 2.30
C ARG A 953 -24.02 -18.09 3.30
N LEU A 954 -24.38 -18.41 4.55
CA LEU A 954 -24.54 -17.43 5.62
C LEU A 954 -23.51 -17.72 6.71
N THR A 955 -22.50 -16.87 6.81
CA THR A 955 -21.49 -17.00 7.84
C THR A 955 -21.86 -16.14 9.04
N TYR A 956 -21.95 -16.77 10.20
CA TYR A 956 -22.60 -16.21 11.39
C TYR A 956 -21.58 -16.10 12.51
N GLN A 957 -21.17 -14.87 12.83
CA GLN A 957 -20.17 -14.64 13.86
C GLN A 957 -20.81 -14.03 15.10
N GLN A 958 -20.51 -14.63 16.25
CA GLN A 958 -20.89 -14.09 17.56
C GLN A 958 -19.64 -13.55 18.25
N SER A 959 -19.83 -12.46 19.00
CA SER A 959 -18.75 -11.77 19.69
C SER A 959 -19.18 -11.32 21.07
N SER A 960 -18.25 -11.36 22.02
CA SER A 960 -18.46 -10.81 23.35
C SER A 960 -17.29 -9.89 23.67
N TRP A 961 -17.52 -8.96 24.61
CA TRP A 961 -16.56 -7.90 24.86
C TRP A 961 -16.45 -7.64 26.35
N HIS A 962 -15.33 -7.06 26.75
CA HIS A 962 -15.16 -6.48 28.08
C HIS A 962 -15.22 -4.96 27.94
N HIS A 963 -16.12 -4.33 28.68
CA HIS A 963 -16.16 -2.87 28.82
C HIS A 963 -15.85 -2.52 30.27
N LEU A 964 -14.79 -1.75 30.48
CA LEU A 964 -14.43 -1.25 31.81
C LEU A 964 -14.92 0.19 31.94
N THR A 965 -15.98 0.39 32.72
CA THR A 965 -16.65 1.69 32.79
C THR A 965 -17.05 2.01 34.23
N ASN A 966 -16.48 3.07 34.79
CA ASN A 966 -17.07 3.70 35.96
C ASN A 966 -16.69 5.18 35.91
N ASN A 967 -16.86 5.87 37.04
CA ASN A 967 -16.61 7.31 37.08
C ASN A 967 -15.15 7.67 36.80
N THR A 968 -14.21 6.76 37.02
CA THR A 968 -12.78 7.06 36.87
C THR A 968 -12.06 6.08 35.95
N VAL A 969 -12.79 5.25 35.20
CA VAL A 969 -12.21 4.29 34.27
C VAL A 969 -13.07 4.24 33.01
N ARG A 970 -12.43 4.13 31.85
CA ARG A 970 -13.16 3.88 30.61
C ARG A 970 -12.24 3.20 29.60
N VAL A 971 -12.37 1.88 29.47
CA VAL A 971 -11.70 1.08 28.45
C VAL A 971 -12.79 0.26 27.77
N LEU A 972 -13.10 0.60 26.52
CA LEU A 972 -14.21 -0.02 25.81
C LEU A 972 -13.70 -0.98 24.74
N GLY A 973 -14.48 -2.02 24.49
CA GLY A 973 -14.24 -2.84 23.32
C GLY A 973 -13.08 -3.82 23.44
N LEU A 974 -12.80 -4.33 24.63
CA LEU A 974 -11.77 -5.36 24.78
C LEU A 974 -12.31 -6.71 24.34
N PRO A 975 -11.72 -7.35 23.33
CA PRO A 975 -12.26 -8.63 22.85
C PRO A 975 -12.31 -9.65 23.97
N ASP A 976 -13.43 -10.37 24.03
CA ASP A 976 -13.58 -11.44 25.00
C ASP A 976 -13.55 -12.75 24.25
N SER A 977 -14.66 -13.10 23.60
CA SER A 977 -14.77 -14.33 22.84
C SER A 977 -15.38 -14.05 21.47
N THR A 978 -15.09 -14.94 20.52
CA THR A 978 -15.70 -14.94 19.20
C THR A 978 -15.98 -16.38 18.79
N ARG A 979 -17.05 -16.57 18.01
CA ARG A 979 -17.38 -17.88 17.45
C ARG A 979 -17.94 -17.69 16.04
N SER A 980 -17.63 -18.63 15.14
CA SER A 980 -18.20 -18.60 13.81
C SER A 980 -18.88 -19.93 13.48
N ASP A 981 -20.03 -19.83 12.81
CA ASP A 981 -20.71 -20.96 12.20
C ASP A 981 -21.16 -20.55 10.81
N ILE A 982 -21.62 -21.52 10.03
CA ILE A 982 -22.07 -21.22 8.67
C ILE A 982 -23.30 -22.05 8.36
N PHE A 983 -24.30 -21.39 7.76
CA PHE A 983 -25.49 -22.02 7.23
C PHE A 983 -25.36 -22.10 5.72
N THR A 984 -25.61 -23.29 5.15
CA THR A 984 -25.50 -23.51 3.72
C THR A 984 -26.80 -24.11 3.22
N TYR A 985 -27.42 -23.46 2.24
CA TYR A 985 -28.73 -23.86 1.73
C TYR A 985 -28.71 -23.86 0.21
N VAL A 986 -29.49 -24.78 -0.39
CA VAL A 986 -29.72 -24.76 -1.83
C VAL A 986 -30.46 -23.49 -2.22
N ALA A 987 -30.22 -23.03 -3.44
CA ALA A 987 -30.68 -21.69 -3.85
C ALA A 987 -32.19 -21.49 -3.80
N GLU A 988 -32.98 -22.56 -3.69
CA GLU A 988 -34.43 -22.38 -3.67
C GLU A 988 -34.88 -21.44 -2.55
N ASN A 989 -34.14 -21.39 -1.45
CA ASN A 989 -34.61 -20.70 -0.25
C ASN A 989 -34.06 -19.28 -0.12
N VAL A 990 -33.72 -18.65 -1.23
CA VAL A 990 -33.46 -17.21 -1.27
C VAL A 990 -34.78 -16.51 -1.57
N PRO A 991 -35.31 -15.69 -0.67
CA PRO A 991 -36.56 -14.97 -0.96
C PRO A 991 -36.39 -14.02 -2.14
N ALA A 992 -37.53 -13.66 -2.74
CA ALA A 992 -37.52 -12.83 -3.95
C ALA A 992 -36.72 -11.56 -3.75
N GLY A 993 -37.07 -10.77 -2.74
CA GLY A 993 -36.35 -9.54 -2.48
C GLY A 993 -35.01 -9.70 -1.81
N GLY A 994 -34.60 -10.93 -1.50
CA GLY A 994 -33.32 -11.17 -0.83
C GLY A 994 -33.44 -11.09 0.68
N LEU A 995 -32.29 -11.10 1.34
CA LEU A 995 -32.24 -11.08 2.79
C LEU A 995 -32.03 -9.67 3.32
N ASN A 996 -32.45 -9.46 4.57
CA ASN A 996 -32.21 -8.22 5.30
C ASN A 996 -32.30 -8.52 6.79
N LEU A 997 -32.02 -7.51 7.61
CA LEU A 997 -31.95 -7.73 9.05
C LEU A 997 -33.27 -8.22 9.63
N GLU A 998 -34.38 -7.63 9.20
CA GLU A 998 -35.69 -8.02 9.73
C GLU A 998 -36.04 -9.45 9.34
N LEU A 999 -35.82 -9.82 8.07
CA LEU A 999 -36.11 -11.18 7.64
C LEU A 999 -35.28 -12.19 8.42
N LEU A 1000 -34.02 -11.86 8.69
CA LEU A 1000 -33.13 -12.78 9.37
C LEU A 1000 -33.32 -12.80 10.88
N SER A 1001 -34.04 -11.82 11.44
CA SER A 1001 -34.31 -11.80 12.87
C SER A 1001 -35.67 -12.42 13.23
N ASP A 1002 -36.47 -12.76 12.23
CA ASP A 1002 -37.74 -13.44 12.46
C ASP A 1002 -37.51 -14.80 13.10
N LYS A 1003 -38.55 -15.30 13.78
CA LYS A 1003 -38.41 -16.54 14.55
C LYS A 1003 -38.25 -17.77 13.65
N ASN A 1004 -38.74 -17.72 12.42
CA ASN A 1004 -38.60 -18.81 11.47
C ASN A 1004 -37.48 -18.57 10.47
N SER A 1005 -36.58 -17.64 10.77
CA SER A 1005 -35.58 -17.23 9.79
C SER A 1005 -34.60 -18.37 9.50
N LEU A 1006 -33.83 -18.19 8.42
CA LEU A 1006 -32.84 -19.19 8.03
C LEU A 1006 -31.74 -19.35 9.07
N ILE A 1007 -31.62 -18.42 10.01
CA ILE A 1007 -30.62 -18.56 11.05
C ILE A 1007 -31.27 -18.69 12.43
N ALA A 1008 -32.50 -19.18 12.50
CA ALA A 1008 -33.15 -19.28 13.79
C ALA A 1008 -32.39 -20.28 14.66
N ASP A 1009 -32.46 -20.06 15.98
CA ASP A 1009 -31.60 -20.77 16.91
C ASP A 1009 -31.92 -22.26 16.98
N ASP A 1010 -33.09 -22.68 16.51
CA ASP A 1010 -33.39 -24.11 16.40
C ASP A 1010 -32.86 -24.73 15.11
N LYS A 1011 -32.37 -23.92 14.17
CA LYS A 1011 -31.87 -24.41 12.88
C LYS A 1011 -30.44 -24.93 13.04
N PRO A 1012 -30.12 -26.06 12.40
CA PRO A 1012 -28.74 -26.56 12.46
C PRO A 1012 -27.76 -25.68 11.72
N ARG A 1013 -26.54 -25.59 12.25
CA ARG A 1013 -25.46 -24.86 11.61
C ARG A 1013 -24.15 -25.64 11.79
N GLU A 1014 -23.19 -25.39 10.90
CA GLU A 1014 -21.91 -26.07 10.97
C GLU A 1014 -20.89 -25.20 11.69
N TYR A 1015 -20.15 -25.80 12.61
CA TYR A 1015 -19.21 -25.05 13.44
C TYR A 1015 -17.91 -24.78 12.69
N LEU A 1016 -17.47 -23.51 12.71
CA LEU A 1016 -16.25 -23.08 12.07
C LEU A 1016 -15.10 -22.90 13.05
N GLY A 1017 -15.34 -22.30 14.20
CA GLY A 1017 -14.27 -22.10 15.16
C GLY A 1017 -14.69 -21.15 16.25
N GLN A 1018 -13.76 -20.96 17.18
CA GLN A 1018 -13.96 -20.01 18.25
C GLN A 1018 -12.60 -19.57 18.77
N GLN A 1019 -12.61 -18.48 19.52
CA GLN A 1019 -11.39 -17.91 20.06
C GLN A 1019 -11.74 -17.09 21.30
N LYS A 1020 -10.91 -17.23 22.33
CA LYS A 1020 -11.04 -16.43 23.55
C LYS A 1020 -9.72 -15.72 23.81
N THR A 1021 -9.81 -14.48 24.30
CA THR A 1021 -8.64 -13.71 24.68
C THR A 1021 -8.53 -13.73 26.19
N ALA A 1022 -7.39 -14.21 26.72
CA ALA A 1022 -7.17 -14.29 28.15
C ALA A 1022 -6.39 -13.06 28.62
N TYR A 1023 -6.79 -12.51 29.76
CA TYR A 1023 -6.15 -11.31 30.31
C TYR A 1023 -5.52 -11.60 31.66
N THR A 1024 -4.47 -10.86 31.98
CA THR A 1024 -3.78 -10.98 33.26
C THR A 1024 -3.72 -9.63 33.95
N ASP A 1025 -3.58 -9.65 35.27
CA ASP A 1025 -3.30 -8.41 35.98
C ASP A 1025 -1.82 -8.06 35.95
N GLY A 1026 -0.98 -8.94 35.39
CA GLY A 1026 0.45 -8.72 35.34
C GLY A 1026 1.22 -9.26 36.53
N GLN A 1027 0.53 -9.70 37.59
CA GLN A 1027 1.19 -10.21 38.79
C GLN A 1027 0.94 -11.69 39.04
N ASN A 1028 -0.19 -12.24 38.59
CA ASN A 1028 -0.48 -13.65 38.74
C ASN A 1028 -0.74 -14.27 37.37
N THR A 1029 -0.64 -15.59 37.31
CA THR A 1029 -0.77 -16.33 36.06
C THR A 1029 -2.20 -16.71 35.72
N THR A 1030 -3.10 -16.70 36.70
CA THR A 1030 -4.48 -17.11 36.44
C THR A 1030 -5.19 -16.03 35.64
N PRO A 1031 -5.81 -16.38 34.51
CA PRO A 1031 -6.58 -15.39 33.74
C PRO A 1031 -7.65 -14.73 34.60
N LEU A 1032 -7.89 -13.45 34.31
CA LEU A 1032 -8.88 -12.66 35.03
C LEU A 1032 -10.26 -12.83 34.44
N GLN A 1033 -11.28 -12.74 35.30
CA GLN A 1033 -12.64 -12.68 34.80
C GLN A 1033 -12.92 -11.32 34.16
N THR A 1034 -12.26 -10.28 34.65
CA THR A 1034 -12.41 -8.92 34.13
C THR A 1034 -11.02 -8.33 33.96
N PRO A 1035 -10.65 -7.87 32.78
CA PRO A 1035 -9.31 -7.30 32.60
C PRO A 1035 -9.14 -6.00 33.37
N THR A 1036 -7.90 -5.70 33.71
CA THR A 1036 -7.59 -4.41 34.31
C THR A 1036 -7.55 -3.33 33.25
N ARG A 1037 -7.45 -2.08 33.70
CA ARG A 1037 -7.38 -0.95 32.77
C ARG A 1037 -6.23 -1.10 31.78
N GLN A 1038 -5.14 -1.78 32.17
CA GLN A 1038 -4.02 -1.99 31.28
C GLN A 1038 -4.34 -2.98 30.15
N ALA A 1039 -5.39 -3.78 30.31
CA ALA A 1039 -5.84 -4.73 29.30
C ALA A 1039 -4.69 -5.62 28.82
N LEU A 1040 -4.02 -6.26 29.77
CA LEU A 1040 -2.84 -7.06 29.48
C LEU A 1040 -3.23 -8.46 28.99
N ILE A 1041 -2.84 -8.79 27.76
CA ILE A 1041 -3.23 -10.08 27.18
C ILE A 1041 -2.26 -11.14 27.68
N ALA A 1042 -2.81 -12.19 28.32
CA ALA A 1042 -1.96 -13.26 28.82
C ALA A 1042 -1.63 -14.26 27.72
N PHE A 1043 -2.60 -14.60 26.89
CA PHE A 1043 -2.46 -15.52 25.76
C PHE A 1043 -3.78 -15.53 25.01
N THR A 1044 -3.77 -16.18 23.85
CA THR A 1044 -4.96 -16.36 23.05
C THR A 1044 -5.30 -17.85 22.96
N GLU A 1045 -6.58 -18.17 23.06
CA GLU A 1045 -7.09 -19.54 23.08
C GLU A 1045 -7.88 -19.76 21.79
N THR A 1046 -7.31 -20.55 20.87
CA THR A 1046 -7.87 -20.79 19.53
C THR A 1046 -8.22 -22.25 19.38
N THR A 1047 -9.44 -22.53 18.91
CA THR A 1047 -9.88 -23.90 18.70
C THR A 1047 -9.28 -24.47 17.41
N VAL A 1048 -8.86 -25.73 17.48
CA VAL A 1048 -8.20 -26.39 16.36
C VAL A 1048 -8.96 -27.64 15.91
N PHE A 1049 -9.55 -28.37 16.86
CA PHE A 1049 -10.26 -29.61 16.58
C PHE A 1049 -11.63 -29.62 17.27
N ASN A 1050 -12.61 -30.19 16.58
CA ASN A 1050 -13.80 -30.73 17.19
C ASN A 1050 -13.87 -32.21 16.85
N GLN A 1051 -14.91 -32.89 17.37
CA GLN A 1051 -15.03 -34.31 17.14
C GLN A 1051 -15.07 -34.65 15.66
N SER A 1052 -15.71 -33.79 14.86
CA SER A 1052 -15.79 -34.04 13.42
C SER A 1052 -14.42 -34.01 12.76
N THR A 1053 -13.59 -33.00 13.10
CA THR A 1053 -12.29 -32.90 12.45
C THR A 1053 -11.36 -34.03 12.85
N LEU A 1054 -11.48 -34.55 14.07
CA LEU A 1054 -10.63 -35.64 14.53
C LEU A 1054 -10.84 -36.95 13.77
N SER A 1055 -11.89 -37.07 12.97
CA SER A 1055 -12.10 -38.35 12.29
C SER A 1055 -11.10 -38.56 11.17
N ALA A 1056 -10.34 -37.53 10.79
CA ALA A 1056 -9.21 -37.73 9.89
C ALA A 1056 -8.15 -38.63 10.49
N PHE A 1057 -8.15 -38.80 11.81
CA PHE A 1057 -7.16 -39.65 12.48
C PHE A 1057 -7.69 -41.06 12.73
N ASN A 1058 -8.85 -41.41 12.16
CA ASN A 1058 -9.36 -42.77 12.30
C ASN A 1058 -8.43 -43.73 11.56
N GLY A 1059 -8.01 -44.78 12.26
CA GLY A 1059 -7.10 -45.76 11.70
C GLY A 1059 -5.63 -45.45 11.87
N SER A 1060 -5.28 -44.22 12.25
CA SER A 1060 -3.89 -43.83 12.48
C SER A 1060 -3.57 -43.64 13.96
N ILE A 1061 -4.51 -43.17 14.76
CA ILE A 1061 -4.31 -42.99 16.18
C ILE A 1061 -5.43 -43.75 16.89
N PRO A 1062 -5.12 -44.74 17.73
CA PRO A 1062 -6.18 -45.47 18.43
C PRO A 1062 -7.01 -44.54 19.29
N SER A 1063 -8.31 -44.86 19.39
CA SER A 1063 -9.24 -44.00 20.12
C SER A 1063 -8.83 -43.84 21.57
N ASP A 1064 -8.32 -44.91 22.19
CA ASP A 1064 -7.92 -44.86 23.59
C ASP A 1064 -6.64 -44.07 23.82
N LYS A 1065 -5.93 -43.69 22.76
CA LYS A 1065 -4.73 -42.88 22.88
C LYS A 1065 -4.88 -41.49 22.28
N LEU A 1066 -6.03 -41.19 21.69
CA LEU A 1066 -6.19 -39.92 20.98
C LEU A 1066 -6.06 -38.74 21.93
N SER A 1067 -6.75 -38.78 23.07
CA SER A 1067 -6.70 -37.66 24.00
C SER A 1067 -5.29 -37.44 24.52
N THR A 1068 -4.59 -38.53 24.88
CA THR A 1068 -3.23 -38.40 25.38
C THR A 1068 -2.29 -37.85 24.31
N THR A 1069 -2.47 -38.28 23.06
CA THR A 1069 -1.64 -37.75 21.98
C THR A 1069 -1.89 -36.27 21.75
N LEU A 1070 -3.15 -35.85 21.75
CA LEU A 1070 -3.45 -34.43 21.57
C LEU A 1070 -2.90 -33.60 22.73
N GLU A 1071 -2.97 -34.15 23.95
CA GLU A 1071 -2.45 -33.43 25.11
C GLU A 1071 -0.94 -33.30 25.04
N GLN A 1072 -0.24 -34.38 24.68
CA GLN A 1072 1.21 -34.31 24.51
C GLN A 1072 1.57 -33.29 23.44
N ALA A 1073 0.78 -33.23 22.37
CA ALA A 1073 1.00 -32.22 21.33
C ALA A 1073 0.68 -30.81 21.81
N GLY A 1074 0.12 -30.64 23.01
CA GLY A 1074 -0.06 -29.33 23.57
C GLY A 1074 -1.47 -28.78 23.50
N TYR A 1075 -2.41 -29.52 22.90
CA TYR A 1075 -3.81 -29.13 22.88
C TYR A 1075 -4.49 -29.48 24.19
N GLN A 1076 -5.49 -28.69 24.54
CA GLN A 1076 -6.28 -28.92 25.74
C GLN A 1076 -7.77 -28.78 25.41
N GLN A 1077 -8.59 -29.46 26.19
CA GLN A 1077 -10.01 -29.47 25.94
C GLN A 1077 -10.71 -28.33 26.67
N THR A 1078 -11.76 -27.81 26.05
CA THR A 1078 -12.54 -26.75 26.65
C THR A 1078 -13.95 -26.82 26.09
N ASN A 1079 -14.88 -26.15 26.78
CA ASN A 1079 -16.25 -26.10 26.31
C ASN A 1079 -16.35 -25.24 25.05
N TYR A 1080 -17.44 -25.44 24.32
CA TYR A 1080 -17.80 -24.54 23.24
C TYR A 1080 -18.14 -23.17 23.79
N LEU A 1081 -17.67 -22.13 23.11
CA LEU A 1081 -18.19 -20.80 23.39
C LEU A 1081 -19.57 -20.66 22.76
N PHE A 1082 -20.40 -19.81 23.37
CA PHE A 1082 -21.81 -19.66 23.02
C PHE A 1082 -22.46 -21.03 22.85
N PRO A 1083 -22.34 -21.90 23.85
CA PRO A 1083 -22.61 -23.33 23.62
C PRO A 1083 -24.07 -23.63 23.32
N ARG A 1084 -24.29 -24.55 22.39
CA ARG A 1084 -25.62 -25.02 22.04
C ARG A 1084 -25.83 -26.45 22.54
N THR A 1085 -27.10 -26.85 22.61
CA THR A 1085 -27.45 -28.21 22.98
C THR A 1085 -26.66 -29.23 22.16
N GLY A 1086 -26.11 -30.23 22.85
CA GLY A 1086 -25.38 -31.30 22.20
C GLY A 1086 -23.91 -31.00 21.95
N GLU A 1087 -23.42 -29.82 22.33
CA GLU A 1087 -22.02 -29.46 22.17
C GLU A 1087 -21.27 -29.73 23.47
N ASP A 1088 -20.19 -30.50 23.37
CA ASP A 1088 -19.46 -30.94 24.55
C ASP A 1088 -18.10 -30.27 24.58
N LYS A 1089 -17.08 -30.82 23.94
CA LYS A 1089 -15.73 -30.27 24.07
C LYS A 1089 -15.10 -30.01 22.73
N VAL A 1090 -14.19 -29.04 22.70
CA VAL A 1090 -13.33 -28.77 21.57
C VAL A 1090 -11.91 -28.75 22.07
N TRP A 1091 -10.96 -28.88 21.15
CA TRP A 1091 -9.55 -28.84 21.44
C TRP A 1091 -8.99 -27.50 21.00
N VAL A 1092 -8.29 -26.82 21.91
CA VAL A 1092 -7.79 -25.48 21.66
C VAL A 1092 -6.29 -25.48 21.84
N ALA A 1093 -5.68 -24.43 21.29
CA ALA A 1093 -4.27 -24.16 21.47
C ALA A 1093 -4.13 -22.81 22.16
N HIS A 1094 -3.40 -22.77 23.26
CA HIS A 1094 -3.03 -21.52 23.91
C HIS A 1094 -1.74 -21.01 23.31
N HIS A 1095 -1.73 -19.76 22.85
CA HIS A 1095 -0.54 -19.26 22.19
C HIS A 1095 -0.36 -17.78 22.49
N GLY A 1096 0.84 -17.29 22.19
CA GLY A 1096 1.19 -15.89 22.35
C GLY A 1096 1.22 -15.44 23.80
N TYR A 1097 2.20 -15.94 24.55
CA TYR A 1097 2.31 -15.66 25.97
C TYR A 1097 3.18 -14.44 26.22
N THR A 1098 2.84 -13.67 27.25
CA THR A 1098 3.64 -12.51 27.62
C THR A 1098 3.70 -12.38 29.13
N ASP A 1099 4.92 -12.19 29.65
CA ASP A 1099 5.15 -11.76 31.03
C ASP A 1099 5.47 -10.27 31.02
N TYR A 1100 4.68 -9.49 31.74
CA TYR A 1100 4.76 -8.03 31.66
C TYR A 1100 5.51 -7.46 32.86
N GLY A 1101 6.19 -6.34 32.61
CA GLY A 1101 6.85 -5.59 33.66
C GLY A 1101 5.82 -4.95 34.59
N THR A 1102 6.35 -4.25 35.60
CA THR A 1102 5.52 -3.58 36.58
C THR A 1102 5.00 -2.26 36.02
N ALA A 1103 4.12 -1.60 36.78
CA ALA A 1103 3.68 -0.25 36.44
C ALA A 1103 4.87 0.69 36.29
N ALA A 1104 5.83 0.62 37.22
CA ALA A 1104 7.01 1.46 37.10
C ALA A 1104 7.82 1.15 35.83
N GLN A 1105 7.60 -0.01 35.20
CA GLN A 1105 8.24 -0.36 33.94
C GLN A 1105 7.35 -0.11 32.73
N PHE A 1106 6.27 0.67 32.90
CA PHE A 1106 5.31 0.94 31.84
C PHE A 1106 4.66 -0.35 31.33
N TRP A 1107 4.64 -1.39 32.16
CA TRP A 1107 4.07 -2.70 31.81
C TRP A 1107 4.72 -3.30 30.56
N ARG A 1108 5.99 -2.97 30.30
CA ARG A 1108 6.61 -3.42 29.07
C ARG A 1108 6.82 -4.94 29.10
N PRO A 1109 6.59 -5.63 27.99
CA PRO A 1109 6.83 -7.08 27.96
C PRO A 1109 8.25 -7.41 28.37
N GLN A 1110 8.39 -8.31 29.34
CA GLN A 1110 9.68 -8.78 29.83
C GLN A 1110 10.06 -10.15 29.30
N LYS A 1111 9.09 -11.02 29.04
CA LYS A 1111 9.35 -12.33 28.49
C LYS A 1111 8.20 -12.68 27.55
N GLN A 1112 8.53 -13.43 26.50
CA GLN A 1112 7.53 -13.88 25.54
C GLN A 1112 7.82 -15.30 25.13
N SER A 1113 6.78 -15.99 24.69
CA SER A 1113 6.92 -17.34 24.15
C SER A 1113 5.68 -17.63 23.32
N ASN A 1114 5.85 -18.50 22.32
CA ASN A 1114 4.75 -18.78 21.40
C ASN A 1114 3.72 -19.68 22.06
N THR A 1115 4.16 -20.78 22.66
CA THR A 1115 3.30 -21.69 23.42
C THR A 1115 4.07 -22.18 24.63
N GLN A 1116 3.36 -22.91 25.50
CA GLN A 1116 3.97 -23.56 26.64
C GLN A 1116 4.87 -24.72 26.25
N LEU A 1117 4.90 -25.12 24.97
CA LEU A 1117 5.78 -26.20 24.55
C LEU A 1117 7.24 -25.79 24.48
N THR A 1118 7.52 -24.49 24.50
CA THR A 1118 8.87 -23.98 24.32
C THR A 1118 9.17 -22.93 25.39
N GLY A 1119 10.46 -22.61 25.52
CA GLY A 1119 10.88 -21.69 26.55
C GLY A 1119 10.73 -20.24 26.12
N LYS A 1120 10.98 -19.35 27.06
CA LYS A 1120 10.72 -17.94 26.88
C LYS A 1120 11.97 -17.20 26.41
N ILE A 1121 11.74 -16.16 25.62
CA ILE A 1121 12.77 -15.21 25.25
C ILE A 1121 12.65 -14.02 26.19
N THR A 1122 13.79 -13.52 26.65
CA THR A 1122 13.80 -12.44 27.62
C THR A 1122 14.17 -11.13 26.94
N LEU A 1123 13.42 -10.07 27.22
CA LEU A 1123 13.65 -8.78 26.62
C LEU A 1123 14.18 -7.83 27.68
N ILE A 1124 15.32 -7.21 27.41
CA ILE A 1124 15.91 -6.23 28.31
C ILE A 1124 15.75 -4.87 27.65
N TRP A 1125 15.11 -3.94 28.35
CA TRP A 1125 14.85 -2.61 27.85
C TRP A 1125 15.92 -1.63 28.30
N ASP A 1126 16.07 -0.53 27.57
CA ASP A 1126 16.85 0.58 28.06
C ASP A 1126 16.23 1.11 29.36
N ALA A 1127 17.01 1.96 30.04
CA ALA A 1127 16.61 2.46 31.35
C ALA A 1127 15.29 3.23 31.31
N ASN A 1128 14.91 3.78 30.15
CA ASN A 1128 13.68 4.54 30.03
C ASN A 1128 12.56 3.75 29.40
N TYR A 1129 12.77 2.46 29.15
CA TYR A 1129 11.74 1.56 28.61
C TYR A 1129 11.17 2.05 27.27
N CYS A 1130 12.04 2.62 26.43
CA CYS A 1130 11.64 2.97 25.08
C CYS A 1130 11.86 1.84 24.08
N VAL A 1131 13.03 1.18 24.13
CA VAL A 1131 13.43 0.18 23.15
C VAL A 1131 14.06 -1.01 23.85
N VAL A 1132 14.06 -2.15 23.16
CA VAL A 1132 14.71 -3.36 23.66
C VAL A 1132 16.19 -3.29 23.29
N VAL A 1133 17.07 -3.39 24.30
CA VAL A 1133 18.51 -3.30 24.06
C VAL A 1133 19.19 -4.65 24.08
N GLN A 1134 18.54 -5.69 24.61
CA GLN A 1134 19.08 -7.04 24.61
C GLN A 1134 17.95 -8.04 24.64
N THR A 1135 18.12 -9.15 23.90
CA THR A 1135 17.21 -10.29 23.92
C THR A 1135 18.02 -11.53 24.34
N ARG A 1136 17.38 -12.42 25.10
CA ARG A 1136 18.00 -13.66 25.55
C ARG A 1136 17.07 -14.82 25.23
N ASP A 1137 17.46 -15.68 24.30
CA ASP A 1137 16.57 -16.79 23.98
C ASP A 1137 16.66 -17.87 25.05
N ALA A 1138 15.78 -18.87 24.93
CA ALA A 1138 15.63 -19.86 25.99
C ALA A 1138 16.92 -20.64 26.20
N ALA A 1139 17.73 -20.79 25.15
CA ALA A 1139 19.04 -21.41 25.24
C ALA A 1139 20.15 -20.39 25.51
N GLY A 1140 19.82 -19.23 26.07
CA GLY A 1140 20.84 -18.29 26.48
C GLY A 1140 21.56 -17.55 25.38
N LEU A 1141 21.16 -17.72 24.12
CA LEU A 1141 21.79 -16.94 23.06
C LEU A 1141 21.31 -15.50 23.14
N THR A 1142 22.26 -14.55 23.19
CA THR A 1142 21.91 -13.16 23.41
C THR A 1142 22.28 -12.29 22.22
N THR A 1143 21.44 -11.28 21.99
CA THR A 1143 21.61 -10.31 20.93
C THR A 1143 21.46 -8.94 21.55
N SER A 1144 22.46 -8.08 21.39
CA SER A 1144 22.46 -6.77 22.01
C SER A 1144 22.45 -5.69 20.94
N ALA A 1145 21.90 -4.53 21.30
CA ALA A 1145 21.78 -3.43 20.36
C ALA A 1145 22.05 -2.11 21.06
N LYS A 1146 22.92 -1.29 20.45
CA LYS A 1146 23.09 0.10 20.82
C LYS A 1146 22.27 0.96 19.89
N TYR A 1147 21.79 2.09 20.38
CA TYR A 1147 20.82 2.89 19.63
C TYR A 1147 21.39 4.27 19.30
N ASP A 1148 20.90 4.84 18.19
CA ASP A 1148 21.02 6.27 17.93
C ASP A 1148 19.80 6.94 18.54
N TRP A 1149 20.00 7.62 19.67
CA TRP A 1149 18.91 8.23 20.44
C TRP A 1149 18.34 9.49 19.81
N ARG A 1150 18.92 9.97 18.69
CA ARG A 1150 18.21 10.98 17.91
C ARG A 1150 16.97 10.40 17.26
N PHE A 1151 17.02 9.12 16.89
CA PHE A 1151 15.90 8.51 16.18
C PHE A 1151 15.37 7.25 16.84
N LEU A 1152 16.01 6.75 17.90
CA LEU A 1152 15.55 5.55 18.61
C LEU A 1152 15.52 4.35 17.66
N THR A 1153 16.54 4.26 16.81
CA THR A 1153 16.73 3.13 15.92
C THR A 1153 18.07 2.46 16.19
N PRO A 1154 18.15 1.14 16.16
CA PRO A 1154 19.42 0.47 16.49
C PRO A 1154 20.46 0.76 15.44
N VAL A 1155 21.70 1.03 15.88
CA VAL A 1155 22.80 1.26 14.97
C VAL A 1155 23.98 0.30 15.18
N GLN A 1156 24.11 -0.36 16.33
CA GLN A 1156 25.17 -1.35 16.50
C GLN A 1156 24.56 -2.61 17.09
N LEU A 1157 24.84 -3.74 16.45
CA LEU A 1157 24.23 -5.02 16.76
C LEU A 1157 25.33 -6.02 17.10
N THR A 1158 25.21 -6.64 18.29
CA THR A 1158 26.10 -7.72 18.73
C THR A 1158 25.32 -9.03 18.63
N ASP A 1159 25.73 -9.92 17.71
CA ASP A 1159 24.92 -11.12 17.45
C ASP A 1159 25.24 -12.23 18.46
N ILE A 1160 24.56 -13.37 18.28
CA ILE A 1160 24.69 -14.50 19.20
C ILE A 1160 26.10 -15.05 19.27
N ASN A 1161 26.95 -14.75 18.28
CA ASN A 1161 28.35 -15.16 18.29
C ASN A 1161 29.29 -14.00 18.59
N ASP A 1162 28.79 -12.95 19.25
CA ASP A 1162 29.62 -11.83 19.68
C ASP A 1162 30.27 -11.10 18.52
N ASN A 1163 29.79 -11.29 17.31
CA ASN A 1163 30.25 -10.49 16.19
C ASN A 1163 29.47 -9.19 16.12
N GLN A 1164 30.11 -8.15 15.59
CA GLN A 1164 29.58 -6.79 15.61
C GLN A 1164 29.06 -6.41 14.23
N HIS A 1165 27.92 -5.71 14.20
CA HIS A 1165 27.35 -5.14 12.99
C HIS A 1165 27.00 -3.70 13.27
N LEU A 1166 27.51 -2.78 12.45
CA LEU A 1166 27.48 -1.36 12.77
C LEU A 1166 27.01 -0.58 11.56
N ILE A 1167 26.04 0.32 11.77
CA ILE A 1167 25.68 1.31 10.75
C ILE A 1167 25.81 2.70 11.35
N THR A 1168 26.01 3.68 10.48
CA THR A 1168 25.93 5.08 10.85
C THR A 1168 24.76 5.72 10.09
N LEU A 1169 24.25 6.81 10.63
CA LEU A 1169 23.08 7.48 10.08
C LEU A 1169 23.42 8.95 9.84
N ASP A 1170 22.73 9.55 8.87
CA ASP A 1170 22.87 10.99 8.67
C ASP A 1170 21.85 11.72 9.54
N ALA A 1171 21.79 13.05 9.43
CA ALA A 1171 20.94 13.86 10.32
C ALA A 1171 19.46 13.70 10.02
N LEU A 1172 19.08 12.95 9.00
CA LEU A 1172 17.68 12.63 8.75
C LEU A 1172 17.32 11.20 9.14
N GLY A 1173 18.26 10.47 9.73
CA GLY A 1173 18.00 9.10 10.13
C GLY A 1173 18.28 8.05 9.07
N ARG A 1174 18.83 8.44 7.93
CA ARG A 1174 19.03 7.47 6.87
C ARG A 1174 20.36 6.75 7.04
N PRO A 1175 20.44 5.45 6.80
CA PRO A 1175 21.72 4.76 6.93
C PRO A 1175 22.68 5.17 5.83
N ILE A 1176 23.93 5.41 6.21
CA ILE A 1176 24.90 5.89 5.24
C ILE A 1176 26.11 4.96 5.13
N THR A 1177 26.45 4.24 6.20
CA THR A 1177 27.52 3.25 6.12
C THR A 1177 27.10 1.97 6.85
N LEU A 1178 27.76 0.87 6.47
CA LEU A 1178 27.61 -0.40 7.17
C LEU A 1178 28.98 -1.04 7.30
N ARG A 1179 29.32 -1.47 8.52
CA ARG A 1179 30.51 -2.25 8.79
C ARG A 1179 30.11 -3.47 9.61
N PHE A 1180 30.91 -4.54 9.52
CA PHE A 1180 30.77 -5.65 10.44
C PHE A 1180 32.14 -6.31 10.60
N TRP A 1181 32.35 -6.93 11.76
CA TRP A 1181 33.59 -7.63 12.05
C TRP A 1181 33.33 -8.61 13.19
N GLY A 1182 34.33 -9.41 13.49
CA GLY A 1182 34.19 -10.35 14.60
C GLY A 1182 35.28 -11.41 14.53
N THR A 1183 34.95 -12.57 15.05
CA THR A 1183 35.89 -13.68 15.15
C THR A 1183 35.51 -14.78 14.17
N GLU A 1184 36.52 -15.33 13.50
CA GLU A 1184 36.40 -16.49 12.63
C GLU A 1184 37.56 -17.40 12.97
N ASN A 1185 37.27 -18.68 13.20
CA ASN A 1185 38.32 -19.64 13.54
C ASN A 1185 39.17 -19.17 14.70
N GLY A 1186 38.57 -18.45 15.65
CA GLY A 1186 39.30 -17.91 16.78
C GLY A 1186 40.12 -16.68 16.49
N LYS A 1187 40.05 -16.15 15.27
CA LYS A 1187 40.87 -15.01 14.88
C LYS A 1187 39.98 -13.83 14.55
N MET A 1188 40.44 -12.63 14.92
CA MET A 1188 39.71 -11.41 14.59
C MET A 1188 39.77 -11.16 13.09
N THR A 1189 38.63 -10.83 12.48
CA THR A 1189 38.59 -10.55 11.05
C THR A 1189 37.39 -9.65 10.75
N GLY A 1190 37.16 -9.39 9.46
CA GLY A 1190 36.10 -8.50 9.02
C GLY A 1190 36.62 -7.10 8.71
N TYR A 1191 35.67 -6.16 8.61
CA TYR A 1191 36.07 -4.80 8.31
C TYR A 1191 36.73 -4.14 9.52
N SER A 1192 37.53 -3.12 9.25
CA SER A 1192 38.14 -2.35 10.32
C SER A 1192 37.07 -1.52 11.03
N SER A 1193 37.20 -1.42 12.35
CA SER A 1193 36.30 -0.59 13.13
C SER A 1193 36.57 0.88 12.83
N PRO A 1194 35.60 1.76 13.11
CA PRO A 1194 35.83 3.20 12.89
C PRO A 1194 37.05 3.73 13.62
N GLU A 1195 37.42 3.13 14.76
CA GLU A 1195 38.64 3.54 15.45
C GLU A 1195 39.88 3.19 14.64
N LYS A 1196 39.89 2.02 13.98
CA LYS A 1196 41.08 1.59 13.25
C LYS A 1196 41.19 2.28 11.90
N ALA A 1197 40.06 2.55 11.25
CA ALA A 1197 40.06 3.10 9.89
C ALA A 1197 38.91 4.09 9.77
N SER A 1198 39.24 5.37 9.74
CA SER A 1198 38.25 6.40 9.53
C SER A 1198 37.71 6.34 8.10
N PHE A 1199 36.45 6.75 7.94
CA PHE A 1199 35.84 6.83 6.62
C PHE A 1199 34.81 7.94 6.64
N SER A 1200 35.13 9.05 6.01
CA SER A 1200 34.16 10.12 5.82
C SER A 1200 33.34 9.81 4.58
N PRO A 1201 32.05 9.52 4.72
CA PRO A 1201 31.22 9.20 3.56
C PRO A 1201 31.15 10.37 2.61
N PRO A 1202 31.19 10.12 1.31
CA PRO A 1202 31.26 11.23 0.35
C PRO A 1202 29.93 11.96 0.20
N SER A 1203 30.04 13.25 -0.09
CA SER A 1203 28.87 14.10 -0.17
C SER A 1203 28.10 13.88 -1.47
N ASP A 1204 28.81 13.58 -2.54
CA ASP A 1204 28.29 13.70 -3.89
C ASP A 1204 28.41 12.37 -4.60
N VAL A 1205 27.42 12.06 -5.45
CA VAL A 1205 27.38 10.77 -6.12
C VAL A 1205 28.59 10.59 -7.03
N ASN A 1206 28.93 11.63 -7.79
CA ASN A 1206 30.09 11.53 -8.67
C ASN A 1206 31.35 11.21 -7.88
N ALA A 1207 31.58 11.94 -6.79
CA ALA A 1207 32.81 11.73 -6.04
C ALA A 1207 32.84 10.34 -5.41
N ALA A 1208 31.68 9.84 -5.01
CA ALA A 1208 31.58 8.49 -4.45
C ALA A 1208 31.92 7.43 -5.51
N ILE A 1209 31.44 7.63 -6.74
CA ILE A 1209 31.70 6.66 -7.81
C ILE A 1209 33.18 6.64 -8.14
N GLU A 1210 33.89 7.74 -7.91
CA GLU A 1210 35.32 7.79 -8.18
C GLU A 1210 36.18 7.26 -7.04
N LEU A 1211 35.57 6.84 -5.93
CA LEU A 1211 36.35 6.28 -4.83
C LEU A 1211 36.97 4.94 -5.23
N LYS A 1212 38.25 4.78 -4.86
CA LYS A 1212 39.01 3.59 -5.17
C LYS A 1212 39.27 2.79 -3.88
N LYS A 1213 39.55 1.50 -4.07
CA LYS A 1213 39.90 0.65 -2.94
C LYS A 1213 41.13 1.21 -2.22
N PRO A 1214 41.26 0.93 -0.91
CA PRO A 1214 40.33 0.16 -0.07
C PRO A 1214 39.34 1.04 0.67
N LEU A 1215 38.16 0.49 0.94
CA LEU A 1215 37.16 1.13 1.77
C LEU A 1215 36.91 0.27 3.00
N PRO A 1216 36.90 0.86 4.20
CA PRO A 1216 36.69 0.06 5.42
C PRO A 1216 35.22 -0.19 5.74
N VAL A 1217 34.35 -0.11 4.75
CA VAL A 1217 32.92 -0.32 4.97
C VAL A 1217 32.43 -1.40 4.03
N ALA A 1218 31.44 -2.17 4.49
CA ALA A 1218 30.74 -3.09 3.60
C ALA A 1218 29.85 -2.33 2.62
N GLN A 1219 29.13 -1.31 3.11
CA GLN A 1219 28.23 -0.55 2.26
C GLN A 1219 28.30 0.92 2.63
N CYS A 1220 28.11 1.76 1.61
CA CYS A 1220 28.06 3.21 1.75
C CYS A 1220 26.94 3.72 0.87
N GLN A 1221 26.09 4.58 1.42
CA GLN A 1221 24.95 5.12 0.68
C GLN A 1221 25.10 6.62 0.49
N VAL A 1222 24.67 7.10 -0.66
CA VAL A 1222 24.66 8.52 -0.97
C VAL A 1222 23.29 8.84 -1.52
N TYR A 1223 22.60 9.79 -0.89
CA TYR A 1223 21.23 10.13 -1.25
C TYR A 1223 21.20 11.45 -2.02
N ALA A 1224 20.40 11.49 -3.07
CA ALA A 1224 20.23 12.69 -3.88
C ALA A 1224 18.75 12.86 -4.20
N PRO A 1225 17.92 13.09 -3.18
CA PRO A 1225 16.49 13.25 -3.44
C PRO A 1225 16.13 14.57 -4.08
N GLU A 1226 17.02 15.56 -4.04
CA GLU A 1226 16.73 16.90 -4.55
C GLU A 1226 17.22 17.11 -5.98
N SER A 1227 17.60 16.04 -6.68
CA SER A 1227 18.26 16.22 -7.97
C SER A 1227 17.32 16.72 -9.06
N TRP A 1228 16.00 16.63 -8.86
CA TRP A 1228 15.07 17.19 -9.83
C TRP A 1228 14.99 18.71 -9.74
N MET A 1229 15.51 19.30 -8.67
CA MET A 1229 15.66 20.75 -8.62
C MET A 1229 16.96 21.16 -9.32
N PRO A 1230 16.90 22.00 -10.35
CA PRO A 1230 18.15 22.52 -10.93
C PRO A 1230 18.86 23.41 -9.93
N VAL A 1231 20.16 23.18 -9.76
CA VAL A 1231 20.99 23.99 -8.89
C VAL A 1231 21.86 24.88 -9.77
N LEU A 1232 22.19 26.05 -9.24
CA LEU A 1232 23.23 26.92 -9.78
C LEU A 1232 24.38 26.13 -10.40
N SER A 1233 24.70 26.41 -11.65
CA SER A 1233 26.03 25.98 -12.03
C SER A 1233 27.05 27.03 -11.61
N GLN A 1234 28.30 26.59 -11.62
CA GLN A 1234 29.40 27.48 -11.33
C GLN A 1234 29.49 28.61 -12.34
N LYS A 1235 29.02 28.41 -13.57
CA LYS A 1235 29.05 29.50 -14.54
C LYS A 1235 28.03 30.58 -14.17
N THR A 1236 26.75 30.19 -14.12
CA THR A 1236 25.73 31.13 -13.67
C THR A 1236 26.01 31.62 -12.26
N PHE A 1237 26.70 30.83 -11.43
CA PHE A 1237 26.90 31.27 -10.05
C PHE A 1237 27.97 32.35 -9.94
N ASN A 1238 29.06 32.22 -10.71
CA ASN A 1238 30.07 33.26 -10.59
C ASN A 1238 29.73 34.48 -11.45
N ARG A 1239 28.92 34.30 -12.51
CA ARG A 1239 28.24 35.47 -13.07
C ARG A 1239 27.29 36.08 -12.05
N LEU A 1240 26.68 35.25 -11.21
CA LEU A 1240 25.73 35.59 -10.14
C LEU A 1240 26.35 36.33 -9.02
N ALA A 1241 27.62 36.76 -9.09
CA ALA A 1241 28.11 37.81 -8.21
C ALA A 1241 27.33 39.11 -8.37
N GLU A 1242 26.31 39.09 -9.23
CA GLU A 1242 25.42 40.23 -9.47
C GLU A 1242 24.69 40.63 -8.19
N GLN A 1243 24.01 41.77 -8.30
CA GLN A 1243 23.05 42.20 -7.28
C GLN A 1243 21.86 41.26 -7.17
N ASP A 1244 21.62 40.42 -8.19
CA ASP A 1244 20.31 39.78 -8.29
C ASP A 1244 20.21 38.46 -7.55
N TRP A 1245 21.20 38.08 -6.77
CA TRP A 1245 21.14 36.79 -6.10
C TRP A 1245 19.96 36.73 -5.14
N GLN A 1246 19.86 37.67 -4.22
CA GLN A 1246 18.71 37.58 -3.36
C GLN A 1246 17.57 38.50 -3.79
N LYS A 1247 17.69 39.19 -4.92
CA LYS A 1247 16.47 39.52 -5.65
C LYS A 1247 15.87 38.26 -6.27
N LEU A 1248 16.63 37.17 -6.33
CA LEU A 1248 16.03 35.87 -6.57
C LEU A 1248 15.58 35.19 -5.28
N TYR A 1249 16.32 35.39 -4.19
CA TYR A 1249 15.96 34.77 -2.91
C TYR A 1249 14.74 35.41 -2.24
N ASN A 1250 14.40 36.67 -2.54
CA ASN A 1250 13.21 37.25 -1.91
C ASN A 1250 11.94 36.57 -2.39
N ALA A 1251 11.85 36.32 -3.70
CA ALA A 1251 10.80 35.47 -4.22
C ALA A 1251 10.99 34.02 -3.83
N ARG A 1252 12.09 33.70 -3.14
CA ARG A 1252 12.56 32.34 -2.90
C ARG A 1252 12.35 31.50 -4.15
N ILE A 1253 12.70 32.08 -5.31
CA ILE A 1253 12.87 31.25 -6.49
C ILE A 1253 14.03 30.31 -6.27
N ILE A 1254 15.04 30.77 -5.53
CA ILE A 1254 16.18 29.95 -5.12
C ILE A 1254 16.14 29.83 -3.60
N THR A 1255 16.42 28.63 -3.10
CA THR A 1255 16.46 28.43 -1.66
C THR A 1255 17.75 29.03 -1.09
N GLU A 1256 17.85 28.99 0.23
CA GLU A 1256 19.07 29.45 0.88
C GLU A 1256 20.28 28.64 0.41
N ASP A 1257 20.09 27.37 0.07
CA ASP A 1257 21.19 26.51 -0.37
C ASP A 1257 21.27 26.39 -1.89
N GLY A 1258 20.73 27.37 -2.63
CA GLY A 1258 21.03 27.50 -4.04
C GLY A 1258 20.23 26.65 -5.01
N ARG A 1259 19.02 26.24 -4.64
CA ARG A 1259 18.20 25.40 -5.50
C ARG A 1259 16.98 26.18 -5.99
N ILE A 1260 16.68 26.04 -7.28
CA ILE A 1260 15.54 26.71 -7.90
C ILE A 1260 14.26 26.02 -7.46
N CYS A 1261 13.41 26.74 -6.71
CA CYS A 1261 12.08 26.24 -6.38
C CYS A 1261 11.22 26.25 -7.64
N THR A 1262 10.74 25.08 -8.05
CA THR A 1262 10.08 24.97 -9.35
C THR A 1262 8.81 25.83 -9.42
N LEU A 1263 7.95 25.72 -8.40
CA LEU A 1263 6.66 26.39 -8.46
C LEU A 1263 6.82 27.90 -8.35
N ALA A 1264 7.55 28.37 -7.34
CA ALA A 1264 7.80 29.80 -7.21
C ALA A 1264 8.43 30.36 -8.48
N TYR A 1265 9.36 29.61 -9.07
CA TYR A 1265 9.91 30.03 -10.35
C TYR A 1265 8.83 30.21 -11.38
N ARG A 1266 8.08 29.14 -11.67
CA ARG A 1266 7.06 29.20 -12.71
C ARG A 1266 6.10 30.35 -12.49
N ARG A 1267 5.69 30.57 -11.24
CA ARG A 1267 4.79 31.68 -10.97
C ARG A 1267 5.47 33.02 -11.24
N TRP A 1268 6.78 33.10 -11.03
CA TRP A 1268 7.49 34.35 -11.27
C TRP A 1268 7.64 34.65 -12.75
N VAL A 1269 8.11 33.67 -13.54
CA VAL A 1269 8.30 33.90 -14.97
C VAL A 1269 6.97 34.21 -15.63
N GLN A 1270 5.91 33.52 -15.21
CA GLN A 1270 4.57 33.75 -15.74
C GLN A 1270 3.86 34.83 -14.91
N SER A 1271 4.43 36.03 -14.93
CA SER A 1271 3.89 37.10 -14.10
C SER A 1271 4.50 38.44 -14.53
N GLN A 1272 4.02 39.50 -13.87
CA GLN A 1272 4.60 40.83 -14.01
C GLN A 1272 6.11 40.80 -13.82
N LYS A 1273 6.59 39.98 -12.87
CA LYS A 1273 7.92 40.18 -12.32
C LYS A 1273 9.01 39.46 -13.10
N ALA A 1274 8.72 38.98 -14.30
CA ALA A 1274 9.74 38.24 -15.05
C ALA A 1274 10.81 39.20 -15.56
N ILE A 1275 12.06 38.87 -15.27
CA ILE A 1275 13.21 39.58 -15.80
C ILE A 1275 13.87 38.67 -16.83
N PRO A 1276 13.69 38.92 -18.14
CA PRO A 1276 14.25 38.01 -19.15
C PRO A 1276 15.77 37.91 -19.07
N GLN A 1277 16.41 38.97 -18.57
CA GLN A 1277 17.82 38.92 -18.23
C GLN A 1277 18.14 37.66 -17.42
N LEU A 1278 17.45 37.51 -16.28
CA LEU A 1278 17.72 36.41 -15.37
C LEU A 1278 17.09 35.10 -15.81
N ILE A 1279 16.06 35.15 -16.66
CA ILE A 1279 15.28 33.94 -16.95
C ILE A 1279 16.14 32.90 -17.65
N SER A 1280 16.86 33.30 -18.70
CA SER A 1280 17.75 32.35 -19.36
C SER A 1280 19.11 32.28 -18.70
N LEU A 1281 19.47 33.28 -17.88
CA LEU A 1281 20.57 33.15 -16.95
C LEU A 1281 20.44 31.82 -16.25
N LEU A 1282 19.28 31.63 -15.64
CA LEU A 1282 19.02 30.46 -14.76
C LEU A 1282 18.97 29.12 -15.50
N ASN A 1283 18.68 28.07 -14.73
CA ASN A 1283 18.60 26.63 -15.11
C ASN A 1283 19.45 26.33 -16.34
N ASN A 1284 20.75 26.53 -16.18
CA ASN A 1284 21.77 26.25 -17.21
C ASN A 1284 22.23 24.84 -16.87
N GLY A 1285 21.63 24.29 -15.82
CA GLY A 1285 22.04 22.99 -15.34
C GLY A 1285 21.08 21.86 -15.64
N PRO A 1286 21.57 20.63 -15.70
CA PRO A 1286 20.73 19.47 -15.99
C PRO A 1286 19.95 19.02 -14.75
N ARG A 1287 19.00 18.12 -14.98
CA ARG A 1287 18.15 17.63 -13.90
C ARG A 1287 17.98 16.12 -14.02
N LEU A 1288 17.98 15.43 -12.89
CA LEU A 1288 17.78 13.99 -12.86
C LEU A 1288 16.71 13.65 -11.84
N PRO A 1289 15.97 12.57 -12.06
CA PRO A 1289 15.01 12.11 -11.05
C PRO A 1289 15.72 11.87 -9.73
N PRO A 1290 14.99 11.94 -8.61
CA PRO A 1290 15.60 11.56 -7.32
C PRO A 1290 16.31 10.23 -7.44
N HIS A 1291 17.47 10.12 -6.80
CA HIS A 1291 18.21 8.88 -6.88
C HIS A 1291 19.07 8.71 -5.64
N SER A 1292 19.55 7.48 -5.46
CA SER A 1292 20.50 7.18 -4.40
C SER A 1292 21.54 6.21 -4.95
N LEU A 1293 22.76 6.32 -4.44
CA LEU A 1293 23.83 5.41 -4.81
C LEU A 1293 24.17 4.50 -3.63
N THR A 1294 24.51 3.25 -3.94
CA THR A 1294 25.04 2.30 -2.98
C THR A 1294 26.38 1.81 -3.50
N LEU A 1295 27.42 1.95 -2.68
CA LEU A 1295 28.68 1.26 -2.89
C LEU A 1295 28.74 0.02 -1.99
N THR A 1296 29.23 -1.09 -2.54
CA THR A 1296 29.33 -2.35 -1.81
C THR A 1296 30.70 -2.96 -2.08
N THR A 1297 31.48 -3.16 -1.02
CA THR A 1297 32.76 -3.84 -1.19
C THR A 1297 32.54 -5.34 -1.08
N ASP A 1298 33.36 -6.11 -1.79
CA ASP A 1298 33.18 -7.55 -1.77
C ASP A 1298 34.25 -8.26 -0.95
N ARG A 1299 35.23 -7.52 -0.43
CA ARG A 1299 36.26 -8.05 0.46
C ARG A 1299 36.44 -7.10 1.63
N TYR A 1300 37.09 -7.59 2.67
CA TYR A 1300 37.48 -6.73 3.78
C TYR A 1300 38.61 -5.80 3.36
N ASP A 1301 38.77 -4.72 4.12
CA ASP A 1301 39.58 -3.60 3.65
C ASP A 1301 41.08 -3.88 3.65
N HIS A 1302 41.55 -4.95 4.26
CA HIS A 1302 42.97 -5.29 4.15
C HIS A 1302 43.24 -6.26 3.01
N ASP A 1303 42.22 -6.64 2.27
CA ASP A 1303 42.36 -7.53 1.14
C ASP A 1303 42.68 -6.69 -0.10
N PRO A 1304 43.88 -6.83 -0.67
CA PRO A 1304 44.22 -6.04 -1.87
C PRO A 1304 43.32 -6.31 -3.07
N GLU A 1305 42.53 -7.39 -3.06
CA GLU A 1305 41.61 -7.71 -4.14
C GLU A 1305 40.20 -7.16 -3.90
N GLN A 1306 40.03 -6.25 -2.95
CA GLN A 1306 38.71 -5.69 -2.73
C GLN A 1306 38.27 -4.88 -3.95
N GLN A 1307 37.06 -5.14 -4.42
CA GLN A 1307 36.41 -4.35 -5.44
C GLN A 1307 35.26 -3.56 -4.80
N ILE A 1308 34.83 -2.49 -5.49
CA ILE A 1308 33.73 -1.65 -5.03
C ILE A 1308 32.62 -1.75 -6.07
N ARG A 1309 31.56 -2.48 -5.74
CA ARG A 1309 30.39 -2.52 -6.61
C ARG A 1309 29.58 -1.24 -6.44
N GLN A 1310 28.90 -0.84 -7.52
CA GLN A 1310 28.22 0.45 -7.58
C GLN A 1310 26.82 0.27 -8.12
N GLN A 1311 25.83 0.84 -7.42
CA GLN A 1311 24.45 0.78 -7.88
C GLN A 1311 23.77 2.12 -7.66
N VAL A 1312 23.12 2.63 -8.70
CA VAL A 1312 22.32 3.84 -8.61
C VAL A 1312 20.90 3.48 -8.96
N VAL A 1313 19.98 3.78 -8.05
CA VAL A 1313 18.54 3.57 -8.24
C VAL A 1313 17.88 4.92 -8.40
N PHE A 1314 16.99 5.04 -9.38
CA PHE A 1314 16.19 6.24 -9.62
C PHE A 1314 14.76 6.01 -9.21
N SER A 1315 14.12 7.05 -8.67
CA SER A 1315 12.71 6.99 -8.26
C SER A 1315 12.00 8.27 -8.72
N ASP A 1316 10.68 8.18 -8.84
CA ASP A 1316 9.94 9.36 -9.28
C ASP A 1316 9.48 10.15 -8.05
N GLY A 1317 8.65 11.17 -8.26
CA GLY A 1317 8.18 11.97 -7.16
C GLY A 1317 7.13 11.32 -6.30
N PHE A 1318 6.74 10.10 -6.60
CA PHE A 1318 5.89 9.29 -5.73
C PHE A 1318 6.69 8.26 -4.94
N GLY A 1319 8.01 8.21 -5.13
CA GLY A 1319 8.82 7.19 -4.50
C GLY A 1319 8.85 5.85 -5.20
N ARG A 1320 8.36 5.76 -6.43
CA ARG A 1320 8.34 4.49 -7.15
C ARG A 1320 9.65 4.26 -7.88
N LEU A 1321 10.13 3.02 -7.88
CA LEU A 1321 11.43 2.70 -8.49
C LEU A 1321 11.32 2.73 -10.01
N LEU A 1322 12.12 3.59 -10.65
CA LEU A 1322 12.09 3.74 -12.10
C LEU A 1322 13.10 2.83 -12.79
N GLN A 1323 14.31 2.72 -12.26
CA GLN A 1323 15.31 1.83 -12.82
C GLN A 1323 16.43 1.67 -11.80
N ALA A 1324 17.25 0.62 -11.99
CA ALA A 1324 18.50 0.45 -11.28
C ALA A 1324 19.65 0.27 -12.27
N ALA A 1325 20.76 0.95 -12.01
CA ALA A 1325 21.98 0.77 -12.79
C ALA A 1325 23.07 0.21 -11.89
N ALA A 1326 23.75 -0.83 -12.37
CA ALA A 1326 24.82 -1.47 -11.63
C ALA A 1326 26.08 -1.42 -12.49
N ARG A 1327 27.17 -0.91 -11.92
CA ARG A 1327 28.44 -0.86 -12.66
C ARG A 1327 28.88 -2.25 -13.06
N HIS A 1328 29.18 -2.42 -14.34
CA HIS A 1328 29.71 -3.67 -14.88
C HIS A 1328 31.10 -3.42 -15.45
N GLU A 1329 31.76 -4.50 -15.87
CA GLU A 1329 33.06 -4.35 -16.50
C GLU A 1329 32.91 -3.60 -17.82
N ALA A 1330 34.02 -2.98 -18.24
CA ALA A 1330 34.07 -2.29 -19.52
C ALA A 1330 33.60 -3.21 -20.65
N GLY A 1331 32.92 -2.63 -21.64
CA GLY A 1331 32.47 -3.41 -22.77
C GLY A 1331 31.53 -2.61 -23.66
N MET A 1332 30.79 -3.33 -24.50
CA MET A 1332 29.88 -2.68 -25.43
C MET A 1332 28.63 -2.20 -24.72
N ALA A 1333 28.11 -1.05 -25.15
CA ALA A 1333 26.98 -0.45 -24.49
C ALA A 1333 26.37 0.62 -25.39
N ARG A 1334 25.08 0.85 -25.18
CA ARG A 1334 24.42 2.00 -25.77
C ARG A 1334 24.93 3.26 -25.09
N GLN A 1335 24.59 4.42 -25.67
CA GLN A 1335 25.08 5.68 -25.16
C GLN A 1335 23.92 6.56 -24.71
N ARG A 1336 24.19 7.41 -23.72
CA ARG A 1336 23.29 8.49 -23.31
C ARG A 1336 24.04 9.81 -23.53
N ASN A 1337 23.57 10.62 -24.47
CA ASN A 1337 24.20 11.93 -24.66
C ASN A 1337 23.79 12.88 -23.53
N GLU A 1338 24.40 14.07 -23.53
CA GLU A 1338 24.27 14.96 -22.38
C GLU A 1338 22.83 15.45 -22.17
N ASP A 1339 22.04 15.55 -23.22
CA ASP A 1339 20.66 15.96 -23.03
C ASP A 1339 19.76 14.82 -22.60
N GLY A 1340 20.31 13.63 -22.35
CA GLY A 1340 19.55 12.53 -21.80
C GLY A 1340 18.98 11.57 -22.82
N SER A 1341 19.24 11.77 -24.11
CA SER A 1341 18.67 10.92 -25.15
C SER A 1341 19.48 9.63 -25.27
N LEU A 1342 18.81 8.60 -25.77
CA LEU A 1342 19.41 7.28 -25.96
C LEU A 1342 19.90 7.14 -27.39
N ILE A 1343 21.14 6.69 -27.53
CA ILE A 1343 21.75 6.40 -28.83
C ILE A 1343 21.98 4.91 -28.91
N ILE A 1344 21.31 4.25 -29.86
CA ILE A 1344 21.22 2.79 -29.84
C ILE A 1344 22.46 2.11 -30.39
N ASN A 1345 23.23 2.76 -31.27
CA ASN A 1345 24.45 2.15 -31.77
C ASN A 1345 25.43 1.92 -30.62
N VAL A 1346 25.81 0.65 -30.42
CA VAL A 1346 26.66 0.28 -29.30
C VAL A 1346 28.11 0.66 -29.58
N GLN A 1347 28.83 1.03 -28.52
CA GLN A 1347 30.24 1.38 -28.60
C GLN A 1347 30.91 0.98 -27.29
N HIS A 1348 32.23 0.86 -27.34
CA HIS A 1348 32.98 0.43 -26.16
C HIS A 1348 33.06 1.55 -25.14
N THR A 1349 32.96 1.21 -23.86
CA THR A 1349 33.08 2.19 -22.79
C THR A 1349 33.71 1.53 -21.57
N GLU A 1350 34.51 2.32 -20.84
CA GLU A 1350 35.04 1.94 -19.55
C GLU A 1350 34.12 2.39 -18.40
N ASN A 1351 32.99 2.99 -18.72
CA ASN A 1351 32.01 3.43 -17.75
C ASN A 1351 30.68 2.78 -18.11
N ARG A 1352 30.64 1.45 -17.97
CA ARG A 1352 29.49 0.68 -18.43
C ARG A 1352 28.61 0.27 -17.26
N TRP A 1353 27.30 0.38 -17.47
CA TRP A 1353 26.31 0.08 -16.44
C TRP A 1353 25.20 -0.79 -17.04
N ALA A 1354 24.73 -1.76 -16.25
CA ALA A 1354 23.56 -2.55 -16.64
C ALA A 1354 22.32 -1.91 -16.02
N VAL A 1355 21.38 -1.53 -16.87
CA VAL A 1355 20.14 -0.88 -16.42
C VAL A 1355 19.05 -1.93 -16.42
N THR A 1356 18.45 -2.16 -15.24
CA THR A 1356 17.43 -3.19 -15.05
C THR A 1356 16.19 -2.61 -14.38
N GLY A 1357 15.06 -3.30 -14.57
CA GLY A 1357 13.82 -2.87 -13.98
C GLY A 1357 13.32 -1.52 -14.47
N ARG A 1358 13.72 -1.12 -15.66
CA ARG A 1358 13.28 0.17 -16.19
C ARG A 1358 11.77 0.15 -16.41
N THR A 1359 11.06 1.00 -15.69
CA THR A 1359 9.60 0.97 -15.67
C THR A 1359 9.06 2.38 -15.85
N GLU A 1360 8.04 2.51 -16.69
CA GLU A 1360 7.20 3.70 -16.74
C GLU A 1360 5.88 3.40 -16.05
N TYR A 1361 5.47 4.28 -15.15
CA TYR A 1361 4.22 4.19 -14.42
C TYR A 1361 3.23 5.25 -14.89
N ASP A 1362 1.95 4.97 -14.65
CA ASP A 1362 0.95 6.02 -14.72
C ASP A 1362 0.83 6.65 -13.33
N ASN A 1363 -0.06 7.63 -13.20
CA ASN A 1363 -0.10 8.35 -11.93
C ASN A 1363 -0.72 7.52 -10.81
N LYS A 1364 -1.37 6.40 -11.12
CA LYS A 1364 -1.86 5.49 -10.10
C LYS A 1364 -0.82 4.45 -9.69
N GLY A 1365 0.40 4.56 -10.21
CA GLY A 1365 1.43 3.59 -9.88
C GLY A 1365 1.39 2.32 -10.68
N GLN A 1366 0.58 2.24 -11.72
CA GLN A 1366 0.49 1.02 -12.51
C GLN A 1366 1.61 1.00 -13.56
N PRO A 1367 2.40 -0.08 -13.64
CA PRO A 1367 3.45 -0.14 -14.66
C PRO A 1367 2.84 -0.30 -16.04
N ILE A 1368 2.87 0.77 -16.84
CA ILE A 1368 2.30 0.69 -18.17
C ILE A 1368 3.34 0.26 -19.22
N ARG A 1369 4.62 0.61 -19.00
CA ARG A 1369 5.71 0.18 -19.88
C ARG A 1369 6.86 -0.37 -19.06
N THR A 1370 7.30 -1.59 -19.38
CA THR A 1370 8.44 -2.24 -18.75
C THR A 1370 9.46 -2.57 -19.84
N TYR A 1371 10.73 -2.24 -19.60
CA TYR A 1371 11.75 -2.30 -20.63
C TYR A 1371 12.74 -3.43 -20.35
N GLN A 1372 13.20 -4.07 -21.41
CA GLN A 1372 14.28 -5.03 -21.30
C GLN A 1372 15.53 -4.36 -20.72
N PRO A 1373 16.33 -5.09 -19.95
CA PRO A 1373 17.57 -4.50 -19.45
C PRO A 1373 18.52 -4.18 -20.61
N TYR A 1374 19.44 -3.25 -20.35
CA TYR A 1374 20.36 -2.81 -21.38
C TYR A 1374 21.63 -2.27 -20.77
N PHE A 1375 22.72 -2.35 -21.53
CA PHE A 1375 23.97 -1.73 -21.15
C PHE A 1375 23.98 -0.27 -21.59
N LEU A 1376 24.44 0.61 -20.69
CA LEU A 1376 24.57 2.03 -20.97
C LEU A 1376 25.93 2.53 -20.50
N ASN A 1377 26.46 3.54 -21.20
CA ASN A 1377 27.74 4.14 -20.85
C ASN A 1377 27.63 5.16 -19.71
N ASP A 1378 26.60 5.06 -18.88
CA ASP A 1378 26.38 6.03 -17.81
C ASP A 1378 25.45 5.39 -16.79
N TRP A 1379 25.56 5.85 -15.54
CA TRP A 1379 24.53 5.54 -14.54
C TRP A 1379 23.33 6.47 -14.64
N ARG A 1380 23.43 7.56 -15.39
CA ARG A 1380 22.39 8.57 -15.36
C ARG A 1380 21.12 8.11 -16.09
N TYR A 1381 20.02 8.77 -15.77
CA TYR A 1381 18.69 8.42 -16.26
C TYR A 1381 18.49 8.84 -17.71
N VAL A 1382 18.14 7.86 -18.57
CA VAL A 1382 17.67 8.15 -19.92
C VAL A 1382 16.25 8.70 -19.85
N SER A 1383 15.98 9.75 -20.63
CA SER A 1383 14.67 10.40 -20.59
C SER A 1383 13.56 9.44 -21.03
N ASN A 1384 12.39 9.62 -20.42
CA ASN A 1384 11.22 8.84 -20.82
C ASN A 1384 10.89 9.08 -22.29
N ASP A 1385 11.00 10.32 -22.75
CA ASP A 1385 10.79 10.62 -24.17
C ASP A 1385 11.65 9.75 -25.07
N SER A 1386 12.96 9.80 -24.85
CA SER A 1386 13.89 9.06 -25.71
C SER A 1386 13.58 7.57 -25.69
N ALA A 1387 13.32 7.01 -24.50
CA ALA A 1387 13.05 5.58 -24.41
C ALA A 1387 11.75 5.21 -25.10
N ARG A 1388 10.71 6.01 -24.90
CA ARG A 1388 9.42 5.72 -25.50
C ARG A 1388 9.50 5.78 -27.01
N GLN A 1389 10.29 6.70 -27.55
CA GLN A 1389 10.24 6.88 -28.99
C GLN A 1389 11.31 6.09 -29.73
N GLU A 1390 12.05 5.23 -29.03
CA GLU A 1390 13.04 4.35 -29.65
C GLU A 1390 12.48 2.94 -29.77
N LYS A 1391 12.36 2.46 -31.01
CA LYS A 1391 11.81 1.13 -31.27
C LYS A 1391 12.61 0.03 -30.57
N GLU A 1392 13.94 0.13 -30.59
CA GLU A 1392 14.79 -0.94 -30.07
C GLU A 1392 15.09 -0.77 -28.58
N ALA A 1393 14.41 0.15 -27.90
CA ALA A 1393 14.33 0.12 -26.43
C ALA A 1393 13.11 -0.74 -26.10
N TYR A 1394 13.32 -2.05 -26.19
CA TYR A 1394 12.23 -3.02 -26.24
C TYR A 1394 11.36 -2.94 -24.98
N ALA A 1395 10.11 -2.57 -25.18
CA ALA A 1395 9.17 -2.34 -24.09
C ALA A 1395 7.94 -3.22 -24.26
N ASP A 1396 7.46 -3.76 -23.13
CA ASP A 1396 6.14 -4.39 -23.04
C ASP A 1396 5.16 -3.36 -22.48
N THR A 1397 3.96 -3.32 -23.07
CA THR A 1397 2.98 -2.30 -22.70
C THR A 1397 1.81 -2.98 -22.00
N HIS A 1398 1.40 -2.44 -20.86
CA HIS A 1398 0.40 -3.05 -20.00
C HIS A 1398 -0.84 -2.16 -19.93
N VAL A 1399 -2.01 -2.78 -20.07
CA VAL A 1399 -3.30 -2.10 -20.07
C VAL A 1399 -4.13 -2.59 -18.90
N TYR A 1400 -4.77 -1.66 -18.19
CA TYR A 1400 -5.52 -1.96 -16.98
C TYR A 1400 -6.94 -1.46 -17.09
N ASP A 1401 -7.85 -2.13 -16.40
CA ASP A 1401 -9.25 -1.70 -16.37
C ASP A 1401 -9.45 -0.74 -15.21
N PRO A 1402 -10.65 -0.17 -15.07
CA PRO A 1402 -10.87 0.79 -13.97
C PRO A 1402 -10.71 0.21 -12.57
N ILE A 1403 -10.74 -1.12 -12.43
CA ILE A 1403 -10.45 -1.74 -11.13
C ILE A 1403 -8.95 -1.81 -10.86
N GLY A 1404 -8.12 -1.53 -11.84
CA GLY A 1404 -6.70 -1.71 -11.68
C GLY A 1404 -6.21 -3.10 -12.00
N ARG A 1405 -7.02 -3.91 -12.67
CA ARG A 1405 -6.62 -5.24 -13.09
C ARG A 1405 -5.99 -5.17 -14.47
N GLU A 1406 -4.91 -5.92 -14.67
CA GLU A 1406 -4.28 -5.96 -15.99
C GLU A 1406 -5.14 -6.77 -16.95
N ILE A 1407 -5.58 -6.14 -18.04
CA ILE A 1407 -6.41 -6.83 -19.02
C ILE A 1407 -5.70 -7.11 -20.34
N LYS A 1408 -4.56 -6.46 -20.61
CA LYS A 1408 -3.88 -6.66 -21.88
C LYS A 1408 -2.39 -6.37 -21.70
N VAL A 1409 -1.56 -7.19 -22.35
CA VAL A 1409 -0.12 -6.98 -22.38
C VAL A 1409 0.33 -7.12 -23.83
N ILE A 1410 0.97 -6.09 -24.36
CA ILE A 1410 1.51 -6.10 -25.72
C ILE A 1410 3.03 -6.23 -25.61
N THR A 1411 3.55 -7.38 -26.03
CA THR A 1411 4.97 -7.63 -25.85
C THR A 1411 5.80 -6.82 -26.82
N ALA A 1412 7.07 -6.65 -26.49
CA ALA A 1412 7.98 -5.94 -27.38
C ALA A 1412 7.96 -6.50 -28.80
N LYS A 1413 7.79 -7.81 -28.95
CA LYS A 1413 7.82 -8.44 -30.26
C LYS A 1413 6.53 -8.26 -31.05
N GLY A 1414 5.45 -7.82 -30.41
CA GLY A 1414 4.18 -7.59 -31.08
C GLY A 1414 3.08 -8.53 -30.68
N TRP A 1415 3.40 -9.69 -30.10
CA TRP A 1415 2.36 -10.58 -29.62
C TRP A 1415 1.69 -9.97 -28.40
N PHE A 1416 0.52 -10.50 -28.05
CA PHE A 1416 -0.10 -9.95 -26.86
C PHE A 1416 -0.84 -11.02 -26.07
N ARG A 1417 -1.09 -10.68 -24.80
CA ARG A 1417 -1.91 -11.47 -23.90
C ARG A 1417 -3.12 -10.65 -23.50
N ARG A 1418 -4.20 -11.37 -23.18
CA ARG A 1418 -5.46 -10.71 -22.86
C ARG A 1418 -6.09 -11.43 -21.67
N THR A 1419 -6.90 -10.68 -20.92
CA THR A 1419 -7.64 -11.26 -19.81
C THR A 1419 -9.03 -10.64 -19.74
N LEU A 1420 -10.05 -11.50 -19.73
CA LEU A 1420 -11.44 -11.08 -19.61
C LEU A 1420 -11.95 -11.45 -18.22
N PHE A 1421 -12.41 -10.45 -17.47
CA PHE A 1421 -12.98 -10.69 -16.15
C PHE A 1421 -14.50 -10.66 -16.23
N THR A 1422 -15.13 -11.78 -15.91
CA THR A 1422 -16.57 -11.84 -15.75
C THR A 1422 -16.87 -12.25 -14.32
N PRO A 1423 -18.11 -12.11 -13.84
CA PRO A 1423 -18.36 -12.37 -12.42
C PRO A 1423 -18.04 -13.79 -11.98
N TRP A 1424 -18.27 -14.79 -12.81
CA TRP A 1424 -18.08 -16.17 -12.38
C TRP A 1424 -16.90 -16.87 -13.04
N PHE A 1425 -16.17 -16.20 -13.93
CA PHE A 1425 -14.99 -16.83 -14.50
C PHE A 1425 -14.08 -15.79 -15.14
N THR A 1426 -12.81 -16.18 -15.28
CA THR A 1426 -11.77 -15.34 -15.88
C THR A 1426 -11.19 -16.07 -17.09
N VAL A 1427 -11.08 -15.37 -18.22
CA VAL A 1427 -10.54 -15.92 -19.46
C VAL A 1427 -9.16 -15.33 -19.69
N ASN A 1428 -8.15 -16.19 -19.76
CA ASN A 1428 -6.78 -15.79 -20.03
C ASN A 1428 -6.38 -16.27 -21.42
N GLU A 1429 -5.93 -15.36 -22.26
CA GLU A 1429 -5.45 -15.66 -23.60
C GLU A 1429 -3.96 -15.34 -23.68
N ASP A 1430 -3.16 -16.30 -24.16
CA ASP A 1430 -1.71 -16.11 -24.20
C ASP A 1430 -1.28 -15.71 -25.62
N GLU A 1431 0.04 -15.54 -25.81
CA GLU A 1431 0.54 -15.02 -27.08
C GLU A 1431 0.14 -15.92 -28.24
N ASN A 1432 0.01 -17.22 -27.99
CA ASN A 1432 -0.38 -18.14 -29.05
C ASN A 1432 -1.88 -18.06 -29.30
N ASP A 1433 -2.67 -17.95 -28.22
CA ASP A 1433 -4.12 -17.88 -28.36
C ASP A 1433 -4.55 -16.71 -29.24
N THR A 1434 -3.80 -15.60 -29.20
CA THR A 1434 -4.20 -14.38 -29.90
C THR A 1434 -3.42 -14.11 -31.18
N ALA A 1435 -2.49 -15.00 -31.58
CA ALA A 1435 -1.55 -14.67 -32.64
C ALA A 1435 -2.25 -14.40 -33.97
N ALA A 1436 -3.43 -14.98 -34.18
CA ALA A 1436 -4.12 -14.81 -35.46
C ALA A 1436 -4.56 -13.37 -35.71
N GLU A 1437 -4.54 -12.52 -34.69
CA GLU A 1437 -5.01 -11.15 -34.83
C GLU A 1437 -3.88 -10.13 -34.99
N VAL A 1438 -2.63 -10.54 -34.83
CA VAL A 1438 -1.50 -9.62 -34.80
C VAL A 1438 -1.01 -9.34 -36.22
N LYS A 1439 -0.53 -8.10 -36.43
CA LYS A 1439 -0.08 -7.60 -37.73
C LYS A 1439 -1.17 -7.80 -38.79
N LYS A 1440 -2.30 -7.14 -38.54
CA LYS A 1440 -3.50 -7.22 -39.38
C LYS A 1440 -3.85 -8.66 -39.80
N ILE A 1441 4.44 -19.61 -37.19
CA ILE A 1441 3.60 -20.59 -36.52
C ILE A 1441 2.17 -20.53 -37.07
N ASP A 1442 1.45 -21.65 -36.96
CA ASP A 1442 0.09 -21.75 -37.45
C ASP A 1442 -0.86 -21.29 -36.35
N PRO A 1443 -1.45 -20.09 -36.45
CA PRO A 1443 -2.24 -19.60 -35.32
C PRO A 1443 -3.61 -20.24 -35.18
N LYS A 1444 -4.14 -20.87 -36.23
CA LYS A 1444 -5.49 -21.44 -36.12
C LYS A 1444 -5.51 -22.62 -35.15
N LEU A 1445 -4.38 -23.31 -34.96
CA LEU A 1445 -4.32 -24.39 -33.98
C LEU A 1445 -4.65 -23.90 -32.58
N TYR A 1446 -4.32 -22.65 -32.26
CA TYR A 1446 -4.48 -22.11 -30.93
C TYR A 1446 -5.65 -21.14 -30.81
N GLN A 1447 -6.33 -20.85 -31.92
CA GLN A 1447 -7.50 -19.98 -31.89
C GLN A 1447 -8.55 -20.48 -30.92
N LYS A 1448 -9.07 -19.57 -30.11
CA LYS A 1448 -10.14 -19.88 -29.15
C LYS A 1448 -9.76 -21.05 -28.26
N THR A 1449 -8.51 -21.06 -27.77
CA THR A 1449 -8.07 -22.03 -26.77
C THR A 1449 -7.50 -21.30 -25.55
N PRO A 1450 -8.31 -20.47 -24.90
CA PRO A 1450 -7.85 -19.78 -23.69
C PRO A 1450 -7.85 -20.73 -22.51
N THR A 1451 -7.34 -20.23 -21.38
CA THR A 1451 -7.41 -20.92 -20.10
C THR A 1451 -8.41 -20.19 -19.23
N VAL A 1452 -9.40 -20.91 -18.71
CA VAL A 1452 -10.50 -20.30 -17.98
C VAL A 1452 -10.47 -20.78 -16.53
N SER A 1453 -10.60 -19.84 -15.60
CA SER A 1453 -10.75 -20.14 -14.18
C SER A 1453 -12.16 -19.79 -13.76
N VAL A 1454 -12.94 -20.81 -13.38
CA VAL A 1454 -14.31 -20.61 -12.95
C VAL A 1454 -14.36 -20.47 -11.43
N TYR A 1455 -15.21 -19.57 -10.94
CA TYR A 1455 -15.29 -19.21 -9.54
C TYR A 1455 -16.63 -19.62 -8.93
N ASP A 1456 -16.61 -19.94 -7.65
CA ASP A 1456 -17.85 -20.11 -6.90
C ASP A 1456 -18.29 -18.74 -6.39
N ASN A 1457 -19.21 -18.70 -5.44
CA ASN A 1457 -19.62 -17.42 -4.86
C ASN A 1457 -18.83 -17.09 -3.61
N ARG A 1458 -17.68 -17.77 -3.41
CA ARG A 1458 -16.76 -17.48 -2.33
C ARG A 1458 -15.42 -16.95 -2.84
N GLY A 1459 -15.31 -16.70 -4.14
CA GLY A 1459 -14.04 -16.33 -4.73
C GLY A 1459 -13.04 -17.47 -4.92
N LEU A 1460 -13.47 -18.72 -4.84
CA LEU A 1460 -12.55 -19.85 -4.98
C LEU A 1460 -12.62 -20.41 -6.40
N ILE A 1461 -11.48 -20.87 -6.90
CA ILE A 1461 -11.44 -21.45 -8.25
C ILE A 1461 -11.98 -22.87 -8.17
N ILE A 1462 -13.15 -23.09 -8.77
CA ILE A 1462 -13.79 -24.40 -8.71
C ILE A 1462 -13.62 -25.21 -10.00
N ARG A 1463 -13.29 -24.55 -11.11
CA ARG A 1463 -12.97 -25.24 -12.36
C ARG A 1463 -11.82 -24.52 -13.07
N ASN A 1464 -10.86 -25.30 -13.56
CA ASN A 1464 -9.89 -24.88 -14.56
C ASN A 1464 -10.29 -25.54 -15.87
N ILE A 1465 -10.56 -24.73 -16.88
CA ILE A 1465 -11.07 -25.22 -18.15
C ILE A 1465 -10.03 -24.94 -19.21
N ASP A 1466 -9.62 -25.98 -19.93
CA ASP A 1466 -8.74 -25.86 -21.09
C ASP A 1466 -9.45 -26.37 -22.33
N PHE A 1467 -8.93 -25.99 -23.49
CA PHE A 1467 -9.51 -26.39 -24.76
C PHE A 1467 -8.41 -27.04 -25.60
N HIS A 1468 -8.57 -28.32 -25.90
CA HIS A 1468 -7.50 -29.14 -26.43
C HIS A 1468 -7.71 -29.39 -27.91
N ARG A 1469 -6.69 -29.11 -28.70
CA ARG A 1469 -6.77 -29.27 -30.14
C ARG A 1469 -5.41 -29.74 -30.64
N THR A 1470 -5.40 -30.83 -31.41
CA THR A 1470 -4.15 -31.33 -31.97
C THR A 1470 -3.93 -30.91 -33.41
N THR A 1471 -4.99 -30.65 -34.16
CA THR A 1471 -4.86 -30.19 -35.53
C THR A 1471 -5.71 -28.94 -35.71
N ALA A 1472 -5.25 -28.06 -36.61
CA ALA A 1472 -5.95 -26.81 -36.83
C ALA A 1472 -7.42 -27.01 -37.21
N ASN A 1473 -7.75 -28.12 -37.87
CA ASN A 1473 -9.13 -28.36 -38.30
C ASN A 1473 -9.99 -29.06 -37.25
N GLY A 1474 -9.40 -29.84 -36.33
CA GLY A 1474 -10.18 -30.59 -35.38
C GLY A 1474 -10.91 -29.68 -34.39
N ASP A 1475 -12.06 -30.16 -33.91
CA ASP A 1475 -12.83 -29.39 -32.96
C ASP A 1475 -12.27 -29.59 -31.55
N PRO A 1476 -12.18 -28.52 -30.76
CA PRO A 1476 -11.53 -28.63 -29.45
C PRO A 1476 -12.39 -29.38 -28.45
N ASP A 1477 -11.77 -30.27 -27.68
CA ASP A 1477 -12.49 -30.94 -26.60
C ASP A 1477 -12.25 -30.17 -25.31
N THR A 1478 -13.33 -29.90 -24.57
CA THR A 1478 -13.20 -29.15 -23.34
C THR A 1478 -12.58 -30.04 -22.26
N ARG A 1479 -11.58 -29.51 -21.56
CA ARG A 1479 -10.95 -30.21 -20.44
C ARG A 1479 -11.31 -29.52 -19.13
N ILE A 1480 -12.01 -30.22 -18.25
CA ILE A 1480 -12.49 -29.64 -16.99
C ILE A 1480 -11.77 -30.31 -15.83
N THR A 1481 -10.90 -29.56 -15.17
CA THR A 1481 -10.39 -29.94 -13.86
C THR A 1481 -11.28 -29.26 -12.81
N ARG A 1482 -11.81 -30.03 -11.86
CA ARG A 1482 -12.80 -29.52 -10.93
C ARG A 1482 -12.27 -29.54 -9.50
N HIS A 1483 -12.48 -28.44 -8.78
CA HIS A 1483 -12.06 -28.30 -7.40
C HIS A 1483 -13.30 -28.06 -6.54
N GLN A 1484 -13.40 -28.82 -5.45
CA GLN A 1484 -14.50 -28.70 -4.52
C GLN A 1484 -13.94 -28.23 -3.19
N TYR A 1485 -14.62 -27.26 -2.58
CA TYR A 1485 -14.24 -26.69 -1.30
C TYR A 1485 -15.36 -26.95 -0.30
N ASP A 1486 -14.99 -27.44 0.87
CA ASP A 1486 -15.99 -27.69 1.90
C ASP A 1486 -16.56 -26.38 2.44
N ILE A 1487 -17.58 -26.50 3.30
CA ILE A 1487 -18.20 -25.33 3.90
C ILE A 1487 -17.25 -24.55 4.79
N HIS A 1488 -16.13 -25.14 5.19
CA HIS A 1488 -15.08 -24.38 5.87
C HIS A 1488 -14.22 -23.57 4.92
N GLY A 1489 -14.47 -23.61 3.61
CA GLY A 1489 -13.67 -22.87 2.66
C GLY A 1489 -12.36 -23.51 2.26
N HIS A 1490 -12.14 -24.79 2.57
CA HIS A 1490 -10.88 -25.46 2.30
C HIS A 1490 -11.02 -26.42 1.13
N LEU A 1491 -9.96 -26.55 0.34
CA LEU A 1491 -9.96 -27.42 -0.84
C LEU A 1491 -10.18 -28.88 -0.45
N ASN A 1492 -11.38 -29.39 -0.70
CA ASN A 1492 -11.76 -30.72 -0.25
C ASN A 1492 -11.40 -31.81 -1.25
N GLN A 1493 -11.51 -31.52 -2.56
CA GLN A 1493 -11.09 -32.50 -3.56
C GLN A 1493 -10.75 -31.81 -4.87
N SER A 1494 -9.87 -32.46 -5.64
CA SER A 1494 -9.52 -32.05 -6.99
C SER A 1494 -9.56 -33.26 -7.91
N ILE A 1495 -10.10 -33.09 -9.11
CA ILE A 1495 -10.21 -34.19 -10.05
C ILE A 1495 -9.83 -33.67 -11.44
N ASP A 1496 -9.03 -34.47 -12.17
CA ASP A 1496 -8.48 -34.08 -13.46
C ASP A 1496 -9.52 -34.28 -14.57
N PRO A 1497 -9.26 -33.79 -15.78
CA PRO A 1497 -10.32 -33.82 -16.82
C PRO A 1497 -10.72 -35.23 -17.24
N ARG A 1498 -9.76 -36.15 -17.28
CA ARG A 1498 -10.07 -37.53 -17.68
C ARG A 1498 -10.97 -38.20 -16.65
N LEU A 1499 -10.55 -38.17 -15.39
CA LEU A 1499 -11.36 -38.75 -14.33
C LEU A 1499 -12.65 -37.99 -14.12
N TYR A 1500 -12.63 -36.66 -14.28
CA TYR A 1500 -13.87 -35.90 -14.19
C TYR A 1500 -14.89 -36.41 -15.21
N GLU A 1501 -14.49 -36.52 -16.47
CA GLU A 1501 -15.44 -36.99 -17.48
C GLU A 1501 -15.86 -38.43 -17.21
N ALA A 1502 -14.95 -39.26 -16.69
CA ALA A 1502 -15.33 -40.64 -16.39
C ALA A 1502 -16.30 -40.69 -15.21
N LYS A 1503 -16.12 -39.81 -14.22
CA LYS A 1503 -16.99 -39.75 -13.07
C LYS A 1503 -18.38 -39.23 -13.45
N GLN A 1504 -18.46 -38.41 -14.49
CA GLN A 1504 -19.78 -38.04 -15.02
C GLN A 1504 -20.60 -39.26 -15.42
N THR A 1505 -19.95 -40.35 -15.82
CA THR A 1505 -20.60 -41.61 -16.20
C THR A 1505 -20.70 -42.59 -15.04
N ASN A 1506 -19.67 -42.63 -14.19
CA ASN A 1506 -19.56 -43.60 -13.09
C ASN A 1506 -19.23 -42.85 -11.82
N ASN A 1507 -20.25 -42.59 -10.98
CA ASN A 1507 -20.06 -41.83 -9.75
C ASN A 1507 -19.21 -42.55 -8.70
N THR A 1508 -18.75 -43.76 -8.96
CA THR A 1508 -17.84 -44.47 -8.05
C THR A 1508 -16.37 -44.16 -8.32
N ILE A 1509 -16.06 -43.40 -9.37
CA ILE A 1509 -14.69 -43.02 -9.64
C ILE A 1509 -14.23 -41.99 -8.61
N LYS A 1510 -13.13 -42.26 -7.97
CA LYS A 1510 -12.70 -41.36 -6.90
C LYS A 1510 -11.83 -40.24 -7.47
N PRO A 1511 -11.91 -39.06 -6.88
CA PRO A 1511 -11.12 -37.93 -7.38
C PRO A 1511 -9.63 -38.11 -7.08
N ASN A 1512 -8.83 -37.37 -7.83
CA ASN A 1512 -7.38 -37.44 -7.68
C ASN A 1512 -6.95 -37.23 -6.22
N PHE A 1513 -7.57 -36.27 -5.53
CA PHE A 1513 -7.20 -35.95 -4.16
C PHE A 1513 -8.45 -35.70 -3.33
N LEU A 1514 -8.41 -36.17 -2.08
CA LEU A 1514 -9.34 -35.78 -1.04
C LEU A 1514 -8.50 -35.32 0.14
N TRP A 1515 -8.85 -34.17 0.70
CA TRP A 1515 -8.11 -33.56 1.80
C TRP A 1515 -9.05 -33.29 2.97
N GLN A 1516 -8.57 -33.58 4.18
CA GLN A 1516 -9.25 -33.18 5.41
C GLN A 1516 -8.33 -32.26 6.17
N TYR A 1517 -8.91 -31.30 6.90
CA TYR A 1517 -8.18 -30.24 7.56
C TYR A 1517 -8.68 -30.11 9.00
N ASP A 1518 -7.88 -29.45 9.83
CA ASP A 1518 -8.38 -29.04 11.13
C ASP A 1518 -9.19 -27.76 10.96
N LEU A 1519 -9.66 -27.19 12.09
CA LEU A 1519 -10.53 -26.04 11.99
C LEU A 1519 -9.80 -24.80 11.48
N THR A 1520 -8.47 -24.76 11.57
CA THR A 1520 -7.69 -23.61 11.17
C THR A 1520 -7.10 -23.73 9.77
N GLY A 1521 -7.46 -24.77 9.02
CA GLY A 1521 -6.98 -24.91 7.67
C GLY A 1521 -5.72 -25.74 7.51
N ASN A 1522 -5.19 -26.30 8.59
CA ASN A 1522 -4.00 -27.14 8.45
C ASN A 1522 -4.40 -28.53 7.96
N PRO A 1523 -3.80 -29.04 6.90
CA PRO A 1523 -4.20 -30.34 6.36
C PRO A 1523 -3.80 -31.46 7.31
N LEU A 1524 -4.73 -32.38 7.54
CA LEU A 1524 -4.52 -33.50 8.44
C LEU A 1524 -4.32 -34.82 7.71
N CYS A 1525 -5.11 -35.05 6.66
CA CYS A 1525 -5.10 -36.31 5.94
C CYS A 1525 -5.28 -36.04 4.45
N THR A 1526 -4.49 -36.72 3.63
CA THR A 1526 -4.58 -36.63 2.18
C THR A 1526 -4.86 -38.01 1.62
N GLU A 1527 -5.86 -38.13 0.76
CA GLU A 1527 -6.15 -39.37 0.05
C GLU A 1527 -5.90 -39.11 -1.44
N SER A 1528 -4.79 -39.66 -1.95
CA SER A 1528 -4.33 -39.41 -3.31
C SER A 1528 -4.33 -40.73 -4.08
N ILE A 1529 -4.98 -40.74 -5.25
CA ILE A 1529 -4.99 -41.98 -6.03
C ILE A 1529 -3.59 -42.28 -6.55
N ASP A 1530 -2.76 -41.25 -6.70
CA ASP A 1530 -1.41 -41.46 -7.21
C ASP A 1530 -0.41 -41.76 -6.08
N ALA A 1531 -0.55 -41.12 -4.93
CA ALA A 1531 0.43 -41.21 -3.86
C ALA A 1531 -0.08 -41.89 -2.60
N GLY A 1532 -1.32 -42.38 -2.61
CA GLY A 1532 -1.84 -43.05 -1.44
C GLY A 1532 -2.26 -42.07 -0.35
N ARG A 1533 -2.42 -42.61 0.85
CA ARG A 1533 -2.98 -41.86 1.97
C ARG A 1533 -1.89 -41.51 2.96
N THR A 1534 -1.81 -40.23 3.32
CA THR A 1534 -0.86 -39.76 4.33
C THR A 1534 -1.60 -38.98 5.40
N VAL A 1535 -1.21 -39.18 6.66
CA VAL A 1535 -1.82 -38.51 7.80
C VAL A 1535 -0.73 -37.85 8.63
N THR A 1536 -1.00 -36.64 9.14
CA THR A 1536 -0.02 -35.90 9.91
C THR A 1536 -0.69 -35.17 11.06
N LEU A 1537 -0.06 -35.21 12.22
CA LEU A 1537 -0.48 -34.42 13.38
C LEU A 1537 0.64 -33.48 13.78
N ASN A 1538 0.40 -32.18 13.68
CA ASN A 1538 1.34 -31.19 14.18
C ASN A 1538 1.00 -30.83 15.63
N ASP A 1539 1.99 -30.28 16.33
CA ASP A 1539 1.74 -29.78 17.67
C ASP A 1539 1.36 -28.30 17.60
N ILE A 1540 1.04 -27.71 18.76
CA ILE A 1540 0.59 -26.33 18.77
C ILE A 1540 1.67 -25.35 18.38
N GLU A 1541 2.93 -25.76 18.36
CA GLU A 1541 3.96 -24.95 17.74
C GLU A 1541 3.93 -25.07 16.22
N GLY A 1542 3.08 -25.93 15.67
CA GLY A 1542 3.07 -26.16 14.24
C GLY A 1542 4.11 -27.15 13.77
N ARG A 1543 4.84 -27.80 14.69
CA ARG A 1543 5.90 -28.73 14.34
C ARG A 1543 5.33 -30.12 14.10
N PRO A 1544 5.73 -30.77 13.01
CA PRO A 1544 5.27 -32.14 12.76
C PRO A 1544 5.66 -33.05 13.89
N LEU A 1545 4.68 -33.76 14.42
CA LEU A 1545 4.85 -34.68 15.54
C LEU A 1545 4.71 -36.14 15.13
N LEU A 1546 3.67 -36.45 14.35
CA LEU A 1546 3.38 -37.81 13.94
C LEU A 1546 2.95 -37.81 12.49
N THR A 1547 3.51 -38.72 11.70
CA THR A 1547 3.11 -38.88 10.32
C THR A 1547 2.94 -40.37 10.05
N VAL A 1548 1.87 -40.73 9.34
CA VAL A 1548 1.68 -42.10 8.85
C VAL A 1548 1.77 -42.04 7.34
N THR A 1549 2.80 -42.66 6.77
CA THR A 1549 2.98 -42.61 5.32
C THR A 1549 1.97 -43.54 4.65
N ALA A 1550 1.97 -43.51 3.31
CA ALA A 1550 1.03 -44.29 2.52
C ALA A 1550 1.25 -45.79 2.65
N THR A 1551 2.48 -46.22 2.98
CA THR A 1551 2.76 -47.62 3.23
C THR A 1551 2.69 -47.97 4.71
N GLY A 1552 2.12 -47.09 5.53
CA GLY A 1552 1.89 -47.38 6.94
C GLY A 1552 3.06 -47.17 7.87
N VAL A 1553 4.15 -46.55 7.40
CA VAL A 1553 5.27 -46.25 8.29
C VAL A 1553 4.87 -45.12 9.24
N ILE A 1554 5.12 -45.31 10.52
CA ILE A 1554 4.89 -44.28 11.53
C ILE A 1554 6.19 -43.53 11.77
N GLN A 1555 6.18 -42.23 11.46
CA GLN A 1555 7.34 -41.37 11.66
C GLN A 1555 7.02 -40.39 12.78
N THR A 1556 7.88 -40.35 13.79
CA THR A 1556 7.69 -39.50 14.94
C THR A 1556 8.92 -38.64 15.14
N ARG A 1557 8.68 -37.39 15.57
CA ARG A 1557 9.74 -36.43 15.80
C ARG A 1557 9.73 -36.00 17.26
N GLN A 1558 10.92 -35.71 17.78
CA GLN A 1558 11.11 -35.34 19.18
C GLN A 1558 11.88 -34.03 19.21
N TYR A 1559 11.38 -33.07 19.97
CA TYR A 1559 11.97 -31.73 20.09
C TYR A 1559 12.54 -31.52 21.49
N GLU A 1560 13.31 -30.44 21.62
CA GLU A 1560 13.86 -30.05 22.92
C GLU A 1560 12.73 -29.83 23.93
N THR A 1561 13.10 -29.86 25.22
CA THR A 1561 12.16 -29.67 26.31
C THR A 1561 11.57 -28.26 26.29
N SER A 1562 10.51 -28.08 27.10
CA SER A 1562 9.78 -26.82 27.11
C SER A 1562 10.58 -25.67 27.69
N SER A 1563 11.75 -25.93 28.28
CA SER A 1563 12.64 -24.87 28.71
C SER A 1563 13.69 -24.52 27.66
N LEU A 1564 13.62 -25.12 26.48
CA LEU A 1564 14.58 -24.80 25.41
C LEU A 1564 13.84 -24.17 24.23
N PRO A 1565 14.54 -23.69 23.20
CA PRO A 1565 13.84 -23.14 22.04
C PRO A 1565 12.86 -24.07 21.37
N GLY A 1566 13.05 -25.38 21.46
CA GLY A 1566 12.18 -26.31 20.76
C GLY A 1566 12.70 -26.75 19.41
N ARG A 1567 14.01 -26.85 19.26
CA ARG A 1567 14.56 -27.34 18.01
C ARG A 1567 14.45 -28.86 17.95
N LEU A 1568 14.51 -29.38 16.72
CA LEU A 1568 14.34 -30.81 16.49
C LEU A 1568 15.54 -31.58 17.04
N LEU A 1569 15.26 -32.68 17.75
CA LEU A 1569 16.30 -33.47 18.37
C LEU A 1569 16.50 -34.82 17.70
N SER A 1570 15.42 -35.49 17.31
CA SER A 1570 15.55 -36.80 16.70
C SER A 1570 14.32 -37.10 15.87
N VAL A 1571 14.49 -38.00 14.91
CA VAL A 1571 13.41 -38.54 14.10
C VAL A 1571 13.40 -40.04 14.28
N ALA A 1572 12.22 -40.59 14.53
CA ALA A 1572 12.04 -42.03 14.66
C ALA A 1572 11.07 -42.52 13.59
N GLU A 1573 11.22 -43.79 13.22
CA GLU A 1573 10.39 -44.44 12.22
C GLU A 1573 10.11 -45.87 12.66
N GLN A 1574 8.90 -46.34 12.38
CA GLN A 1574 8.54 -47.72 12.69
C GLN A 1574 7.65 -48.27 11.59
N THR A 1575 8.02 -49.41 11.05
CA THR A 1575 7.23 -50.10 10.04
C THR A 1575 6.09 -50.88 10.70
N PRO A 1576 5.08 -51.27 9.93
CA PRO A 1576 4.07 -52.18 10.50
C PRO A 1576 4.67 -53.49 10.97
N GLU A 1577 5.79 -53.91 10.38
CA GLU A 1577 6.46 -55.14 10.77
C GLU A 1577 7.23 -54.98 12.07
N GLU A 1578 7.91 -53.85 12.25
CA GLU A 1578 8.70 -53.63 13.45
C GLU A 1578 7.79 -53.42 14.65
N LYS A 1579 8.14 -54.08 15.76
CA LYS A 1579 7.52 -53.79 17.05
C LYS A 1579 8.23 -52.68 17.80
N THR A 1580 9.44 -52.31 17.36
CA THR A 1580 10.22 -51.24 17.95
C THR A 1580 10.61 -50.26 16.86
N SER A 1581 10.76 -48.99 17.24
CA SER A 1581 11.10 -47.96 16.26
C SER A 1581 12.61 -47.75 16.18
N ARG A 1582 13.05 -47.26 15.03
CA ARG A 1582 14.45 -46.94 14.79
C ARG A 1582 14.62 -45.42 14.80
N ILE A 1583 15.75 -44.95 15.33
CA ILE A 1583 16.06 -43.53 15.32
C ILE A 1583 16.92 -43.27 14.09
N THR A 1584 16.33 -42.63 13.09
CA THR A 1584 17.01 -42.41 11.81
C THR A 1584 17.73 -41.07 11.75
N GLU A 1585 17.40 -40.13 12.63
CA GLU A 1585 18.08 -38.86 12.69
C GLU A 1585 18.26 -38.43 14.14
N ARG A 1586 19.42 -37.82 14.42
CA ARG A 1586 19.74 -37.25 15.72
C ARG A 1586 20.46 -35.94 15.47
N LEU A 1587 20.03 -34.87 16.13
CA LEU A 1587 20.58 -33.55 15.93
C LEU A 1587 21.12 -33.04 17.27
N ILE A 1588 22.39 -32.63 17.28
CA ILE A 1588 23.04 -32.10 18.46
C ILE A 1588 23.35 -30.63 18.19
N TRP A 1589 22.82 -29.75 19.04
CA TRP A 1589 22.92 -28.30 18.88
C TRP A 1589 24.08 -27.75 19.70
N ALA A 1590 24.80 -26.77 19.14
CA ALA A 1590 25.87 -26.14 19.88
C ALA A 1590 25.31 -25.29 21.03
N GLY A 1591 26.15 -25.09 22.05
CA GLY A 1591 25.85 -24.11 23.09
C GLY A 1591 26.31 -22.72 22.71
N ASN A 1592 26.81 -21.93 23.65
CA ASN A 1592 27.39 -20.62 23.33
C ASN A 1592 28.63 -20.38 24.19
N THR A 1593 29.52 -21.36 24.19
CA THR A 1593 30.81 -21.19 24.84
C THR A 1593 31.68 -20.24 24.01
N GLU A 1594 32.78 -19.80 24.62
CA GLU A 1594 33.72 -18.96 23.88
C GLU A 1594 34.26 -19.71 22.67
N ALA A 1595 34.53 -21.01 22.81
CA ALA A 1595 35.10 -21.78 21.70
C ALA A 1595 34.10 -21.90 20.55
N GLU A 1596 32.82 -22.08 20.87
CA GLU A 1596 31.83 -22.20 19.81
C GLU A 1596 31.58 -20.86 19.13
N LYS A 1597 31.55 -19.77 19.92
CA LYS A 1597 31.37 -18.45 19.33
C LYS A 1597 32.57 -18.06 18.46
N ASP A 1598 33.77 -18.43 18.89
CA ASP A 1598 34.97 -18.22 18.09
C ASP A 1598 34.90 -18.93 16.74
N HIS A 1599 34.04 -19.93 16.62
CA HIS A 1599 33.80 -20.59 15.35
C HIS A 1599 32.41 -20.29 14.79
N ASN A 1600 31.71 -19.33 15.40
CA ASN A 1600 30.39 -18.88 14.94
C ASN A 1600 29.40 -20.04 14.89
N LEU A 1601 29.50 -20.95 15.86
CA LEU A 1601 28.64 -22.13 15.90
C LEU A 1601 27.42 -21.97 16.80
N ALA A 1602 27.38 -20.96 17.65
CA ALA A 1602 26.26 -20.77 18.58
C ALA A 1602 24.93 -20.88 17.87
N GLY A 1603 24.06 -21.76 18.37
CA GLY A 1603 22.75 -21.97 17.79
C GLY A 1603 22.71 -22.87 16.59
N GLN A 1604 23.86 -23.31 16.06
CA GLN A 1604 23.87 -24.21 14.92
C GLN A 1604 23.74 -25.65 15.37
N CYS A 1605 23.32 -26.51 14.45
CA CYS A 1605 23.39 -27.95 14.64
C CYS A 1605 24.79 -28.41 14.24
N VAL A 1606 25.62 -28.75 15.23
CA VAL A 1606 27.02 -29.03 14.98
C VAL A 1606 27.26 -30.47 14.55
N ARG A 1607 26.39 -31.40 14.95
CA ARG A 1607 26.48 -32.79 14.53
C ARG A 1607 25.08 -33.26 14.20
N HIS A 1608 24.93 -33.86 13.01
CA HIS A 1608 23.65 -34.30 12.50
C HIS A 1608 23.78 -35.73 11.97
N TYR A 1609 23.37 -36.71 12.78
CA TYR A 1609 23.30 -38.09 12.33
C TYR A 1609 22.02 -38.29 11.53
N ASP A 1610 22.13 -38.92 10.37
CA ASP A 1610 20.95 -39.10 9.51
C ASP A 1610 20.96 -40.52 8.94
N THR A 1611 20.25 -40.70 7.85
CA THR A 1611 20.02 -42.03 7.26
C THR A 1611 21.27 -42.61 6.56
N ALA A 1612 22.34 -41.85 6.48
CA ALA A 1612 23.50 -42.33 5.74
C ALA A 1612 24.77 -42.21 6.57
N GLY A 1613 24.69 -41.49 7.69
CA GLY A 1613 25.88 -41.27 8.51
C GLY A 1613 25.76 -40.05 9.37
N VAL A 1614 26.82 -39.25 9.43
CA VAL A 1614 26.80 -38.08 10.29
C VAL A 1614 27.54 -36.96 9.60
N THR A 1615 27.01 -35.75 9.72
CA THR A 1615 27.64 -34.55 9.19
C THR A 1615 27.96 -33.62 10.35
N ARG A 1616 29.21 -33.20 10.43
CA ARG A 1616 29.68 -32.35 11.52
C ARG A 1616 30.06 -30.98 10.98
N LEU A 1617 29.49 -29.94 11.57
CA LEU A 1617 29.76 -28.56 11.19
C LEU A 1617 30.76 -27.98 12.20
N GLU A 1618 31.88 -27.50 11.70
CA GLU A 1618 33.00 -27.13 12.56
C GLU A 1618 33.35 -25.66 12.54
N SER A 1619 32.97 -24.90 11.51
CA SER A 1619 33.42 -23.51 11.41
C SER A 1619 32.50 -22.75 10.45
N LEU A 1620 32.00 -21.60 10.90
CA LEU A 1620 31.19 -20.73 10.06
C LEU A 1620 31.90 -19.39 9.89
N SER A 1621 31.58 -18.71 8.78
CA SER A 1621 32.14 -17.40 8.52
C SER A 1621 31.33 -16.30 9.24
N LEU A 1622 31.82 -15.07 9.16
CA LEU A 1622 31.04 -13.92 9.61
C LEU A 1622 29.73 -13.76 8.85
N THR A 1623 29.63 -14.31 7.63
CA THR A 1623 28.42 -14.18 6.83
C THR A 1623 27.50 -15.40 6.93
N GLY A 1624 27.82 -16.33 7.83
CA GLY A 1624 26.99 -17.51 8.01
C GLY A 1624 27.22 -18.63 7.03
N THR A 1625 28.33 -18.62 6.28
CA THR A 1625 28.65 -19.69 5.36
C THR A 1625 29.61 -20.69 6.03
N VAL A 1626 29.67 -21.90 5.46
CA VAL A 1626 30.37 -23.02 6.06
C VAL A 1626 31.82 -23.02 5.62
N LEU A 1627 32.73 -22.76 6.55
CA LEU A 1627 34.16 -22.79 6.27
C LEU A 1627 34.74 -24.20 6.38
N SER A 1628 34.15 -25.06 7.22
CA SER A 1628 34.65 -26.41 7.40
C SER A 1628 33.50 -27.31 7.86
N GLN A 1629 33.31 -28.41 7.15
CA GLN A 1629 32.38 -29.45 7.56
C GLN A 1629 33.03 -30.80 7.28
N SER A 1630 32.45 -31.84 7.86
CA SER A 1630 32.95 -33.18 7.66
C SER A 1630 31.78 -34.15 7.60
N SER A 1631 31.99 -35.23 6.86
CA SER A 1631 31.02 -36.27 6.65
C SER A 1631 31.65 -37.61 6.94
N GLN A 1632 30.89 -38.48 7.58
CA GLN A 1632 31.30 -39.85 7.84
C GLN A 1632 30.08 -40.71 7.57
N LEU A 1633 30.27 -41.77 6.80
CA LEU A 1633 29.17 -42.62 6.34
C LEU A 1633 29.09 -43.89 7.17
N LEU A 1634 27.87 -44.37 7.36
CA LEU A 1634 27.65 -45.68 7.95
C LEU A 1634 28.38 -46.75 7.15
N ILE A 1635 28.83 -47.79 7.84
CA ILE A 1635 29.33 -48.95 7.12
C ILE A 1635 28.15 -49.61 6.41
N ASP A 1636 28.43 -50.23 5.26
CA ASP A 1636 27.38 -50.64 4.35
C ASP A 1636 26.39 -51.62 4.97
N THR A 1637 26.81 -52.37 5.98
CA THR A 1637 26.00 -53.44 6.53
C THR A 1637 25.05 -53.01 7.64
N GLN A 1638 25.10 -51.75 8.07
CA GLN A 1638 24.30 -51.28 9.21
C GLN A 1638 23.25 -50.29 8.75
N GLU A 1639 22.03 -50.49 9.25
CA GLU A 1639 20.96 -49.51 9.08
C GLU A 1639 21.08 -48.44 10.15
N ALA A 1640 20.67 -47.22 9.80
CA ALA A 1640 20.74 -46.14 10.76
C ALA A 1640 19.81 -46.42 11.94
N ASN A 1641 20.37 -46.39 13.14
CA ASN A 1641 19.59 -46.60 14.35
C ASN A 1641 20.31 -45.95 15.53
N TRP A 1642 20.21 -44.63 15.65
CA TRP A 1642 20.93 -43.89 16.67
C TRP A 1642 20.19 -43.94 18.01
N THR A 1643 20.03 -45.14 18.53
CA THR A 1643 19.31 -45.38 19.76
C THR A 1643 20.19 -45.08 20.98
N GLY A 1644 19.56 -45.01 22.15
CA GLY A 1644 20.29 -44.78 23.37
C GLY A 1644 20.79 -43.34 23.47
N ASP A 1645 21.76 -43.14 24.36
CA ASP A 1645 22.33 -41.83 24.61
C ASP A 1645 23.82 -41.73 24.31
N ASN A 1646 24.60 -42.79 24.53
CA ASN A 1646 26.04 -42.74 24.31
C ASN A 1646 26.33 -42.55 22.83
N GLU A 1647 27.03 -41.47 22.49
CA GLU A 1647 27.40 -41.18 21.11
C GLU A 1647 28.40 -42.19 20.56
N THR A 1648 29.15 -42.87 21.42
CA THR A 1648 30.24 -43.71 20.91
C THR A 1648 29.71 -45.01 20.32
N VAL A 1649 28.58 -45.53 20.81
CA VAL A 1649 27.98 -46.69 20.15
C VAL A 1649 27.51 -46.31 18.76
N TRP A 1650 27.15 -45.04 18.56
CA TRP A 1650 26.84 -44.57 17.22
C TRP A 1650 28.11 -44.53 16.36
N GLN A 1651 29.16 -43.87 16.86
CA GLN A 1651 30.38 -43.76 16.07
C GLN A 1651 30.94 -45.14 15.73
N ASN A 1652 30.61 -46.15 16.53
CA ASN A 1652 31.01 -47.52 16.21
C ASN A 1652 30.33 -48.04 14.95
N MET A 1653 29.23 -47.43 14.52
CA MET A 1653 28.51 -47.86 13.33
C MET A 1653 29.01 -47.19 12.05
N LEU A 1654 29.97 -46.28 12.17
CA LEU A 1654 30.43 -45.47 11.04
C LEU A 1654 31.73 -46.02 10.46
N ALA A 1655 31.84 -45.93 9.14
CA ALA A 1655 33.10 -46.19 8.47
C ALA A 1655 34.16 -45.20 8.97
N ASP A 1656 35.43 -45.62 8.88
CA ASP A 1656 36.49 -44.84 9.51
C ASP A 1656 36.93 -43.64 8.68
N ASP A 1657 36.66 -43.60 7.38
CA ASP A 1657 37.04 -42.44 6.58
C ASP A 1657 36.20 -41.22 6.96
N ILE A 1658 36.86 -40.10 7.19
CA ILE A 1658 36.21 -38.81 7.43
C ILE A 1658 36.50 -37.90 6.24
N TYR A 1659 35.46 -37.29 5.68
CA TYR A 1659 35.57 -36.48 4.48
C TYR A 1659 35.34 -35.02 4.86
N THR A 1660 36.40 -34.23 4.78
CA THR A 1660 36.39 -32.85 5.26
C THR A 1660 36.48 -31.91 4.07
N THR A 1661 35.54 -30.98 3.98
CA THR A 1661 35.53 -29.98 2.93
C THR A 1661 35.73 -28.62 3.59
N LEU A 1662 36.71 -27.87 3.09
CA LEU A 1662 37.05 -26.55 3.58
C LEU A 1662 36.71 -25.51 2.52
N SER A 1663 36.21 -24.35 2.97
CA SER A 1663 35.84 -23.29 2.05
C SER A 1663 36.25 -21.92 2.61
N THR A 1664 36.47 -20.98 1.68
CA THR A 1664 36.65 -19.56 2.00
C THR A 1664 35.67 -18.75 1.16
N PHE A 1665 35.21 -17.63 1.70
CA PHE A 1665 34.19 -16.81 1.05
C PHE A 1665 34.63 -15.36 1.06
N ASP A 1666 34.02 -14.55 0.19
CA ASP A 1666 34.28 -13.11 0.22
C ASP A 1666 33.33 -12.45 1.21
N ALA A 1667 33.44 -11.12 1.35
CA ALA A 1667 32.67 -10.39 2.36
C ALA A 1667 31.17 -10.40 2.08
N THR A 1668 30.74 -10.76 0.86
CA THR A 1668 29.32 -10.87 0.54
C THR A 1668 28.81 -12.30 0.66
N GLY A 1669 29.64 -13.24 1.09
CA GLY A 1669 29.22 -14.61 1.23
C GLY A 1669 29.37 -15.48 -0.01
N ALA A 1670 30.02 -14.97 -1.06
CA ALA A 1670 30.24 -15.76 -2.26
C ALA A 1670 31.47 -16.63 -2.08
N LEU A 1671 31.41 -17.85 -2.60
CA LEU A 1671 32.52 -18.79 -2.49
C LEU A 1671 33.76 -18.26 -3.21
N LEU A 1672 34.89 -18.28 -2.50
CA LEU A 1672 36.18 -17.91 -3.07
C LEU A 1672 37.06 -19.12 -3.34
N THR A 1673 37.19 -20.03 -2.38
CA THR A 1673 37.93 -21.27 -2.58
C THR A 1673 37.18 -22.41 -1.90
N GLN A 1674 37.43 -23.63 -2.35
CA GLN A 1674 36.82 -24.82 -1.77
C GLN A 1674 37.75 -26.00 -1.96
N THR A 1675 38.28 -26.52 -0.86
CA THR A 1675 39.16 -27.69 -0.87
C THR A 1675 38.33 -28.95 -0.60
N ASP A 1676 38.38 -29.90 -1.52
CA ASP A 1676 37.56 -31.08 -1.37
C ASP A 1676 38.22 -32.06 -0.39
N ALA A 1677 37.52 -33.18 -0.14
CA ALA A 1677 37.96 -34.13 0.86
C ALA A 1677 39.28 -34.82 0.50
N LYS A 1678 39.76 -34.67 -0.73
CA LYS A 1678 41.06 -35.22 -1.11
C LYS A 1678 42.11 -34.12 -1.32
N GLY A 1679 41.84 -32.89 -0.87
CA GLY A 1679 42.83 -31.85 -0.92
C GLY A 1679 42.89 -31.04 -2.21
N ASN A 1680 41.96 -31.26 -3.14
CA ASN A 1680 41.95 -30.50 -4.38
C ASN A 1680 41.25 -29.16 -4.16
N ILE A 1681 41.85 -28.10 -4.69
CA ILE A 1681 41.43 -26.73 -4.40
C ILE A 1681 40.87 -26.12 -5.66
N GLN A 1682 39.60 -25.71 -5.60
CA GLN A 1682 38.98 -24.87 -6.61
C GLN A 1682 39.03 -23.43 -6.12
N ARG A 1683 39.23 -22.49 -7.05
CA ARG A 1683 39.29 -21.07 -6.74
C ARG A 1683 38.37 -20.32 -7.70
N LEU A 1684 37.59 -19.38 -7.17
CA LEU A 1684 36.69 -18.58 -7.99
C LEU A 1684 37.04 -17.10 -7.88
N ALA A 1685 36.64 -16.33 -8.89
CA ALA A 1685 36.83 -14.89 -8.88
C ALA A 1685 35.63 -14.23 -9.55
N TYR A 1686 35.26 -13.05 -9.08
CA TYR A 1686 34.04 -12.37 -9.51
C TYR A 1686 34.37 -11.02 -10.14
N ASP A 1687 33.50 -10.56 -11.04
CA ASP A 1687 33.72 -9.25 -11.64
C ASP A 1687 33.18 -8.15 -10.72
N VAL A 1688 33.22 -6.92 -11.21
CA VAL A 1688 32.84 -5.76 -10.41
C VAL A 1688 31.35 -5.73 -10.12
N ALA A 1689 30.57 -6.56 -10.80
CA ALA A 1689 29.15 -6.70 -10.53
C ALA A 1689 28.82 -7.94 -9.72
N GLY A 1690 29.83 -8.65 -9.22
CA GLY A 1690 29.58 -9.85 -8.45
C GLY A 1690 29.34 -11.09 -9.28
N GLN A 1691 29.57 -11.04 -10.59
CA GLN A 1691 29.35 -12.19 -11.45
C GLN A 1691 30.63 -13.01 -11.57
N LEU A 1692 30.49 -14.33 -11.51
CA LEU A 1692 31.64 -15.20 -11.68
C LEU A 1692 32.33 -14.90 -12.99
N ASN A 1693 33.64 -14.61 -12.95
CA ASN A 1693 34.39 -14.36 -14.19
C ASN A 1693 35.74 -15.09 -14.27
N GLY A 1694 36.03 -15.97 -13.32
CA GLY A 1694 37.22 -16.81 -13.43
C GLY A 1694 37.12 -17.98 -12.50
N SER A 1695 37.75 -19.09 -12.89
CA SER A 1695 37.81 -20.24 -11.99
C SER A 1695 39.07 -21.04 -12.28
N TRP A 1696 39.67 -21.58 -11.21
CA TRP A 1696 40.93 -22.29 -11.28
C TRP A 1696 40.83 -23.58 -10.48
N LEU A 1697 41.73 -24.50 -10.77
CA LEU A 1697 41.79 -25.74 -10.01
C LEU A 1697 43.24 -26.05 -9.69
N THR A 1698 43.48 -26.47 -8.45
CA THR A 1698 44.78 -26.95 -8.02
C THR A 1698 44.61 -28.37 -7.50
N LEU A 1699 44.91 -29.36 -8.33
CA LEU A 1699 44.91 -30.73 -7.86
C LEU A 1699 45.99 -30.90 -6.79
N LYS A 1700 45.73 -31.80 -5.85
CA LYS A 1700 46.65 -31.99 -4.73
C LYS A 1700 48.05 -32.23 -5.23
N GLY A 1701 49.01 -31.47 -4.69
CA GLY A 1701 50.40 -31.63 -5.03
C GLY A 1701 50.80 -30.98 -6.33
N GLN A 1702 49.86 -30.51 -7.14
CA GLN A 1702 50.12 -29.92 -8.44
C GLN A 1702 50.09 -28.39 -8.35
N THR A 1703 50.24 -27.75 -9.49
CA THR A 1703 50.15 -26.30 -9.59
C THR A 1703 48.78 -25.89 -10.14
N GLU A 1704 48.39 -24.65 -9.84
CA GLU A 1704 47.06 -24.17 -10.21
C GLU A 1704 46.93 -24.02 -11.71
N GLN A 1705 45.80 -24.47 -12.26
CA GLN A 1705 45.51 -24.33 -13.68
C GLN A 1705 44.14 -23.68 -13.86
N VAL A 1706 43.98 -22.93 -14.93
CA VAL A 1706 42.77 -22.14 -15.10
C VAL A 1706 41.70 -22.99 -15.76
N ILE A 1707 40.47 -22.87 -15.27
CA ILE A 1707 39.32 -23.60 -15.81
C ILE A 1707 38.42 -22.68 -16.63
N ILE A 1708 38.02 -21.56 -16.05
CA ILE A 1708 37.35 -20.49 -16.78
C ILE A 1708 38.34 -19.35 -16.90
N LYS A 1709 38.72 -19.03 -18.13
CA LYS A 1709 39.67 -17.95 -18.37
C LYS A 1709 38.99 -16.58 -18.29
N SER A 1710 37.76 -16.50 -18.79
CA SER A 1710 36.99 -15.27 -18.74
C SER A 1710 35.52 -15.61 -18.97
N LEU A 1711 34.65 -14.73 -18.47
CA LEU A 1711 33.21 -14.96 -18.60
C LEU A 1711 32.49 -13.61 -18.50
N THR A 1712 31.86 -13.20 -19.59
CA THR A 1712 31.05 -11.98 -19.66
C THR A 1712 29.57 -12.34 -19.74
N TYR A 1713 28.72 -11.33 -19.54
CA TYR A 1713 27.29 -11.54 -19.37
C TYR A 1713 26.51 -10.49 -20.16
N SER A 1714 25.27 -10.85 -20.52
CA SER A 1714 24.32 -9.90 -21.05
C SER A 1714 23.82 -8.96 -19.96
N ALA A 1715 23.16 -7.87 -20.37
CA ALA A 1715 22.61 -6.94 -19.40
C ALA A 1715 21.60 -7.59 -18.48
N ALA A 1716 21.01 -8.70 -18.90
CA ALA A 1716 20.06 -9.46 -18.09
C ALA A 1716 20.75 -10.44 -17.15
N GLY A 1717 22.08 -10.51 -17.17
CA GLY A 1717 22.79 -11.42 -16.29
C GLY A 1717 23.00 -12.81 -16.82
N GLN A 1718 22.79 -13.05 -18.12
CA GLN A 1718 22.97 -14.37 -18.70
C GLN A 1718 24.35 -14.48 -19.33
N LYS A 1719 24.93 -15.67 -19.25
CA LYS A 1719 26.24 -15.89 -19.83
C LYS A 1719 26.23 -15.48 -21.31
N LEU A 1720 27.23 -14.70 -21.69
CA LEU A 1720 27.32 -14.17 -23.05
C LEU A 1720 28.53 -14.70 -23.80
N ARG A 1721 29.72 -14.54 -23.25
CA ARG A 1721 30.92 -15.08 -23.87
C ARG A 1721 31.78 -15.75 -22.82
N GLU A 1722 32.03 -17.06 -23.02
CA GLU A 1722 32.78 -17.83 -22.04
C GLU A 1722 33.98 -18.47 -22.71
N GLU A 1723 35.16 -18.22 -22.18
CA GLU A 1723 36.39 -18.86 -22.63
C GLU A 1723 36.88 -19.81 -21.54
N HIS A 1724 37.15 -21.05 -21.91
CA HIS A 1724 37.57 -22.06 -20.96
C HIS A 1724 39.07 -22.25 -21.00
N GLY A 1725 39.58 -23.07 -20.08
CA GLY A 1725 41.01 -23.32 -20.00
C GLY A 1725 41.59 -24.03 -21.20
N ASN A 1726 40.76 -24.70 -21.99
CA ASN A 1726 41.22 -25.32 -23.23
C ASN A 1726 41.22 -24.35 -24.40
N ASP A 1727 41.07 -23.04 -24.13
CA ASP A 1727 41.00 -21.93 -25.07
C ASP A 1727 39.72 -21.92 -25.89
N VAL A 1728 38.83 -22.90 -25.72
CA VAL A 1728 37.60 -22.92 -26.48
C VAL A 1728 36.65 -21.83 -26.00
N ILE A 1729 35.94 -21.20 -26.93
CA ILE A 1729 35.08 -20.06 -26.63
C ILE A 1729 33.64 -20.43 -26.94
N THR A 1730 32.74 -20.13 -26.01
CA THR A 1730 31.31 -20.34 -26.22
C THR A 1730 30.60 -19.00 -26.22
N GLU A 1731 29.83 -18.75 -27.27
CA GLU A 1731 29.14 -17.48 -27.46
C GLU A 1731 27.64 -17.74 -27.43
N TYR A 1732 26.95 -17.10 -26.49
CA TYR A 1732 25.50 -17.21 -26.35
C TYR A 1732 24.82 -15.98 -26.95
N SER A 1733 23.79 -16.20 -27.77
CA SER A 1733 23.00 -15.12 -28.37
C SER A 1733 21.58 -15.14 -27.83
N TYR A 1734 21.01 -13.96 -27.65
CA TYR A 1734 19.68 -13.85 -27.06
C TYR A 1734 18.81 -12.98 -27.92
N GLU A 1735 17.53 -13.31 -27.95
CA GLU A 1735 16.58 -12.49 -28.67
C GLU A 1735 16.38 -11.20 -27.90
N PRO A 1736 16.69 -10.03 -28.48
CA PRO A 1736 16.69 -8.79 -27.69
C PRO A 1736 15.33 -8.41 -27.14
N GLU A 1737 14.23 -8.90 -27.70
CA GLU A 1737 12.91 -8.56 -27.17
C GLU A 1737 12.52 -9.39 -25.95
N THR A 1738 13.12 -10.57 -25.77
CA THR A 1738 12.64 -11.53 -24.77
C THR A 1738 13.71 -12.11 -23.87
N GLN A 1739 14.99 -11.94 -24.19
CA GLN A 1739 16.12 -12.62 -23.55
C GLN A 1739 16.09 -14.13 -23.76
N ARG A 1740 15.24 -14.63 -24.66
CA ARG A 1740 15.24 -16.06 -24.95
C ARG A 1740 16.55 -16.45 -25.64
N LEU A 1741 17.11 -17.59 -25.21
CA LEU A 1741 18.37 -18.07 -25.80
C LEU A 1741 18.11 -18.54 -27.23
N ILE A 1742 18.70 -17.86 -28.21
CA ILE A 1742 18.51 -18.23 -29.61
C ILE A 1742 19.76 -18.81 -30.24
N GLY A 1743 20.92 -18.75 -29.56
CA GLY A 1743 22.14 -19.26 -30.14
C GLY A 1743 23.18 -19.71 -29.13
N ILE A 1744 23.81 -20.85 -29.39
CA ILE A 1744 24.96 -21.34 -28.63
C ILE A 1744 26.00 -21.72 -29.65
N LYS A 1745 27.09 -20.95 -29.73
CA LYS A 1745 28.13 -21.18 -30.73
C LYS A 1745 29.45 -21.45 -30.03
N THR A 1746 30.08 -22.58 -30.34
CA THR A 1746 31.31 -22.99 -29.69
C THR A 1746 32.38 -23.16 -30.75
N ARG A 1747 33.42 -22.35 -30.67
CA ARG A 1747 34.50 -22.35 -31.65
C ARG A 1747 35.84 -22.47 -30.94
N ARG A 1748 36.79 -23.05 -31.67
CA ARG A 1748 38.14 -23.32 -31.22
C ARG A 1748 39.09 -22.36 -31.93
N PRO A 1749 39.61 -21.35 -31.25
CA PRO A 1749 40.33 -20.29 -31.97
C PRO A 1749 41.59 -20.77 -32.65
N SER A 1750 42.24 -21.83 -32.16
CA SER A 1750 43.49 -22.27 -32.78
C SER A 1750 43.30 -22.56 -34.27
N ASP A 1751 42.20 -23.22 -34.64
CA ASP A 1751 41.95 -23.53 -36.04
C ASP A 1751 40.62 -23.01 -36.55
N THR A 1752 39.89 -22.25 -35.72
CA THR A 1752 38.58 -21.64 -36.01
C THR A 1752 37.48 -22.69 -36.19
N LYS A 1753 37.71 -23.94 -35.75
CA LYS A 1753 36.70 -24.97 -35.89
C LYS A 1753 35.45 -24.63 -35.08
N VAL A 1754 34.30 -24.67 -35.75
CA VAL A 1754 33.01 -24.47 -35.10
C VAL A 1754 32.55 -25.84 -34.62
N LEU A 1755 32.68 -26.08 -33.32
CA LEU A 1755 32.31 -27.38 -32.77
C LEU A 1755 30.81 -27.51 -32.56
N GLN A 1756 30.13 -26.42 -32.22
CA GLN A 1756 28.68 -26.47 -32.08
C GLN A 1756 28.13 -25.11 -32.50
N ASP A 1757 26.98 -25.14 -33.18
CA ASP A 1757 26.36 -23.95 -33.75
C ASP A 1757 24.85 -24.19 -33.71
N LEU A 1758 24.31 -24.19 -32.50
CA LEU A 1758 22.90 -24.45 -32.27
C LEU A 1758 22.10 -23.15 -32.40
N ARG A 1759 20.97 -23.22 -33.12
CA ARG A 1759 20.11 -22.06 -33.33
C ARG A 1759 18.67 -22.42 -32.93
N TYR A 1760 18.10 -21.67 -32.00
CA TYR A 1760 16.79 -21.98 -31.43
C TYR A 1760 15.73 -21.02 -31.94
N GLU A 1761 14.61 -21.58 -32.41
CA GLU A 1761 13.44 -20.77 -32.79
C GLU A 1761 12.24 -21.15 -31.93
N TYR A 1762 11.43 -20.15 -31.58
CA TYR A 1762 10.36 -20.32 -30.62
C TYR A 1762 9.02 -19.88 -31.21
N ASP A 1763 7.93 -20.44 -30.68
CA ASP A 1763 6.62 -19.91 -31.00
C ASP A 1763 6.37 -18.72 -30.08
N PRO A 1764 5.27 -17.99 -30.28
CA PRO A 1764 5.07 -16.79 -29.45
C PRO A 1764 5.14 -17.07 -27.96
N VAL A 1765 4.54 -18.17 -27.48
CA VAL A 1765 4.54 -18.41 -26.04
C VAL A 1765 5.88 -18.92 -25.53
N GLY A 1766 6.79 -19.32 -26.41
CA GLY A 1766 8.12 -19.74 -25.99
C GLY A 1766 8.41 -21.23 -26.05
N ASN A 1767 7.57 -22.01 -26.73
CA ASN A 1767 7.91 -23.40 -26.96
C ASN A 1767 8.97 -23.50 -28.04
N VAL A 1768 9.93 -24.40 -27.85
CA VAL A 1768 10.94 -24.63 -28.89
C VAL A 1768 10.27 -25.34 -30.06
N ILE A 1769 10.31 -24.72 -31.24
CA ILE A 1769 9.71 -25.31 -32.43
C ILE A 1769 10.75 -25.74 -33.46
N SER A 1770 11.98 -25.24 -33.38
CA SER A 1770 13.03 -25.74 -34.25
C SER A 1770 14.38 -25.58 -33.56
N ILE A 1771 15.25 -26.57 -33.74
CA ILE A 1771 16.64 -26.50 -33.35
C ILE A 1771 17.47 -26.81 -34.59
N ARG A 1772 18.46 -25.97 -34.87
CA ARG A 1772 19.30 -26.12 -36.04
C ARG A 1772 20.76 -26.10 -35.60
N ASN A 1773 21.52 -27.10 -36.05
CA ASN A 1773 22.93 -27.23 -35.71
C ASN A 1773 23.72 -27.07 -36.99
N ASP A 1774 24.29 -25.89 -37.19
CA ASP A 1774 24.98 -25.58 -38.43
C ASP A 1774 26.46 -25.93 -38.40
N ALA A 1775 26.95 -26.51 -37.30
CA ALA A 1775 28.34 -26.94 -37.24
C ALA A 1775 28.57 -28.04 -38.26
N GLU A 1776 29.82 -28.19 -38.70
CA GLU A 1776 30.13 -29.33 -39.56
C GLU A 1776 30.11 -30.60 -38.74
N ALA A 1777 29.50 -31.65 -39.30
CA ALA A 1777 29.49 -32.96 -38.64
C ALA A 1777 30.89 -33.35 -38.18
N THR A 1778 30.94 -34.05 -37.05
CA THR A 1778 32.20 -34.46 -36.45
C THR A 1778 32.85 -35.60 -37.25
N ARG A 1779 34.10 -35.88 -36.89
CA ARG A 1779 34.89 -36.92 -37.54
C ARG A 1779 34.32 -38.33 -37.37
N PHE A 1780 33.30 -38.51 -36.54
CA PHE A 1780 32.79 -39.84 -36.20
C PHE A 1780 31.81 -40.40 -37.22
N TRP A 1781 31.36 -39.60 -38.20
CA TRP A 1781 30.27 -39.99 -39.07
C TRP A 1781 30.76 -40.03 -40.52
N HIS A 1782 30.62 -41.22 -41.14
CA HIS A 1782 31.25 -41.54 -42.41
C HIS A 1782 30.61 -40.73 -43.55
N ASN A 1783 31.40 -39.83 -44.13
CA ASN A 1783 30.98 -38.97 -45.24
C ASN A 1783 29.58 -38.41 -44.99
N GLN A 1784 29.46 -37.73 -43.86
CA GLN A 1784 28.28 -36.95 -43.54
C GLN A 1784 28.78 -35.62 -43.00
N LYS A 1785 28.23 -34.54 -43.51
CA LYS A 1785 28.59 -33.20 -43.05
C LYS A 1785 27.39 -32.33 -42.66
N VAL A 1786 26.18 -32.67 -43.07
CA VAL A 1786 24.99 -31.86 -42.83
C VAL A 1786 24.11 -32.55 -41.80
N MET A 1787 23.67 -31.79 -40.78
CA MET A 1787 22.74 -32.28 -39.77
C MET A 1787 21.39 -31.60 -39.92
N PRO A 1788 20.30 -32.36 -39.88
CA PRO A 1788 18.99 -31.78 -40.22
C PRO A 1788 18.49 -30.85 -39.14
N GLU A 1789 17.68 -29.87 -39.56
CA GLU A 1789 16.99 -29.01 -38.63
C GLU A 1789 15.94 -29.84 -37.89
N ASN A 1790 16.03 -29.86 -36.56
CA ASN A 1790 15.02 -30.54 -35.75
C ASN A 1790 13.76 -29.70 -35.68
N THR A 1791 12.61 -30.33 -35.92
CA THR A 1791 11.32 -29.64 -35.92
C THR A 1791 10.41 -30.24 -34.85
N TYR A 1792 9.77 -29.37 -34.07
CA TYR A 1792 8.87 -29.80 -33.01
C TYR A 1792 7.51 -29.13 -33.20
N THR A 1793 6.44 -29.90 -32.98
CA THR A 1793 5.07 -29.38 -33.05
C THR A 1793 4.33 -29.75 -31.76
N TYR A 1794 3.31 -28.96 -31.46
CA TYR A 1794 2.62 -29.02 -30.18
C TYR A 1794 1.12 -28.99 -30.38
N ASP A 1795 0.38 -29.52 -29.41
CA ASP A 1795 -1.05 -29.31 -29.38
C ASP A 1795 -1.34 -27.98 -28.68
N SER A 1796 -2.62 -27.64 -28.56
CA SER A 1796 -3.00 -26.38 -27.93
C SER A 1796 -2.63 -26.32 -26.45
N LEU A 1797 -2.39 -27.46 -25.82
CA LEU A 1797 -1.92 -27.46 -24.44
C LEU A 1797 -0.40 -27.47 -24.35
N TYR A 1798 0.30 -27.31 -25.47
CA TYR A 1798 1.76 -27.23 -25.49
C TYR A 1798 2.40 -28.54 -25.05
N GLN A 1799 1.72 -29.66 -25.30
CA GLN A 1799 2.34 -30.96 -25.19
C GLN A 1799 3.05 -31.27 -26.51
N LEU A 1800 4.26 -31.80 -26.41
CA LEU A 1800 5.05 -32.13 -27.60
C LEU A 1800 4.39 -33.26 -28.38
N ILE A 1801 3.92 -32.96 -29.59
CA ILE A 1801 3.18 -33.92 -30.40
C ILE A 1801 4.08 -34.63 -31.42
N SER A 1802 5.03 -33.93 -32.01
CA SER A 1802 5.90 -34.57 -32.98
C SER A 1802 7.29 -33.93 -32.94
N ALA A 1803 8.30 -34.71 -33.30
CA ALA A 1803 9.68 -34.27 -33.18
C ALA A 1803 10.50 -35.02 -34.21
N THR A 1804 11.41 -34.31 -34.87
CA THR A 1804 12.35 -34.93 -35.78
C THR A 1804 13.77 -34.75 -35.27
N GLY A 1805 14.68 -35.57 -35.78
CA GLY A 1805 16.06 -35.49 -35.35
C GLY A 1805 16.91 -36.52 -36.06
N ARG A 1806 18.15 -36.64 -35.60
CA ARG A 1806 19.08 -37.63 -36.11
C ARG A 1806 19.38 -38.67 -35.04
N GLU A 1807 19.68 -39.88 -35.49
CA GLU A 1807 20.04 -40.97 -34.61
C GLU A 1807 21.08 -41.80 -35.32
N MET A 1808 21.99 -42.40 -34.53
CA MET A 1808 23.00 -43.26 -35.14
C MET A 1808 22.32 -44.46 -35.79
N ALA A 1809 22.85 -44.86 -36.96
CA ALA A 1809 22.15 -45.80 -37.85
C ALA A 1809 21.87 -47.14 -37.18
N ASN A 1810 22.70 -47.56 -36.23
CA ASN A 1810 22.54 -48.85 -35.56
C ASN A 1810 21.93 -48.71 -34.16
N ILE A 1811 21.22 -47.61 -33.89
CA ILE A 1811 20.72 -47.40 -32.54
C ILE A 1811 19.73 -48.48 -32.14
N GLY A 1812 18.99 -49.04 -33.10
CA GLY A 1812 17.99 -50.03 -32.77
C GLY A 1812 16.82 -49.44 -31.97
N GLN A 1813 15.98 -50.35 -31.47
CA GLN A 1813 14.82 -49.96 -30.69
C GLN A 1813 15.26 -49.41 -29.34
N GLN A 1814 14.75 -48.22 -28.99
CA GLN A 1814 15.12 -47.58 -27.74
C GLN A 1814 14.73 -48.44 -26.55
N SER A 1815 15.66 -48.60 -25.62
CA SER A 1815 15.49 -49.52 -24.49
C SER A 1815 15.84 -48.84 -23.18
N HIS A 1816 15.91 -49.62 -22.10
CA HIS A 1816 16.65 -49.19 -20.93
C HIS A 1816 18.15 -49.33 -21.17
N GLN A 1817 18.54 -50.23 -22.07
CA GLN A 1817 19.93 -50.48 -22.38
C GLN A 1817 20.58 -49.27 -23.05
N PHE A 1818 21.88 -49.12 -22.82
CA PHE A 1818 22.65 -48.04 -23.42
C PHE A 1818 23.51 -48.56 -24.57
N PRO A 1819 23.64 -47.79 -25.64
CA PRO A 1819 24.33 -48.30 -26.84
C PRO A 1819 25.84 -48.13 -26.77
N SER A 1820 26.52 -48.84 -27.65
CA SER A 1820 27.96 -48.75 -27.76
C SER A 1820 28.33 -47.54 -28.61
N PRO A 1821 29.39 -46.82 -28.24
CA PRO A 1821 29.73 -45.60 -28.99
C PRO A 1821 30.28 -45.91 -30.37
N ALA A 1822 29.93 -45.05 -31.34
CA ALA A 1822 30.57 -45.12 -32.65
C ALA A 1822 32.00 -44.60 -32.54
N LEU A 1823 32.95 -45.38 -33.05
CA LEU A 1823 34.37 -45.06 -33.03
C LEU A 1823 34.82 -44.52 -34.38
N PRO A 1824 35.90 -43.75 -34.42
CA PRO A 1824 36.35 -43.20 -35.72
C PRO A 1824 36.66 -44.24 -36.77
N SER A 1825 36.89 -45.50 -36.39
CA SER A 1825 37.19 -46.55 -37.36
C SER A 1825 35.95 -47.30 -37.84
N ASP A 1826 34.79 -47.09 -37.22
CA ASP A 1826 33.64 -47.94 -37.45
C ASP A 1826 32.92 -47.65 -38.75
N ASN A 1827 33.13 -46.47 -39.35
CA ASN A 1827 32.45 -46.07 -40.59
C ASN A 1827 30.92 -45.99 -40.37
N ASN A 1828 30.51 -45.50 -39.21
CA ASN A 1828 29.09 -45.46 -38.88
C ASN A 1828 28.43 -44.18 -39.42
N THR A 1829 27.12 -44.24 -39.59
CA THR A 1829 26.33 -43.13 -40.12
C THR A 1829 25.22 -42.79 -39.13
N TYR A 1830 24.59 -41.63 -39.34
CA TYR A 1830 23.40 -41.27 -38.59
C TYR A 1830 22.25 -41.05 -39.56
N THR A 1831 21.02 -41.23 -39.05
CA THR A 1831 19.81 -41.26 -39.85
C THR A 1831 18.81 -40.27 -39.28
N ASN A 1832 17.76 -40.01 -40.05
CA ASN A 1832 16.67 -39.14 -39.62
C ASN A 1832 15.52 -39.96 -39.05
N TYR A 1833 14.84 -39.40 -38.04
CA TYR A 1833 13.68 -40.06 -37.47
C TYR A 1833 12.59 -39.02 -37.24
N THR A 1834 11.36 -39.50 -37.12
CA THR A 1834 10.26 -38.69 -36.63
C THR A 1834 9.56 -39.45 -35.52
N ARG A 1835 9.36 -38.80 -34.38
CA ARG A 1835 8.61 -39.38 -33.27
C ARG A 1835 7.29 -38.64 -33.13
N THR A 1836 6.21 -39.39 -32.93
CA THR A 1836 4.89 -38.85 -32.70
C THR A 1836 4.41 -39.34 -31.34
N TYR A 1837 3.85 -38.43 -30.53
CA TYR A 1837 3.47 -38.72 -29.15
C TYR A 1837 1.97 -38.60 -28.98
N THR A 1838 1.40 -39.52 -28.21
CA THR A 1838 -0.03 -39.52 -27.92
C THR A 1838 -0.19 -39.38 -26.41
N TYR A 1839 -1.10 -38.50 -25.99
CA TYR A 1839 -1.40 -38.27 -24.59
C TYR A 1839 -2.89 -38.41 -24.36
N ASP A 1840 -3.27 -39.00 -23.22
CA ASP A 1840 -4.68 -39.09 -22.84
C ASP A 1840 -5.12 -37.76 -22.23
N ARG A 1841 -6.40 -37.67 -21.84
CA ARG A 1841 -6.92 -36.40 -21.35
C ARG A 1841 -6.49 -36.10 -19.92
N GLY A 1842 -5.71 -36.97 -19.29
CA GLY A 1842 -5.15 -36.72 -17.98
C GLY A 1842 -3.68 -36.37 -17.96
N GLY A 1843 -3.07 -36.08 -19.11
CA GLY A 1843 -1.66 -35.73 -19.18
C GLY A 1843 -0.69 -36.89 -19.33
N ASN A 1844 -1.17 -38.11 -19.53
CA ASN A 1844 -0.30 -39.29 -19.57
C ASN A 1844 0.16 -39.56 -20.99
N LEU A 1845 1.47 -39.62 -21.18
CA LEU A 1845 2.04 -40.08 -22.45
C LEU A 1845 1.78 -41.57 -22.60
N THR A 1846 0.89 -41.93 -23.51
CA THR A 1846 0.51 -43.32 -23.73
C THR A 1846 1.17 -43.95 -24.94
N LYS A 1847 1.74 -43.19 -25.87
CA LYS A 1847 2.29 -43.83 -27.05
C LYS A 1847 3.38 -42.98 -27.69
N ILE A 1848 4.49 -43.62 -28.06
CA ILE A 1848 5.56 -43.00 -28.81
C ILE A 1848 5.74 -43.81 -30.08
N GLN A 1849 5.42 -43.22 -31.22
CA GLN A 1849 5.57 -43.84 -32.52
C GLN A 1849 6.88 -43.38 -33.13
N HIS A 1850 7.82 -44.31 -33.32
CA HIS A 1850 9.13 -44.01 -33.90
C HIS A 1850 9.15 -44.45 -35.35
N SER A 1851 9.42 -43.51 -36.26
CA SER A 1851 9.53 -43.81 -37.68
C SER A 1851 10.87 -43.33 -38.20
N SER A 1852 11.67 -44.26 -38.70
CA SER A 1852 12.92 -43.96 -39.41
C SER A 1852 12.84 -44.58 -40.79
N PRO A 1853 12.49 -43.82 -41.82
CA PRO A 1853 12.19 -44.42 -43.13
C PRO A 1853 13.40 -45.07 -43.78
N ALA A 1854 14.52 -44.35 -43.86
CA ALA A 1854 15.70 -44.85 -44.54
C ALA A 1854 16.34 -46.04 -43.84
N THR A 1855 15.80 -46.47 -42.71
CA THR A 1855 16.45 -47.47 -41.86
C THR A 1855 15.42 -48.50 -41.40
N GLN A 1856 15.94 -49.59 -40.85
CA GLN A 1856 15.13 -50.64 -40.23
C GLN A 1856 14.19 -50.10 -39.15
N ASN A 1857 14.55 -48.99 -38.52
CA ASN A 1857 14.04 -48.67 -37.18
C ASN A 1857 12.66 -48.04 -37.24
N ASN A 1858 11.63 -48.88 -37.19
CA ASN A 1858 10.25 -48.44 -37.03
C ASN A 1858 9.60 -49.26 -35.93
N TYR A 1859 9.10 -48.58 -34.90
CA TYR A 1859 8.50 -49.27 -33.77
C TYR A 1859 7.61 -48.30 -32.99
N THR A 1860 6.85 -48.86 -32.06
CA THR A 1860 5.91 -48.11 -31.24
C THR A 1860 6.06 -48.56 -29.79
N THR A 1861 6.25 -47.60 -28.90
CA THR A 1861 6.26 -47.84 -27.46
C THR A 1861 4.88 -47.48 -26.90
N ASN A 1862 4.24 -48.44 -26.25
CA ASN A 1862 2.91 -48.24 -25.67
C ASN A 1862 3.02 -48.23 -24.15
N ILE A 1863 2.28 -47.32 -23.51
CA ILE A 1863 2.28 -47.17 -22.06
C ILE A 1863 0.85 -47.34 -21.58
N THR A 1864 0.61 -48.35 -20.73
CA THR A 1864 -0.72 -48.65 -20.24
C THR A 1864 -1.02 -47.85 -18.98
N VAL A 1865 -2.06 -47.01 -19.02
CA VAL A 1865 -2.43 -46.17 -17.88
C VAL A 1865 -3.54 -46.84 -17.11
N SER A 1866 -3.47 -46.76 -15.78
CA SER A 1866 -4.60 -47.19 -14.95
C SER A 1866 -5.87 -46.46 -15.33
N ASN A 1867 -6.99 -47.18 -15.23
CA ASN A 1867 -8.31 -46.57 -15.40
C ASN A 1867 -8.73 -45.72 -14.21
N ARG A 1868 -8.03 -45.80 -13.07
CA ARG A 1868 -8.46 -45.10 -11.87
C ARG A 1868 -7.34 -44.27 -11.23
N SER A 1869 -6.23 -44.06 -11.93
CA SER A 1869 -5.10 -43.28 -11.42
C SER A 1869 -4.20 -42.95 -12.60
N ASN A 1870 -3.12 -42.22 -12.32
CA ASN A 1870 -2.10 -41.90 -13.32
C ASN A 1870 -0.91 -42.86 -13.26
N ARG A 1871 -1.03 -43.96 -12.52
CA ARG A 1871 -0.04 -45.01 -12.61
C ARG A 1871 -0.06 -45.58 -14.01
N ALA A 1872 1.12 -45.72 -14.62
CA ALA A 1872 1.21 -46.18 -15.99
C ALA A 1872 2.54 -46.86 -16.20
N VAL A 1873 2.54 -47.95 -17.00
CA VAL A 1873 3.72 -48.76 -17.19
C VAL A 1873 3.85 -49.17 -18.65
N LEU A 1874 5.08 -49.49 -19.03
CA LEU A 1874 5.35 -50.14 -20.30
C LEU A 1874 4.35 -51.26 -20.54
N SER A 1875 3.83 -51.31 -21.77
CA SER A 1875 2.84 -52.34 -22.12
C SER A 1875 3.41 -53.75 -21.94
N THR A 1876 4.74 -53.91 -22.05
CA THR A 1876 5.32 -55.23 -21.84
C THR A 1876 5.22 -55.68 -20.38
N LEU A 1877 4.89 -54.78 -19.46
CA LEU A 1877 4.58 -55.21 -18.10
C LEU A 1877 3.12 -55.63 -17.97
N THR A 1878 2.21 -54.85 -18.56
CA THR A 1878 0.83 -55.26 -18.74
C THR A 1878 0.16 -54.34 -19.75
N GLU A 1879 -0.86 -54.87 -20.42
CA GLU A 1879 -1.74 -54.10 -21.28
C GLU A 1879 -3.11 -53.89 -20.67
N ASP A 1880 -3.31 -54.32 -19.43
CA ASP A 1880 -4.61 -54.21 -18.76
C ASP A 1880 -4.58 -53.06 -17.78
N PRO A 1881 -5.37 -51.99 -18.01
CA PRO A 1881 -5.40 -50.88 -17.04
C PRO A 1881 -5.76 -51.29 -15.63
N ALA A 1882 -6.54 -52.35 -15.46
CA ALA A 1882 -6.96 -52.80 -14.14
C ALA A 1882 -5.87 -53.56 -13.39
N GLN A 1883 -4.74 -53.83 -14.05
CA GLN A 1883 -3.63 -54.49 -13.39
C GLN A 1883 -2.43 -53.58 -13.19
N VAL A 1884 -2.55 -52.29 -13.53
CA VAL A 1884 -1.39 -51.40 -13.53
C VAL A 1884 -1.05 -50.96 -12.12
N ASP A 1885 -2.06 -50.58 -11.34
CA ASP A 1885 -1.79 -50.06 -10.00
C ASP A 1885 -1.10 -51.10 -9.14
N ALA A 1886 -1.41 -52.38 -9.35
CA ALA A 1886 -0.76 -53.44 -8.59
C ALA A 1886 0.75 -53.48 -8.84
N LEU A 1887 1.26 -52.80 -9.87
CA LEU A 1887 2.70 -52.75 -10.11
C LEU A 1887 3.37 -51.64 -9.33
N PHE A 1888 2.65 -51.02 -8.39
CA PHE A 1888 3.17 -49.94 -7.56
C PHE A 1888 2.85 -50.28 -6.12
N ASP A 1889 3.66 -49.75 -5.20
CA ASP A 1889 3.32 -49.83 -3.80
C ASP A 1889 2.22 -48.80 -3.50
N ALA A 1890 1.77 -48.79 -2.24
CA ALA A 1890 0.63 -47.96 -1.86
C ALA A 1890 0.91 -46.47 -1.97
N GLY A 1891 2.18 -46.06 -1.88
CA GLY A 1891 2.59 -44.69 -2.11
C GLY A 1891 2.90 -44.36 -3.54
N GLY A 1892 2.57 -45.25 -4.49
CA GLY A 1892 2.77 -44.91 -5.88
C GLY A 1892 4.21 -45.01 -6.33
N HIS A 1893 5.00 -45.84 -5.67
CA HIS A 1893 6.36 -46.12 -6.07
C HIS A 1893 6.35 -47.40 -6.90
N GLN A 1894 6.81 -47.30 -8.16
CA GLN A 1894 6.86 -48.46 -9.04
C GLN A 1894 7.76 -49.53 -8.43
N ASN A 1895 7.29 -50.78 -8.44
CA ASN A 1895 8.04 -51.86 -7.81
C ASN A 1895 8.67 -52.82 -8.80
N THR A 1896 8.53 -52.55 -10.10
CA THR A 1896 9.16 -53.34 -11.15
C THR A 1896 9.60 -52.39 -12.25
N LEU A 1897 10.91 -52.30 -12.49
CA LEU A 1897 11.44 -51.41 -13.52
C LEU A 1897 10.98 -51.91 -14.88
N ILE A 1898 11.45 -53.09 -15.26
CA ILE A 1898 10.96 -53.89 -16.37
C ILE A 1898 10.88 -55.33 -15.91
N SER A 1899 10.34 -56.20 -16.76
CA SER A 1899 10.15 -57.60 -16.43
C SER A 1899 11.43 -58.22 -15.90
N GLY A 1900 11.40 -58.70 -14.66
CA GLY A 1900 12.55 -59.31 -14.03
C GLY A 1900 13.40 -58.40 -13.16
N GLN A 1901 13.11 -57.11 -13.12
CA GLN A 1901 13.92 -56.15 -12.36
C GLN A 1901 13.06 -55.54 -11.23
N ASN A 1902 13.19 -56.09 -10.04
CA ASN A 1902 12.44 -55.60 -8.90
C ASN A 1902 13.00 -54.27 -8.40
N LEU A 1903 12.11 -53.42 -7.93
CA LEU A 1903 12.44 -52.12 -7.35
C LEU A 1903 12.03 -52.10 -5.89
N ASN A 1904 12.96 -51.74 -5.02
CA ASN A 1904 12.69 -51.67 -3.59
C ASN A 1904 12.88 -50.25 -3.11
N TRP A 1905 11.98 -49.80 -2.23
CA TRP A 1905 11.97 -48.44 -1.73
C TRP A 1905 12.15 -48.47 -0.22
N ASN A 1906 12.90 -47.51 0.31
CA ASN A 1906 13.14 -47.48 1.74
C ASN A 1906 11.92 -46.87 2.45
N THR A 1907 12.02 -46.73 3.78
CA THR A 1907 10.89 -46.20 4.56
C THR A 1907 10.58 -44.75 4.24
N ARG A 1908 11.45 -44.05 3.53
CA ARG A 1908 11.22 -42.66 3.17
C ARG A 1908 10.77 -42.50 1.71
N GLY A 1909 10.35 -43.58 1.07
CA GLY A 1909 9.88 -43.47 -0.30
C GLY A 1909 10.95 -43.21 -1.34
N GLU A 1910 12.23 -43.41 -1.00
CA GLU A 1910 13.32 -43.21 -1.95
C GLU A 1910 13.75 -44.55 -2.54
N LEU A 1911 14.12 -44.54 -3.82
CA LEU A 1911 14.56 -45.78 -4.46
C LEU A 1911 15.76 -46.35 -3.69
N GLN A 1912 15.59 -47.56 -3.17
CA GLN A 1912 16.60 -48.19 -2.34
C GLN A 1912 17.49 -49.15 -3.11
N GLN A 1913 16.92 -49.94 -4.03
CA GLN A 1913 17.71 -50.93 -4.74
C GLN A 1913 16.99 -51.32 -6.02
N VAL A 1914 17.76 -51.48 -7.10
CA VAL A 1914 17.28 -52.08 -8.34
C VAL A 1914 17.94 -53.44 -8.48
N THR A 1915 17.14 -54.49 -8.54
CA THR A 1915 17.67 -55.81 -8.85
C THR A 1915 17.75 -55.93 -10.38
N LEU A 1916 18.96 -56.11 -10.89
CA LEU A 1916 19.19 -56.10 -12.33
C LEU A 1916 19.07 -57.48 -12.94
N VAL A 1917 19.59 -58.51 -12.28
CA VAL A 1917 19.46 -59.89 -12.71
C VAL A 1917 19.15 -60.73 -11.47
N LYS A 1918 17.93 -61.24 -11.36
CA LYS A 1918 17.56 -62.15 -10.28
C LYS A 1918 17.96 -63.56 -10.68
N ARG A 1919 18.97 -64.11 -10.01
CA ARG A 1919 19.47 -65.44 -10.28
C ARG A 1919 18.92 -66.41 -9.23
N ASP A 1920 19.11 -67.70 -9.49
CA ASP A 1920 18.80 -68.73 -8.50
C ASP A 1920 19.51 -68.40 -7.20
N LYS A 1921 18.70 -68.07 -6.20
CA LYS A 1921 19.26 -67.70 -4.89
C LYS A 1921 20.31 -68.76 -4.54
N GLY A 1922 21.29 -68.33 -3.75
CA GLY A 1922 22.49 -69.12 -3.44
C GLY A 1922 23.64 -68.56 -4.26
N ALA A 1923 23.29 -68.01 -5.44
CA ALA A 1923 24.08 -67.31 -6.48
C ALA A 1923 23.54 -65.88 -6.51
N ASN A 1924 24.28 -64.96 -5.90
CA ASN A 1924 23.91 -63.56 -5.72
C ASN A 1924 23.37 -62.93 -7.00
N ASP A 1925 22.45 -61.98 -6.83
CA ASP A 1925 21.85 -61.20 -7.91
C ASP A 1925 22.74 -60.02 -8.29
N ASP A 1926 22.64 -59.61 -9.55
CA ASP A 1926 23.18 -58.31 -9.95
C ASP A 1926 22.24 -57.21 -9.45
N ARG A 1927 22.80 -56.23 -8.77
CA ARG A 1927 21.96 -55.23 -8.11
C ARG A 1927 22.67 -53.89 -8.03
N GLU A 1928 21.89 -52.85 -7.77
CA GLU A 1928 22.41 -51.52 -7.50
C GLU A 1928 21.56 -50.87 -6.41
N TRP A 1929 22.19 -50.45 -5.32
CA TRP A 1929 21.45 -49.86 -4.21
C TRP A 1929 22.07 -48.53 -3.84
N TYR A 1930 21.30 -47.76 -3.06
CA TYR A 1930 21.60 -46.35 -2.81
C TYR A 1930 21.38 -46.02 -1.35
N ARG A 1931 22.04 -44.97 -0.90
CA ARG A 1931 21.84 -44.39 0.43
C ARG A 1931 21.73 -42.88 0.28
N TYR A 1932 20.89 -42.26 1.10
CA TYR A 1932 20.56 -40.84 0.99
C TYR A 1932 20.76 -40.13 2.34
N SER A 1933 21.11 -38.86 2.25
CA SER A 1933 21.18 -38.02 3.43
C SER A 1933 19.77 -37.78 4.00
N GLY A 1934 19.74 -37.15 5.18
CA GLY A 1934 18.47 -36.81 5.81
C GLY A 1934 17.56 -35.99 4.93
N ASP A 1935 18.12 -35.08 4.12
CA ASP A 1935 17.30 -34.26 3.23
C ASP A 1935 17.22 -34.81 1.82
N GLY A 1936 17.51 -36.10 1.64
CA GLY A 1936 17.21 -36.78 0.41
C GLY A 1936 18.27 -36.69 -0.67
N ARG A 1937 19.46 -36.16 -0.36
CA ARG A 1937 20.55 -36.12 -1.32
C ARG A 1937 21.27 -37.47 -1.34
N ARG A 1938 21.41 -38.05 -2.53
CA ARG A 1938 22.09 -39.32 -2.67
C ARG A 1938 23.56 -39.16 -2.27
N MET A 1939 23.99 -39.94 -1.28
CA MET A 1939 25.38 -39.93 -0.86
C MET A 1939 26.16 -41.14 -1.34
N LEU A 1940 25.50 -42.24 -1.67
CA LEU A 1940 26.20 -43.49 -1.94
C LEU A 1940 25.40 -44.30 -2.95
N LYS A 1941 26.09 -44.82 -3.95
CA LYS A 1941 25.52 -45.74 -4.93
C LYS A 1941 26.49 -46.89 -5.09
N ILE A 1942 25.99 -48.12 -4.99
CA ILE A 1942 26.83 -49.31 -5.08
C ILE A 1942 26.23 -50.24 -6.13
N ASN A 1943 27.04 -50.62 -7.12
CA ASN A 1943 26.65 -51.51 -8.20
C ASN A 1943 27.43 -52.81 -8.06
N GLU A 1944 26.73 -53.92 -7.90
CA GLU A 1944 27.34 -55.24 -7.72
C GLU A 1944 26.99 -56.12 -8.90
N GLN A 1945 28.01 -56.68 -9.55
CA GLN A 1945 27.86 -57.61 -10.66
C GLN A 1945 28.51 -58.93 -10.27
N GLN A 1946 27.71 -59.97 -10.05
CA GLN A 1946 28.22 -61.30 -9.78
C GLN A 1946 28.31 -62.15 -11.04
N ALA A 1947 28.04 -61.56 -12.19
CA ALA A 1947 28.14 -62.33 -13.42
C ALA A 1947 29.57 -62.81 -13.66
N SER A 1948 29.70 -63.70 -14.66
CA SER A 1948 30.90 -63.85 -15.50
C SER A 1948 32.07 -64.53 -14.79
N ASN A 1949 31.78 -65.51 -13.92
CA ASN A 1949 32.83 -66.27 -13.28
C ASN A 1949 33.71 -65.31 -12.49
N ASN A 1950 33.06 -64.34 -11.84
CA ASN A 1950 33.68 -63.07 -11.44
C ASN A 1950 32.72 -62.26 -10.57
N ALA A 1951 33.25 -61.17 -10.01
CA ALA A 1951 32.49 -60.25 -9.16
C ALA A 1951 33.10 -58.85 -9.25
N GLN A 1952 32.30 -57.89 -9.70
CA GLN A 1952 32.70 -56.49 -9.77
C GLN A 1952 31.81 -55.63 -8.87
N THR A 1953 32.42 -54.72 -8.13
CA THR A 1953 31.70 -53.81 -7.25
C THR A 1953 32.08 -52.38 -7.58
N GLN A 1954 31.10 -51.57 -7.98
CA GLN A 1954 31.33 -50.17 -8.29
C GLN A 1954 30.72 -49.33 -7.18
N ARG A 1955 31.57 -48.60 -6.47
CA ARG A 1955 31.15 -47.79 -5.34
C ARG A 1955 31.34 -46.33 -5.69
N VAL A 1956 30.29 -45.54 -5.50
CA VAL A 1956 30.32 -44.10 -5.78
C VAL A 1956 29.92 -43.36 -4.52
N THR A 1957 30.83 -42.55 -4.00
CA THR A 1957 30.58 -41.67 -2.86
C THR A 1957 30.48 -40.25 -3.38
N TYR A 1958 29.34 -39.60 -3.13
CA TYR A 1958 29.04 -38.27 -3.66
C TYR A 1958 29.36 -37.23 -2.59
N LEU A 1959 30.50 -36.56 -2.75
CA LEU A 1959 30.99 -35.55 -1.83
C LEU A 1959 30.95 -34.17 -2.51
N PRO A 1960 31.06 -33.08 -1.74
CA PRO A 1960 31.05 -31.75 -2.36
C PRO A 1960 32.15 -31.60 -3.43
N ASN A 1961 31.70 -31.37 -4.67
CA ASN A 1961 32.57 -31.17 -5.84
C ASN A 1961 33.52 -32.35 -6.06
N LEU A 1962 33.12 -33.55 -5.63
CA LEU A 1962 34.04 -34.68 -5.64
C LEU A 1962 33.23 -35.97 -5.63
N GLU A 1963 33.52 -36.85 -6.59
CA GLU A 1963 32.96 -38.19 -6.60
C GLU A 1963 34.09 -39.19 -6.38
N LEU A 1964 33.94 -40.05 -5.38
CA LEU A 1964 34.88 -41.14 -5.16
C LEU A 1964 34.32 -42.37 -5.84
N ARG A 1965 35.00 -42.83 -6.89
CA ARG A 1965 34.54 -43.96 -7.69
C ARG A 1965 35.55 -45.09 -7.52
N LEU A 1966 35.20 -46.04 -6.65
CA LEU A 1966 36.06 -47.16 -6.30
C LEU A 1966 35.47 -48.42 -6.91
N THR A 1967 36.20 -49.02 -7.85
CA THR A 1967 35.76 -50.24 -8.52
C THR A 1967 36.63 -51.38 -8.02
N GLN A 1968 36.00 -52.36 -7.37
CA GLN A 1968 36.71 -53.52 -6.85
C GLN A 1968 36.35 -54.75 -7.68
N ASN A 1969 37.35 -55.55 -8.01
CA ASN A 1969 37.15 -56.80 -8.73
C ASN A 1969 38.03 -57.87 -8.12
N SER A 1970 37.46 -59.07 -7.93
CA SER A 1970 38.26 -60.19 -7.48
C SER A 1970 39.35 -60.53 -8.48
N THR A 1971 39.04 -60.39 -9.77
CA THR A 1971 40.02 -60.70 -10.81
C THR A 1971 41.16 -59.70 -10.82
N ALA A 1972 40.83 -58.41 -10.86
CA ALA A 1972 41.73 -57.37 -11.33
C ALA A 1972 41.99 -56.34 -10.24
N THR A 1973 42.80 -55.35 -10.59
CA THR A 1973 43.26 -54.36 -9.64
C THR A 1973 42.14 -53.36 -9.31
N THR A 1974 42.13 -52.92 -8.06
CA THR A 1974 41.17 -51.92 -7.62
C THR A 1974 41.42 -50.60 -8.36
N GLU A 1975 40.40 -50.12 -9.07
CA GLU A 1975 40.44 -48.81 -9.70
C GLU A 1975 39.96 -47.75 -8.70
N ASP A 1976 40.87 -46.83 -8.35
CA ASP A 1976 40.60 -45.80 -7.36
C ASP A 1976 40.56 -44.47 -8.11
N LEU A 1977 39.36 -43.99 -8.41
CA LEU A 1977 39.16 -42.81 -9.21
C LEU A 1977 38.47 -41.73 -8.40
N GLN A 1978 38.97 -40.50 -8.53
CA GLN A 1978 38.37 -39.32 -7.91
C GLN A 1978 37.95 -38.38 -9.03
N VAL A 1979 36.67 -38.04 -9.10
CA VAL A 1979 36.15 -37.15 -10.14
C VAL A 1979 35.93 -35.77 -9.52
N ILE A 1980 36.75 -34.82 -9.92
CA ILE A 1980 36.64 -33.45 -9.46
C ILE A 1980 35.64 -32.74 -10.36
N THR A 1981 34.67 -32.05 -9.76
CA THR A 1981 33.67 -31.32 -10.53
C THR A 1981 33.84 -29.82 -10.29
N VAL A 1982 34.01 -29.06 -11.37
CA VAL A 1982 34.15 -27.61 -11.31
C VAL A 1982 32.99 -27.01 -12.08
N GLY A 1983 32.14 -26.26 -11.37
CA GLY A 1983 30.93 -25.75 -11.96
C GLY A 1983 29.74 -26.67 -11.73
N GLU A 1984 28.57 -26.23 -12.18
CA GLU A 1984 27.35 -26.98 -11.93
C GLU A 1984 26.95 -27.82 -13.14
N ALA A 1985 26.56 -29.07 -12.88
CA ALA A 1985 26.08 -29.96 -13.92
C ALA A 1985 24.95 -29.32 -14.71
N GLY A 1986 25.06 -29.38 -16.03
CA GLY A 1986 24.09 -28.78 -16.92
C GLY A 1986 24.42 -27.37 -17.34
N ARG A 1987 25.44 -26.77 -16.75
CA ARG A 1987 25.91 -25.45 -17.12
C ARG A 1987 27.43 -25.48 -17.37
N ALA A 1988 27.83 -26.27 -18.36
CA ALA A 1988 29.21 -26.30 -18.81
C ALA A 1988 30.14 -26.72 -17.67
N GLN A 1989 29.71 -27.72 -16.91
CA GLN A 1989 30.55 -28.26 -15.85
C GLN A 1989 31.79 -28.92 -16.43
N VAL A 1990 32.91 -28.76 -15.73
CA VAL A 1990 34.17 -29.40 -16.09
C VAL A 1990 34.45 -30.47 -15.07
N ARG A 1991 34.89 -31.64 -15.53
CA ARG A 1991 35.21 -32.76 -14.65
C ARG A 1991 36.66 -33.18 -14.86
N VAL A 1992 37.32 -33.54 -13.76
CA VAL A 1992 38.73 -33.93 -13.81
C VAL A 1992 38.84 -35.34 -13.22
N LEU A 1993 39.42 -36.24 -14.00
CA LEU A 1993 39.54 -37.64 -13.61
C LEU A 1993 40.93 -37.87 -13.03
N HIS A 1994 41.00 -38.05 -11.72
CA HIS A 1994 42.27 -38.35 -11.06
C HIS A 1994 42.27 -39.77 -10.52
N TRP A 1995 43.19 -40.59 -11.01
CA TRP A 1995 43.33 -41.97 -10.61
C TRP A 1995 44.42 -42.09 -9.55
N GLU A 1996 44.09 -42.72 -8.43
CA GLU A 1996 45.12 -43.15 -7.49
C GLU A 1996 45.70 -44.50 -7.85
N SER A 1997 44.94 -45.33 -8.55
CA SER A 1997 45.37 -46.65 -8.97
C SER A 1997 44.37 -47.16 -10.01
N GLY A 1998 44.81 -48.15 -10.78
CA GLY A 1998 43.93 -48.79 -11.74
C GLY A 1998 43.61 -47.96 -12.97
N LYS A 1999 44.37 -46.92 -13.26
CA LYS A 1999 44.09 -46.09 -14.42
C LYS A 1999 44.23 -46.91 -15.71
N PRO A 2000 43.31 -46.77 -16.66
CA PRO A 2000 43.51 -47.40 -17.97
C PRO A 2000 44.75 -46.83 -18.65
N GLU A 2001 45.39 -47.68 -19.46
CA GLU A 2001 46.67 -47.30 -20.07
C GLU A 2001 46.48 -46.21 -21.11
N ASP A 2002 45.33 -46.17 -21.79
CA ASP A 2002 45.15 -45.27 -22.92
C ASP A 2002 44.80 -43.85 -22.53
N ILE A 2003 44.28 -43.64 -21.30
CA ILE A 2003 43.88 -42.32 -20.83
C ILE A 2003 44.98 -41.74 -19.94
N ASP A 2004 45.28 -40.46 -20.13
CA ASP A 2004 46.27 -39.78 -19.30
C ASP A 2004 45.63 -39.35 -17.99
N ASN A 2005 46.41 -39.45 -16.91
CA ASN A 2005 45.88 -39.11 -15.59
C ASN A 2005 45.52 -37.62 -15.51
N ASN A 2006 44.64 -37.30 -14.57
CA ASN A 2006 44.18 -35.92 -14.34
C ASN A 2006 43.55 -35.33 -15.60
N GLN A 2007 42.61 -36.06 -16.19
CA GLN A 2007 42.04 -35.68 -17.47
C GLN A 2007 40.97 -34.60 -17.29
N LEU A 2008 41.17 -33.45 -17.92
CA LEU A 2008 40.13 -32.42 -17.96
C LEU A 2008 39.10 -32.80 -19.02
N ARG A 2009 37.83 -32.81 -18.63
CA ARG A 2009 36.72 -33.07 -19.55
C ARG A 2009 35.73 -31.92 -19.46
N TYR A 2010 35.70 -31.08 -20.50
CA TYR A 2010 34.79 -29.94 -20.52
C TYR A 2010 33.49 -30.33 -21.20
N SER A 2011 32.36 -30.10 -20.52
CA SER A 2011 31.06 -30.41 -21.10
C SER A 2011 30.52 -29.21 -21.87
N TYR A 2012 29.80 -29.48 -22.96
CA TYR A 2012 29.16 -28.45 -23.74
C TYR A 2012 27.72 -28.86 -23.93
N ASP A 2013 26.80 -28.04 -23.40
CA ASP A 2013 25.42 -28.40 -23.15
C ASP A 2013 24.47 -27.61 -24.04
N ASN A 2014 23.23 -28.10 -24.12
CA ASN A 2014 22.19 -27.48 -24.92
C ASN A 2014 21.31 -26.62 -24.01
N LEU A 2015 20.11 -26.27 -24.47
CA LEU A 2015 19.27 -25.31 -23.76
C LEU A 2015 18.87 -25.82 -22.38
N ILE A 2016 18.62 -27.12 -22.25
CA ILE A 2016 18.15 -27.68 -20.99
C ILE A 2016 19.29 -28.31 -20.18
N GLY A 2017 20.53 -28.13 -20.61
CA GLY A 2017 21.68 -28.63 -19.88
C GLY A 2017 22.18 -30.00 -20.29
N SER A 2018 21.64 -30.59 -21.35
CA SER A 2018 22.08 -31.92 -21.73
C SER A 2018 23.48 -31.85 -22.33
N SER A 2019 24.38 -32.70 -21.84
CA SER A 2019 25.77 -32.68 -22.26
C SER A 2019 25.88 -33.27 -23.67
N GLN A 2020 26.24 -32.43 -24.65
CA GLN A 2020 26.33 -32.93 -26.01
C GLN A 2020 27.77 -33.15 -26.48
N LEU A 2021 28.72 -32.38 -25.98
CA LEU A 2021 30.13 -32.58 -26.29
C LEU A 2021 30.95 -32.61 -25.02
N GLU A 2022 31.92 -33.51 -24.97
CA GLU A 2022 33.04 -33.43 -24.04
C GLU A 2022 34.29 -33.07 -24.83
N LEU A 2023 35.01 -32.05 -24.37
CA LEU A 2023 36.28 -31.67 -24.98
C LEU A 2023 37.42 -31.82 -23.99
N ASP A 2024 38.63 -32.12 -24.50
CA ASP A 2024 39.80 -32.30 -23.66
C ASP A 2024 40.50 -30.96 -23.44
N SER A 2025 41.68 -31.01 -22.81
CA SER A 2025 42.42 -29.80 -22.43
C SER A 2025 42.89 -28.99 -23.62
N GLU A 2026 42.88 -29.56 -24.81
CA GLU A 2026 43.27 -28.81 -26.01
C GLU A 2026 42.08 -28.53 -26.90
N GLY A 2027 40.86 -28.78 -26.42
CA GLY A 2027 39.68 -28.53 -27.21
C GLY A 2027 39.33 -29.58 -28.21
N GLN A 2028 39.92 -30.79 -28.12
CA GLN A 2028 39.59 -31.88 -29.02
C GLN A 2028 38.39 -32.66 -28.49
N ILE A 2029 37.62 -33.24 -29.41
CA ILE A 2029 36.37 -33.91 -29.05
C ILE A 2029 36.68 -35.24 -28.39
N ILE A 2030 36.25 -35.39 -27.13
CA ILE A 2030 36.32 -36.68 -26.46
C ILE A 2030 35.11 -37.54 -26.83
N SER A 2031 33.92 -36.96 -26.74
CA SER A 2031 32.70 -37.71 -26.96
C SER A 2031 31.61 -36.78 -27.49
N GLU A 2032 30.65 -37.39 -28.17
CA GLU A 2032 29.52 -36.67 -28.75
C GLU A 2032 28.25 -37.47 -28.50
N GLU A 2033 27.19 -36.76 -28.11
CA GLU A 2033 25.94 -37.40 -27.74
C GLU A 2033 24.78 -36.49 -28.08
N GLU A 2034 23.69 -37.11 -28.55
CA GLU A 2034 22.43 -36.40 -28.77
C GLU A 2034 21.31 -37.29 -28.26
N TYR A 2035 20.18 -36.66 -27.96
CA TYR A 2035 19.10 -37.25 -27.19
C TYR A 2035 17.76 -37.16 -27.90
N TYR A 2036 16.93 -38.18 -27.71
CA TYR A 2036 15.52 -38.06 -28.02
C TYR A 2036 14.89 -37.04 -27.07
N PRO A 2037 13.74 -36.46 -27.46
CA PRO A 2037 13.18 -35.36 -26.65
C PRO A 2037 13.00 -35.67 -25.18
N TYR A 2038 12.57 -36.88 -24.84
CA TYR A 2038 12.30 -37.25 -23.45
C TYR A 2038 13.52 -37.85 -22.75
N GLY A 2039 14.67 -37.88 -23.40
CA GLY A 2039 15.92 -38.11 -22.70
C GLY A 2039 16.67 -39.35 -23.10
N GLY A 2040 16.11 -40.24 -23.90
CA GLY A 2040 16.87 -41.37 -24.40
C GLY A 2040 18.04 -40.90 -25.25
N THR A 2041 19.05 -41.75 -25.34
CA THR A 2041 20.24 -41.41 -26.11
C THR A 2041 20.07 -41.94 -27.54
N ALA A 2042 20.12 -41.02 -28.51
CA ALA A 2042 19.88 -41.32 -29.91
C ALA A 2042 21.15 -41.44 -30.71
N LEU A 2043 22.25 -40.91 -30.18
CA LEU A 2043 23.52 -40.83 -30.87
C LEU A 2043 24.61 -40.74 -29.81
N TRP A 2044 25.63 -41.59 -29.95
CA TRP A 2044 26.70 -41.73 -28.95
C TRP A 2044 27.97 -42.10 -29.72
N ALA A 2045 28.97 -41.22 -29.71
CA ALA A 2045 30.23 -41.48 -30.37
C ALA A 2045 31.36 -40.96 -29.50
N ALA A 2046 32.54 -41.55 -29.70
CA ALA A 2046 33.72 -41.14 -28.95
C ALA A 2046 34.98 -41.67 -29.63
N ARG A 2047 36.10 -41.03 -29.32
CA ARG A 2047 37.34 -41.42 -29.97
C ARG A 2047 37.88 -42.73 -29.42
N ASN A 2048 37.50 -43.10 -28.20
CA ASN A 2048 37.95 -44.35 -27.61
C ASN A 2048 36.85 -44.89 -26.70
N GLN A 2049 36.64 -46.21 -26.74
CA GLN A 2049 35.56 -46.79 -25.94
C GLN A 2049 35.82 -46.64 -24.45
N THR A 2050 37.03 -47.00 -24.01
CA THR A 2050 37.38 -46.83 -22.61
C THR A 2050 37.23 -45.38 -22.17
N GLU A 2051 37.69 -44.45 -23.01
CA GLU A 2051 37.53 -43.04 -22.69
C GLU A 2051 36.06 -42.65 -22.64
N ALA A 2052 35.26 -43.20 -23.54
CA ALA A 2052 33.83 -42.91 -23.57
C ALA A 2052 33.15 -43.32 -22.26
N SER A 2053 33.58 -44.45 -21.70
CA SER A 2053 32.90 -45.05 -20.55
C SER A 2053 32.90 -44.18 -19.31
N TYR A 2054 33.70 -43.10 -19.27
CA TYR A 2054 33.80 -42.30 -18.06
C TYR A 2054 32.84 -41.11 -18.02
N LYS A 2055 32.15 -40.80 -19.13
CA LYS A 2055 31.09 -39.80 -19.07
C LYS A 2055 29.92 -40.35 -18.26
N THR A 2056 29.42 -39.57 -17.30
CA THR A 2056 28.29 -39.99 -16.48
C THR A 2056 27.13 -38.99 -16.48
N ILE A 2057 27.39 -37.70 -16.66
CA ILE A 2057 26.34 -36.70 -16.73
C ILE A 2057 25.91 -36.56 -18.19
N ARG A 2058 24.61 -36.73 -18.45
CA ARG A 2058 24.14 -36.72 -19.84
C ARG A 2058 22.94 -35.81 -20.02
N TYR A 2059 21.74 -36.40 -20.13
CA TYR A 2059 20.51 -35.63 -20.36
C TYR A 2059 20.19 -34.69 -19.20
N SER A 2060 19.90 -33.43 -19.53
CA SER A 2060 19.45 -32.42 -18.59
C SER A 2060 20.38 -32.29 -17.38
N GLY A 2061 21.68 -32.45 -17.63
CA GLY A 2061 22.64 -32.31 -16.55
C GLY A 2061 22.51 -33.32 -15.43
N LYS A 2062 21.91 -34.49 -15.70
CA LYS A 2062 21.69 -35.51 -14.68
C LYS A 2062 22.50 -36.76 -14.96
N GLU A 2063 22.73 -37.56 -13.93
CA GLU A 2063 23.46 -38.81 -14.09
C GLU A 2063 22.54 -39.94 -14.55
N ARG A 2064 22.91 -40.62 -15.62
CA ARG A 2064 22.24 -41.85 -16.00
C ARG A 2064 22.96 -43.01 -15.32
N ASP A 2065 22.28 -43.67 -14.37
CA ASP A 2065 22.84 -44.82 -13.69
C ASP A 2065 22.83 -46.03 -14.62
N ALA A 2066 23.63 -47.04 -14.27
CA ALA A 2066 23.73 -48.26 -15.07
C ALA A 2066 22.40 -48.97 -15.22
N THR A 2067 21.45 -48.69 -14.32
CA THR A 2067 20.08 -49.18 -14.45
C THR A 2067 19.36 -48.62 -15.67
N GLY A 2068 19.82 -47.51 -16.22
CA GLY A 2068 19.09 -46.79 -17.25
C GLY A 2068 18.25 -45.65 -16.72
N LEU A 2069 17.99 -45.61 -15.42
CA LEU A 2069 17.28 -44.48 -14.83
C LEU A 2069 18.18 -43.25 -14.79
N TYR A 2070 17.56 -42.09 -14.89
CA TYR A 2070 18.24 -40.85 -14.58
C TYR A 2070 17.96 -40.51 -13.11
N TYR A 2071 18.99 -40.10 -12.40
CA TYR A 2071 18.84 -39.66 -11.00
C TYR A 2071 18.73 -38.13 -11.00
N TYR A 2072 17.55 -37.61 -10.68
CA TYR A 2072 17.35 -36.17 -10.66
C TYR A 2072 17.49 -35.55 -9.28
N GLY A 2073 17.39 -36.34 -8.22
CA GLY A 2073 17.53 -35.82 -6.88
C GLY A 2073 16.49 -36.40 -5.95
N TYR A 2074 15.25 -35.92 -6.09
CA TYR A 2074 14.14 -36.39 -5.27
C TYR A 2074 13.41 -37.56 -5.91
N ARG A 2075 13.68 -37.84 -7.18
CA ARG A 2075 13.00 -38.91 -7.90
C ARG A 2075 13.93 -39.41 -9.00
N TYR A 2076 13.61 -40.60 -9.50
CA TYR A 2076 14.28 -41.22 -10.63
C TYR A 2076 13.35 -41.15 -11.83
N TYR A 2077 13.96 -41.03 -13.01
CA TYR A 2077 13.24 -40.76 -14.25
C TYR A 2077 13.50 -41.88 -15.25
N GLN A 2078 12.45 -42.25 -16.01
CA GLN A 2078 12.54 -43.29 -17.03
C GLN A 2078 12.52 -42.63 -18.41
N PRO A 2079 13.68 -42.43 -19.04
CA PRO A 2079 13.67 -41.70 -20.33
C PRO A 2079 12.95 -42.43 -21.44
N TRP A 2080 12.81 -43.77 -21.36
CA TRP A 2080 12.23 -44.51 -22.47
C TRP A 2080 10.72 -44.37 -22.57
N ILE A 2081 10.03 -43.86 -21.54
CA ILE A 2081 8.60 -43.65 -21.63
C ILE A 2081 8.22 -42.27 -21.10
N GLY A 2082 9.22 -41.46 -20.78
CA GLY A 2082 8.97 -40.06 -20.48
C GLY A 2082 8.10 -39.83 -19.26
N ARG A 2083 8.30 -40.62 -18.22
CA ARG A 2083 7.55 -40.44 -16.99
C ARG A 2083 8.40 -40.85 -15.80
N TRP A 2084 8.08 -40.25 -14.66
CA TRP A 2084 8.83 -40.47 -13.44
C TRP A 2084 8.57 -41.90 -12.91
N LEU A 2085 9.50 -42.37 -12.09
CA LEU A 2085 9.38 -43.70 -11.50
C LEU A 2085 8.46 -43.74 -10.30
N SER A 2086 8.13 -42.59 -9.72
CA SER A 2086 7.34 -42.54 -8.50
C SER A 2086 6.55 -41.23 -8.51
N SER A 2087 5.54 -41.15 -7.65
CA SER A 2087 4.72 -39.94 -7.64
C SER A 2087 5.51 -38.79 -7.03
N ASP A 2088 5.30 -37.60 -7.58
CA ASP A 2088 5.94 -36.37 -7.12
C ASP A 2088 5.80 -36.21 -5.60
N PRO A 2089 6.91 -36.16 -4.86
CA PRO A 2089 6.81 -36.01 -3.40
C PRO A 2089 6.43 -34.62 -2.96
N ALA A 2090 6.41 -33.64 -3.87
CA ALA A 2090 5.89 -32.32 -3.58
C ALA A 2090 4.43 -32.15 -3.95
N GLY A 2091 3.71 -33.26 -4.15
CA GLY A 2091 2.27 -33.17 -4.35
C GLY A 2091 1.90 -32.48 -5.65
N THR A 2092 0.92 -31.58 -5.57
CA THR A 2092 0.35 -30.91 -6.73
C THR A 2092 1.11 -29.65 -7.13
N ILE A 2093 2.42 -29.57 -6.84
CA ILE A 2093 3.14 -28.34 -7.14
C ILE A 2093 3.18 -28.08 -8.64
N ASP A 2094 3.16 -29.13 -9.45
CA ASP A 2094 3.15 -29.00 -10.91
C ASP A 2094 1.85 -29.53 -11.52
N GLY A 2095 0.76 -29.52 -10.76
CA GLY A 2095 -0.51 -30.00 -11.27
C GLY A 2095 -0.86 -31.37 -10.73
N LEU A 2096 -2.00 -31.88 -11.19
CA LEU A 2096 -2.58 -33.08 -10.60
C LEU A 2096 -1.85 -34.36 -10.99
N ASN A 2097 -1.21 -34.38 -12.16
CA ASN A 2097 -0.55 -35.61 -12.61
C ASN A 2097 0.82 -35.72 -11.97
N LEU A 2098 0.95 -36.64 -11.00
CA LEU A 2098 2.16 -36.75 -10.20
C LEU A 2098 3.26 -37.56 -10.85
N TYR A 2099 3.05 -38.07 -12.08
CA TYR A 2099 4.09 -38.75 -12.84
C TYR A 2099 4.51 -38.01 -14.10
N ARG A 2100 3.82 -36.94 -14.47
CA ARG A 2100 4.06 -36.27 -15.75
C ARG A 2100 5.44 -35.60 -15.75
N MET A 2101 6.12 -35.65 -16.90
CA MET A 2101 7.48 -35.13 -17.07
C MET A 2101 7.41 -33.74 -17.69
N VAL A 2102 7.81 -32.71 -16.93
CA VAL A 2102 7.86 -31.30 -17.31
C VAL A 2102 6.73 -30.90 -18.26
N ARG A 2103 5.49 -31.18 -17.85
CA ARG A 2103 4.30 -30.74 -18.59
C ARG A 2103 4.31 -31.22 -20.03
N ASN A 2104 5.00 -32.34 -20.29
CA ASN A 2104 5.05 -32.96 -21.61
C ASN A 2104 5.69 -32.03 -22.65
N ASN A 2105 6.62 -31.21 -22.20
CA ASN A 2105 7.32 -30.24 -23.04
C ASN A 2105 8.82 -30.36 -22.80
N PRO A 2106 9.41 -31.54 -23.08
CA PRO A 2106 10.80 -31.79 -22.63
C PRO A 2106 11.87 -31.08 -23.44
N VAL A 2107 11.53 -30.54 -24.62
CA VAL A 2107 12.49 -29.75 -25.38
C VAL A 2107 12.59 -28.33 -24.83
N THR A 2108 11.48 -27.80 -24.29
CA THR A 2108 11.47 -26.43 -23.81
C THR A 2108 11.84 -26.34 -22.33
N LEU A 2109 11.45 -27.34 -21.55
CA LEU A 2109 11.49 -27.25 -20.10
C LEU A 2109 12.41 -28.31 -19.53
N LEU A 2110 12.95 -28.01 -18.35
CA LEU A 2110 13.78 -28.97 -17.64
C LEU A 2110 13.24 -29.10 -16.23
N ASP A 2111 13.58 -30.19 -15.57
CA ASP A 2111 13.23 -30.37 -14.17
C ASP A 2111 14.49 -30.29 -13.34
N PRO A 2112 14.62 -29.31 -12.44
CA PRO A 2112 15.90 -29.12 -11.75
C PRO A 2112 16.26 -30.24 -10.78
N ASP A 2113 15.28 -30.85 -10.12
CA ASP A 2113 15.62 -31.78 -9.04
C ASP A 2113 14.63 -32.94 -8.90
N GLY A 2114 13.66 -33.08 -9.79
CA GLY A 2114 12.69 -34.15 -9.66
C GLY A 2114 11.44 -33.80 -8.89
N LEU A 2115 11.12 -32.53 -8.77
CA LEU A 2115 9.90 -32.13 -8.07
C LEU A 2115 8.87 -31.65 -9.08
N ASN A 2116 -5.30 12.83 -2.03
CA ASN A 2116 -5.68 11.54 -2.59
C ASN A 2116 -4.48 10.90 -3.30
N VAL A 2117 -4.42 11.09 -4.62
CA VAL A 2117 -3.30 10.60 -5.41
C VAL A 2117 -2.01 11.34 -5.08
N PHE A 2118 -2.11 12.56 -4.53
CA PHE A 2118 -0.96 13.42 -4.31
C PHE A 2118 -0.34 13.26 -2.92
N ASP A 2119 -0.98 12.52 -2.00
CA ASP A 2119 -0.42 12.33 -0.67
C ASP A 2119 0.90 11.57 -0.72
N GLU A 2120 1.06 10.68 -1.69
CA GLU A 2120 2.33 9.97 -1.84
C GLU A 2120 3.47 10.93 -2.17
N ALA A 2121 3.21 11.91 -3.03
CA ALA A 2121 4.22 12.91 -3.36
C ALA A 2121 4.55 13.80 -2.16
N ILE A 2122 3.55 14.09 -1.32
CA ILE A 2122 3.79 14.86 -0.10
C ILE A 2122 4.73 14.10 0.83
N LEU A 2123 4.46 12.81 1.02
CA LEU A 2123 5.30 12.01 1.90
C LEU A 2123 6.70 11.83 1.32
N ALA A 2124 6.80 11.68 -0.01
CA ALA A 2124 8.11 11.53 -0.64
C ALA A 2124 9.00 12.75 -0.40
N ALA A 2125 8.41 13.93 -0.25
CA ALA A 2125 9.19 15.13 -0.04
C ALA A 2125 9.42 15.41 1.45
N LEU A 2126 8.40 15.15 2.28
CA LEU A 2126 8.42 15.54 3.68
C LEU A 2126 8.84 14.41 4.62
N GLU A 2127 9.16 13.23 4.09
CA GLU A 2127 9.64 12.10 4.87
C GLU A 2127 10.88 11.53 4.17
N PRO A 2128 12.04 11.39 4.92
CA PRO A 2128 13.34 10.80 4.46
C PRO A 2128 13.23 9.45 3.77
MG MG B . -15.59 28.65 -6.73
MG MG C . -31.12 -26.62 1.89
MG MG D . -16.50 -34.02 -9.48
#